data_2VYW
# 
_entry.id   2VYW 
# 
_audit_conform.dict_name       mmcif_pdbx.dic 
_audit_conform.dict_version    5.382 
_audit_conform.dict_location   http://mmcif.pdb.org/dictionaries/ascii/mmcif_pdbx.dic 
# 
loop_
_database_2.database_id 
_database_2.database_code 
_database_2.pdbx_database_accession 
_database_2.pdbx_DOI 
PDB   2VYW         pdb_00002vyw 10.2210/pdb2vyw/pdb 
PDBE  EBI-37053    ?            ?                   
WWPDB D_1290037053 ?            ?                   
# 
_pdbx_database_status.status_code                     REL 
_pdbx_database_status.entry_id                        2VYW 
_pdbx_database_status.deposit_site                    PDBE 
_pdbx_database_status.process_site                    PDBE 
_pdbx_database_status.SG_entry                        . 
_pdbx_database_status.recvd_initial_deposition_date   2008-07-29 
_pdbx_database_status.pdb_format_compatible           Y 
_pdbx_database_status.status_code_sf                  REL 
_pdbx_database_status.status_code_mr                  ? 
_pdbx_database_status.status_code_cs                  ? 
_pdbx_database_status.methods_development_category    ? 
_pdbx_database_status.status_code_nmr_data            ? 
# 
loop_
_audit_author.name 
_audit_author.pdbx_ordinal 
'Dewilde, S.'       1  
'Ioanitescu, A.I.'  2  
'Kiger, L.'         3  
'Gilany, K.'        4  
'Marden, M.C.'      5  
'Van Doorslaer, S.' 6  
'Vercruysse, J.'    7  
'Pesce, A.'         8  
'Nardini, M.'       9  
'Bolognesi, M.'     10 
'Moens, L.'         11 
# 
_citation.id                        primary 
_citation.title                     
;The Hemoglobins of the Trematodes Fasciola Hepatica and Paramphistomum Epiclitum: A Molecular Biological, Physico-Chemical, Kinetic, and Vaccination Study.
;
_citation.journal_abbrev            'Protein Sci.' 
_citation.journal_volume            17 
_citation.page_first                1653 
_citation.page_last                 ? 
_citation.year                      2008 
_citation.journal_id_ASTM           PRCIEI 
_citation.country                   US 
_citation.journal_id_ISSN           0961-8368 
_citation.journal_id_CSD            0795 
_citation.book_publisher            ? 
_citation.pdbx_database_id_PubMed   18621914 
_citation.pdbx_database_id_DOI      10.1110/PS.036558.108 
# 
loop_
_citation_author.citation_id 
_citation_author.name 
_citation_author.ordinal 
_citation_author.identifier_ORCID 
primary 'Dewilde, S.'       1  ? 
primary 'Ioanitescu, A.I.'  2  ? 
primary 'Kiger, L.'         3  ? 
primary 'Gilany, K.'        4  ? 
primary 'Marden, M.C.'      5  ? 
primary 'Van Doorslaer, S.' 6  ? 
primary 'Vercruysse, J.'    7  ? 
primary 'Pesce, A.'         8  ? 
primary 'Nardini, M.'       9  ? 
primary 'Bolognesi, M.'     10 ? 
primary 'Moens, L.'         11 ? 
# 
_cell.entry_id           2VYW 
_cell.length_a           26.677 
_cell.length_b           59.604 
_cell.length_c           42.626 
_cell.angle_alpha        90.00 
_cell.angle_beta         94.55 
_cell.angle_gamma        90.00 
_cell.Z_PDB              2 
_cell.pdbx_unique_axis   ? 
# 
_symmetry.entry_id                         2VYW 
_symmetry.space_group_name_H-M             'P 1 21 1' 
_symmetry.pdbx_full_space_group_name_H-M   ? 
_symmetry.cell_setting                     ? 
_symmetry.Int_Tables_number                4 
# 
loop_
_entity.id 
_entity.type 
_entity.src_method 
_entity.pdbx_description 
_entity.formula_weight 
_entity.pdbx_number_of_molecules 
_entity.pdbx_ec 
_entity.pdbx_mutation 
_entity.pdbx_fragment 
_entity.details 
1 polymer     nat HEMOGLOBIN                        16584.045 1   ? ? ? ? 
2 non-polymer syn 'PROTOPORPHYRIN IX CONTAINING FE' 616.487   1   ? ? ? ? 
3 non-polymer syn 'OXYGEN MOLECULE'                 31.999    1   ? ? ? ? 
4 water       nat water                             18.015    107 ? ? ? ? 
# 
_entity_poly.entity_id                      1 
_entity_poly.type                           'polypeptide(L)' 
_entity_poly.nstd_linkage                   no 
_entity_poly.nstd_monomer                   no 
_entity_poly.pdbx_seq_one_letter_code       
;AVLTQTQIDSILADLAHHTDTTEHITEMGVSIYKTLFAAHPEYISYFSKLQGLTKDNVGQSEGIRYYGRTLGEELIRLLK
AASNPSVLEERIVQGAKDHKARPVTKDQFTGAAPIFIKFFQGLLKKQEDKDAIEKFLLHVMQAIAAKM
;
_entity_poly.pdbx_seq_one_letter_code_can   
;AVLTQTQIDSILADLAHHTDTTEHITEMGVSIYKTLFAAHPEYISYFSKLQGLTKDNVGQSEGIRYYGRTLGEELIRLLK
AASNPSVLEERIVQGAKDHKARPVTKDQFTGAAPIFIKFFQGLLKKQEDKDAIEKFLLHVMQAIAAKM
;
_entity_poly.pdbx_strand_id                 A 
_entity_poly.pdbx_target_identifier         ? 
# 
loop_
_entity_poly_seq.entity_id 
_entity_poly_seq.num 
_entity_poly_seq.mon_id 
_entity_poly_seq.hetero 
1 1   ALA n 
1 2   VAL n 
1 3   LEU n 
1 4   THR n 
1 5   GLN n 
1 6   THR n 
1 7   GLN n 
1 8   ILE n 
1 9   ASP n 
1 10  SER n 
1 11  ILE n 
1 12  LEU n 
1 13  ALA n 
1 14  ASP n 
1 15  LEU n 
1 16  ALA n 
1 17  HIS n 
1 18  HIS n 
1 19  THR n 
1 20  ASP n 
1 21  THR n 
1 22  THR n 
1 23  GLU n 
1 24  HIS n 
1 25  ILE n 
1 26  THR n 
1 27  GLU n 
1 28  MET n 
1 29  GLY n 
1 30  VAL n 
1 31  SER n 
1 32  ILE n 
1 33  TYR n 
1 34  LYS n 
1 35  THR n 
1 36  LEU n 
1 37  PHE n 
1 38  ALA n 
1 39  ALA n 
1 40  HIS n 
1 41  PRO n 
1 42  GLU n 
1 43  TYR n 
1 44  ILE n 
1 45  SER n 
1 46  TYR n 
1 47  PHE n 
1 48  SER n 
1 49  LYS n 
1 50  LEU n 
1 51  GLN n 
1 52  GLY n 
1 53  LEU n 
1 54  THR n 
1 55  LYS n 
1 56  ASP n 
1 57  ASN n 
1 58  VAL n 
1 59  GLY n 
1 60  GLN n 
1 61  SER n 
1 62  GLU n 
1 63  GLY n 
1 64  ILE n 
1 65  ARG n 
1 66  TYR n 
1 67  TYR n 
1 68  GLY n 
1 69  ARG n 
1 70  THR n 
1 71  LEU n 
1 72  GLY n 
1 73  GLU n 
1 74  GLU n 
1 75  LEU n 
1 76  ILE n 
1 77  ARG n 
1 78  LEU n 
1 79  LEU n 
1 80  LYS n 
1 81  ALA n 
1 82  ALA n 
1 83  SER n 
1 84  ASN n 
1 85  PRO n 
1 86  SER n 
1 87  VAL n 
1 88  LEU n 
1 89  GLU n 
1 90  GLU n 
1 91  ARG n 
1 92  ILE n 
1 93  VAL n 
1 94  GLN n 
1 95  GLY n 
1 96  ALA n 
1 97  LYS n 
1 98  ASP n 
1 99  HIS n 
1 100 LYS n 
1 101 ALA n 
1 102 ARG n 
1 103 PRO n 
1 104 VAL n 
1 105 THR n 
1 106 LYS n 
1 107 ASP n 
1 108 GLN n 
1 109 PHE n 
1 110 THR n 
1 111 GLY n 
1 112 ALA n 
1 113 ALA n 
1 114 PRO n 
1 115 ILE n 
1 116 PHE n 
1 117 ILE n 
1 118 LYS n 
1 119 PHE n 
1 120 PHE n 
1 121 GLN n 
1 122 GLY n 
1 123 LEU n 
1 124 LEU n 
1 125 LYS n 
1 126 LYS n 
1 127 GLN n 
1 128 GLU n 
1 129 ASP n 
1 130 LYS n 
1 131 ASP n 
1 132 ALA n 
1 133 ILE n 
1 134 GLU n 
1 135 LYS n 
1 136 PHE n 
1 137 LEU n 
1 138 LEU n 
1 139 HIS n 
1 140 VAL n 
1 141 MET n 
1 142 GLN n 
1 143 ALA n 
1 144 ILE n 
1 145 ALA n 
1 146 ALA n 
1 147 LYS n 
1 148 MET n 
# 
_entity_src_nat.entity_id                  1 
_entity_src_nat.pdbx_src_id                1 
_entity_src_nat.pdbx_alt_source_flag       sample 
_entity_src_nat.pdbx_beg_seq_num           ? 
_entity_src_nat.pdbx_end_seq_num           ? 
_entity_src_nat.common_name                ? 
_entity_src_nat.pdbx_organism_scientific   'FASCIOLA HEPATICA' 
_entity_src_nat.pdbx_ncbi_taxonomy_id      6192 
_entity_src_nat.genus                      ? 
_entity_src_nat.species                    ? 
_entity_src_nat.strain                     ? 
_entity_src_nat.tissue                     ? 
_entity_src_nat.tissue_fraction            ? 
_entity_src_nat.pdbx_secretion             ? 
_entity_src_nat.pdbx_fragment              ? 
_entity_src_nat.pdbx_variant               ? 
_entity_src_nat.pdbx_cell_line             ? 
_entity_src_nat.pdbx_atcc                  ? 
_entity_src_nat.pdbx_cellular_location     ? 
_entity_src_nat.pdbx_organ                 ? 
_entity_src_nat.pdbx_organelle             ? 
_entity_src_nat.pdbx_cell                  ? 
_entity_src_nat.pdbx_plasmid_name          ? 
_entity_src_nat.pdbx_plasmid_details       ? 
_entity_src_nat.details                    ? 
# 
_struct_ref.id                         1 
_struct_ref.db_name                    PDB 
_struct_ref.db_code                    2VYW 
_struct_ref.entity_id                  1 
_struct_ref.pdbx_seq_one_letter_code   ? 
_struct_ref.pdbx_align_begin           ? 
_struct_ref.pdbx_db_accession          2VYW 
_struct_ref.pdbx_db_isoform            ? 
# 
_struct_ref_seq.align_id                      1 
_struct_ref_seq.ref_id                        1 
_struct_ref_seq.pdbx_PDB_id_code              2VYW 
_struct_ref_seq.pdbx_strand_id                A 
_struct_ref_seq.seq_align_beg                 1 
_struct_ref_seq.pdbx_seq_align_beg_ins_code   ? 
_struct_ref_seq.seq_align_end                 148 
_struct_ref_seq.pdbx_seq_align_end_ins_code   ? 
_struct_ref_seq.pdbx_db_accession             2VYW 
_struct_ref_seq.db_align_beg                  1 
_struct_ref_seq.pdbx_db_align_beg_ins_code    ? 
_struct_ref_seq.db_align_end                  148 
_struct_ref_seq.pdbx_db_align_end_ins_code    ? 
_struct_ref_seq.pdbx_auth_seq_align_beg       1 
_struct_ref_seq.pdbx_auth_seq_align_end       148 
# 
loop_
_chem_comp.id 
_chem_comp.type 
_chem_comp.mon_nstd_flag 
_chem_comp.name 
_chem_comp.pdbx_synonyms 
_chem_comp.formula 
_chem_comp.formula_weight 
ALA 'L-peptide linking' y ALANINE                           ?    'C3 H7 N O2'       89.093  
ARG 'L-peptide linking' y ARGININE                          ?    'C6 H15 N4 O2 1'   175.209 
ASN 'L-peptide linking' y ASPARAGINE                        ?    'C4 H8 N2 O3'      132.118 
ASP 'L-peptide linking' y 'ASPARTIC ACID'                   ?    'C4 H7 N O4'       133.103 
GLN 'L-peptide linking' y GLUTAMINE                         ?    'C5 H10 N2 O3'     146.144 
GLU 'L-peptide linking' y 'GLUTAMIC ACID'                   ?    'C5 H9 N O4'       147.129 
GLY 'peptide linking'   y GLYCINE                           ?    'C2 H5 N O2'       75.067  
HEM non-polymer         . 'PROTOPORPHYRIN IX CONTAINING FE' HEME 'C34 H32 Fe N4 O4' 616.487 
HIS 'L-peptide linking' y HISTIDINE                         ?    'C6 H10 N3 O2 1'   156.162 
HOH non-polymer         . WATER                             ?    'H2 O'             18.015  
ILE 'L-peptide linking' y ISOLEUCINE                        ?    'C6 H13 N O2'      131.173 
LEU 'L-peptide linking' y LEUCINE                           ?    'C6 H13 N O2'      131.173 
LYS 'L-peptide linking' y LYSINE                            ?    'C6 H15 N2 O2 1'   147.195 
MET 'L-peptide linking' y METHIONINE                        ?    'C5 H11 N O2 S'    149.211 
OXY non-polymer         . 'OXYGEN MOLECULE'                 ?    O2                 31.999  
PHE 'L-peptide linking' y PHENYLALANINE                     ?    'C9 H11 N O2'      165.189 
PRO 'L-peptide linking' y PROLINE                           ?    'C5 H9 N O2'       115.130 
SER 'L-peptide linking' y SERINE                            ?    'C3 H7 N O3'       105.093 
THR 'L-peptide linking' y THREONINE                         ?    'C4 H9 N O3'       119.119 
TYR 'L-peptide linking' y TYROSINE                          ?    'C9 H11 N O3'      181.189 
VAL 'L-peptide linking' y VALINE                            ?    'C5 H11 N O2'      117.146 
# 
_exptl.entry_id          2VYW 
_exptl.method            'X-RAY DIFFRACTION' 
_exptl.crystals_number   1 
# 
_exptl_crystal.id                    1 
_exptl_crystal.density_meas          ? 
_exptl_crystal.density_Matthews      2.1 
_exptl_crystal.density_percent_sol   41 
_exptl_crystal.description           NONE 
# 
_exptl_crystal_grow.crystal_id      1 
_exptl_crystal_grow.method          ? 
_exptl_crystal_grow.temp            277 
_exptl_crystal_grow.temp_details    ? 
_exptl_crystal_grow.pH              7.0 
_exptl_crystal_grow.pdbx_pH_range   ? 
_exptl_crystal_grow.pdbx_details    '30% PEG 4000, 0.2M MG-CHLORIDE, 0.1M NA-CACODYLATE PH 7.0, 0.2M NA-THIOCYANATE AT 277K.' 
# 
_diffrn.id                     1 
_diffrn.ambient_temp           100 
_diffrn.ambient_temp_details   ? 
_diffrn.crystal_id             1 
# 
_diffrn_detector.diffrn_id              1 
_diffrn_detector.detector               CCD 
_diffrn_detector.type                   'ADSC CCD' 
_diffrn_detector.pdbx_collection_date   2007-05-02 
_diffrn_detector.details                ? 
# 
_diffrn_radiation.diffrn_id                        1 
_diffrn_radiation.wavelength_id                    1 
_diffrn_radiation.pdbx_monochromatic_or_laue_m_l   M 
_diffrn_radiation.monochromator                    ? 
_diffrn_radiation.pdbx_diffrn_protocol             'SINGLE WAVELENGTH' 
_diffrn_radiation.pdbx_scattering_type             x-ray 
# 
_diffrn_radiation_wavelength.id           1 
_diffrn_radiation_wavelength.wavelength   1.0 
_diffrn_radiation_wavelength.wt           1.0 
# 
_diffrn_source.diffrn_id                   1 
_diffrn_source.source                      SYNCHROTRON 
_diffrn_source.type                        'ESRF BEAMLINE ID14-1' 
_diffrn_source.pdbx_synchrotron_site       ESRF 
_diffrn_source.pdbx_synchrotron_beamline   ID14-1 
_diffrn_source.pdbx_wavelength             1.0 
_diffrn_source.pdbx_wavelength_list        ? 
# 
_reflns.pdbx_diffrn_id               1 
_reflns.pdbx_ordinal                 1 
_reflns.entry_id                     2VYW 
_reflns.observed_criterion_sigma_I   2.0 
_reflns.observed_criterion_sigma_F   ? 
_reflns.d_resolution_low             59.70 
_reflns.d_resolution_high            1.80 
_reflns.number_obs                   12291 
_reflns.number_all                   ? 
_reflns.percent_possible_obs         99.0 
_reflns.pdbx_Rmerge_I_obs            0.06 
_reflns.pdbx_Rsym_value              ? 
_reflns.pdbx_netI_over_sigmaI        21.80 
_reflns.B_iso_Wilson_estimate        ? 
_reflns.pdbx_redundancy              7.1 
# 
_reflns_shell.pdbx_diffrn_id         1 
_reflns_shell.pdbx_ordinal           1 
_reflns_shell.d_res_high             1.80 
_reflns_shell.d_res_low              1.83 
_reflns_shell.percent_possible_all   94.7 
_reflns_shell.Rmerge_I_obs           0.28 
_reflns_shell.pdbx_Rsym_value        ? 
_reflns_shell.meanI_over_sigI_obs    5.70 
_reflns_shell.pdbx_redundancy        5.7 
# 
_refine.pdbx_refine_id                           'X-RAY DIFFRACTION' 
_refine.entry_id                                 2VYW 
_refine.pdbx_diffrn_id                           1 
_refine.pdbx_TLS_residual_ADP_flag               ? 
_refine.ls_number_reflns_obs                     11678 
_refine.ls_number_reflns_all                     ? 
_refine.pdbx_ls_sigma_I                          ? 
_refine.pdbx_ls_sigma_F                          ? 
_refine.pdbx_data_cutoff_high_absF               ? 
_refine.pdbx_data_cutoff_low_absF                ? 
_refine.pdbx_data_cutoff_high_rms_absF           ? 
_refine.ls_d_res_low                             34.61 
_refine.ls_d_res_high                            1.80 
_refine.ls_percent_reflns_obs                    98.9 
_refine.ls_R_factor_obs                          0.185 
_refine.ls_R_factor_all                          ? 
_refine.ls_R_factor_R_work                       0.183 
_refine.ls_R_factor_R_free                       0.225 
_refine.ls_R_factor_R_free_error                 ? 
_refine.ls_R_factor_R_free_error_details         ? 
_refine.ls_percent_reflns_R_free                 4.800 
_refine.ls_number_reflns_R_free                  594 
_refine.ls_number_parameters                     ? 
_refine.ls_number_restraints                     ? 
_refine.occupancy_min                            ? 
_refine.occupancy_max                            ? 
_refine.correlation_coeff_Fo_to_Fc               0.954 
_refine.correlation_coeff_Fo_to_Fc_free          0.930 
_refine.B_iso_mean                               19.29 
_refine.aniso_B[1][1]                            0.08000 
_refine.aniso_B[2][2]                            -0.01000 
_refine.aniso_B[3][3]                            -0.06000 
_refine.aniso_B[1][2]                            0.00000 
_refine.aniso_B[1][3]                            0.01000 
_refine.aniso_B[2][3]                            0.00000 
_refine.solvent_model_details                    MASK 
_refine.solvent_model_param_ksol                 ? 
_refine.solvent_model_param_bsol                 ? 
_refine.pdbx_solvent_vdw_probe_radii             1.20 
_refine.pdbx_solvent_ion_probe_radii             0.80 
_refine.pdbx_solvent_shrinkage_radii             0.80 
_refine.pdbx_ls_cross_valid_method               THROUGHOUT 
_refine.details                                  'HYDROGENS HAVE BEEN ADDED IN THE RIDING POSITIONS.' 
_refine.pdbx_starting_model                      'PDB ENTRY 1H97' 
_refine.pdbx_method_to_determine_struct          'MOLECULAR REPLACEMENT' 
_refine.pdbx_isotropic_thermal_model             ? 
_refine.pdbx_stereochemistry_target_values       'MAXIMUM LIKELIHOOD' 
_refine.pdbx_stereochem_target_val_spec_case     ? 
_refine.pdbx_R_Free_selection_details            RANDOM 
_refine.pdbx_overall_ESU_R                       0.152 
_refine.pdbx_overall_ESU_R_Free                  0.139 
_refine.overall_SU_ML                            0.095 
_refine.pdbx_overall_phase_error                 ? 
_refine.overall_SU_B                             2.987 
_refine.overall_SU_R_Cruickshank_DPI             ? 
_refine.pdbx_overall_SU_R_free_Cruickshank_DPI   ? 
_refine.pdbx_overall_SU_R_Blow_DPI               ? 
_refine.pdbx_overall_SU_R_free_Blow_DPI          ? 
# 
_refine_hist.pdbx_refine_id                   'X-RAY DIFFRACTION' 
_refine_hist.cycle_id                         LAST 
_refine_hist.pdbx_number_atoms_protein        1168 
_refine_hist.pdbx_number_atoms_nucleic_acid   0 
_refine_hist.pdbx_number_atoms_ligand         45 
_refine_hist.number_atoms_solvent             107 
_refine_hist.number_atoms_total               1320 
_refine_hist.d_res_high                       1.80 
_refine_hist.d_res_low                        34.61 
# 
loop_
_refine_ls_restr.type 
_refine_ls_restr.dev_ideal 
_refine_ls_restr.dev_ideal_target 
_refine_ls_restr.weight 
_refine_ls_restr.number 
_refine_ls_restr.pdbx_refine_id 
_refine_ls_restr.pdbx_restraint_function 
r_bond_refined_d             0.010  0.022  ? 1230 'X-RAY DIFFRACTION' ? 
r_bond_other_d               ?      ?      ? ?    'X-RAY DIFFRACTION' ? 
r_angle_refined_deg          1.148  2.072  ? 1672 'X-RAY DIFFRACTION' ? 
r_angle_other_deg            ?      ?      ? ?    'X-RAY DIFFRACTION' ? 
r_dihedral_angle_1_deg       4.092  5.000  ? 146  'X-RAY DIFFRACTION' ? 
r_dihedral_angle_2_deg       34.399 24.510 ? 51   'X-RAY DIFFRACTION' ? 
r_dihedral_angle_3_deg       12.789 15.000 ? 216  'X-RAY DIFFRACTION' ? 
r_dihedral_angle_4_deg       13.879 15.000 ? 5    'X-RAY DIFFRACTION' ? 
r_chiral_restr               0.076  0.200  ? 183  'X-RAY DIFFRACTION' ? 
r_gen_planes_refined         0.005  0.020  ? 910  'X-RAY DIFFRACTION' ? 
r_gen_planes_other           ?      ?      ? ?    'X-RAY DIFFRACTION' ? 
r_nbd_refined                0.200  0.200  ? 618  'X-RAY DIFFRACTION' ? 
r_nbd_other                  ?      ?      ? ?    'X-RAY DIFFRACTION' ? 
r_nbtor_refined              0.302  0.200  ? 862  'X-RAY DIFFRACTION' ? 
r_nbtor_other                ?      ?      ? ?    'X-RAY DIFFRACTION' ? 
r_xyhbond_nbd_refined        0.140  0.200  ? 102  'X-RAY DIFFRACTION' ? 
r_xyhbond_nbd_other          ?      ?      ? ?    'X-RAY DIFFRACTION' ? 
r_metal_ion_refined          ?      ?      ? ?    'X-RAY DIFFRACTION' ? 
r_metal_ion_other            ?      ?      ? ?    'X-RAY DIFFRACTION' ? 
r_symmetry_vdw_refined       0.176  0.200  ? 34   'X-RAY DIFFRACTION' ? 
r_symmetry_vdw_other         ?      ?      ? ?    'X-RAY DIFFRACTION' ? 
r_symmetry_hbond_refined     0.164  0.200  ? 12   'X-RAY DIFFRACTION' ? 
r_symmetry_hbond_other       ?      ?      ? ?    'X-RAY DIFFRACTION' ? 
r_symmetry_metal_ion_refined ?      ?      ? ?    'X-RAY DIFFRACTION' ? 
r_symmetry_metal_ion_other   ?      ?      ? ?    'X-RAY DIFFRACTION' ? 
r_mcbond_it                  0.657  1.500  ? 753  'X-RAY DIFFRACTION' ? 
r_mcbond_other               ?      ?      ? ?    'X-RAY DIFFRACTION' ? 
r_mcangle_it                 1.093  2.000  ? 1177 'X-RAY DIFFRACTION' ? 
r_mcangle_other              ?      ?      ? ?    'X-RAY DIFFRACTION' ? 
r_scbond_it                  1.946  3.000  ? 534  'X-RAY DIFFRACTION' ? 
r_scbond_other               ?      ?      ? ?    'X-RAY DIFFRACTION' ? 
r_scangle_it                 3.076  4.500  ? 493  'X-RAY DIFFRACTION' ? 
r_scangle_other              ?      ?      ? ?    'X-RAY DIFFRACTION' ? 
r_long_range_B_refined       ?      ?      ? ?    'X-RAY DIFFRACTION' ? 
r_long_range_B_other         ?      ?      ? ?    'X-RAY DIFFRACTION' ? 
r_rigid_bond_restr           ?      ?      ? ?    'X-RAY DIFFRACTION' ? 
r_sphericity_free            ?      ?      ? ?    'X-RAY DIFFRACTION' ? 
r_sphericity_bonded          ?      ?      ? ?    'X-RAY DIFFRACTION' ? 
# 
_refine_ls_shell.pdbx_refine_id                   'X-RAY DIFFRACTION' 
_refine_ls_shell.pdbx_total_number_of_bins_used   20 
_refine_ls_shell.d_res_high                       1.80 
_refine_ls_shell.d_res_low                        1.85 
_refine_ls_shell.number_reflns_R_work             782 
_refine_ls_shell.R_factor_R_work                  0.2120 
_refine_ls_shell.percent_reflns_obs               ? 
_refine_ls_shell.R_factor_R_free                  0.2400 
_refine_ls_shell.R_factor_R_free_error            ? 
_refine_ls_shell.percent_reflns_R_free            ? 
_refine_ls_shell.number_reflns_R_free             39 
_refine_ls_shell.number_reflns_all                ? 
_refine_ls_shell.R_factor_all                     ? 
# 
_struct.entry_id                  2VYW 
_struct.title                     'Hemoglobin (Hb2) from trematode Fasciola hepatica' 
_struct.pdbx_model_details        ? 
_struct.pdbx_CASP_flag            ? 
_struct.pdbx_model_type_details   ? 
# 
_struct_keywords.entry_id        2VYW 
_struct_keywords.pdbx_keywords   'OXYGEN BINDING' 
_struct_keywords.text            'HEMOGLOBIN, TREMATODE, OXYGEN BINDING' 
# 
loop_
_struct_asym.id 
_struct_asym.pdbx_blank_PDB_chainid_flag 
_struct_asym.pdbx_modified 
_struct_asym.entity_id 
_struct_asym.details 
A N N 1 ? 
B N N 2 ? 
C N N 3 ? 
D N N 4 ? 
# 
_struct_biol.id   1 
# 
loop_
_struct_conf.conf_type_id 
_struct_conf.id 
_struct_conf.pdbx_PDB_helix_id 
_struct_conf.beg_label_comp_id 
_struct_conf.beg_label_asym_id 
_struct_conf.beg_label_seq_id 
_struct_conf.pdbx_beg_PDB_ins_code 
_struct_conf.end_label_comp_id 
_struct_conf.end_label_asym_id 
_struct_conf.end_label_seq_id 
_struct_conf.pdbx_end_PDB_ins_code 
_struct_conf.beg_auth_comp_id 
_struct_conf.beg_auth_asym_id 
_struct_conf.beg_auth_seq_id 
_struct_conf.end_auth_comp_id 
_struct_conf.end_auth_asym_id 
_struct_conf.end_auth_seq_id 
_struct_conf.pdbx_PDB_helix_class 
_struct_conf.details 
_struct_conf.pdbx_PDB_helix_length 
HELX_P HELX_P1  1  THR A 4   ? ALA A 16  ? THR A 4   ALA A 16  1 ? 13 
HELX_P HELX_P2  2  HIS A 17  ? THR A 19  ? HIS A 17  THR A 19  5 ? 3  
HELX_P HELX_P3  3  THR A 21  ? HIS A 40  ? THR A 21  HIS A 40  1 ? 20 
HELX_P HELX_P4  4  PRO A 41  ? GLN A 51  ? PRO A 41  GLN A 51  5 ? 11 
HELX_P HELX_P5  5  ASN A 57  ? SER A 61  ? ASN A 57  SER A 61  5 ? 5  
HELX_P HELX_P6  6  GLU A 62  ? ALA A 81  ? GLU A 62  ALA A 81  1 ? 20 
HELX_P HELX_P7  7  ASN A 84  ? LYS A 100 ? ASN A 84  LYS A 100 1 ? 17 
HELX_P HELX_P8  8  THR A 105 ? ALA A 112 ? THR A 105 ALA A 112 1 ? 8  
HELX_P HELX_P9  9  ALA A 112 ? LEU A 124 ? ALA A 112 LEU A 124 1 ? 13 
HELX_P HELX_P10 10 LYS A 126 ? MET A 148 ? LYS A 126 MET A 148 1 ? 23 
# 
_struct_conf_type.id          HELX_P 
_struct_conf_type.criteria    ? 
_struct_conf_type.reference   ? 
# 
loop_
_struct_conn.id 
_struct_conn.conn_type_id 
_struct_conn.pdbx_leaving_atom_flag 
_struct_conn.pdbx_PDB_id 
_struct_conn.ptnr1_label_asym_id 
_struct_conn.ptnr1_label_comp_id 
_struct_conn.ptnr1_label_seq_id 
_struct_conn.ptnr1_label_atom_id 
_struct_conn.pdbx_ptnr1_label_alt_id 
_struct_conn.pdbx_ptnr1_PDB_ins_code 
_struct_conn.pdbx_ptnr1_standard_comp_id 
_struct_conn.ptnr1_symmetry 
_struct_conn.ptnr2_label_asym_id 
_struct_conn.ptnr2_label_comp_id 
_struct_conn.ptnr2_label_seq_id 
_struct_conn.ptnr2_label_atom_id 
_struct_conn.pdbx_ptnr2_label_alt_id 
_struct_conn.pdbx_ptnr2_PDB_ins_code 
_struct_conn.ptnr1_auth_asym_id 
_struct_conn.ptnr1_auth_comp_id 
_struct_conn.ptnr1_auth_seq_id 
_struct_conn.ptnr2_auth_asym_id 
_struct_conn.ptnr2_auth_comp_id 
_struct_conn.ptnr2_auth_seq_id 
_struct_conn.ptnr2_symmetry 
_struct_conn.pdbx_ptnr3_label_atom_id 
_struct_conn.pdbx_ptnr3_label_seq_id 
_struct_conn.pdbx_ptnr3_label_comp_id 
_struct_conn.pdbx_ptnr3_label_asym_id 
_struct_conn.pdbx_ptnr3_label_alt_id 
_struct_conn.pdbx_ptnr3_PDB_ins_code 
_struct_conn.details 
_struct_conn.pdbx_dist_value 
_struct_conn.pdbx_value_order 
_struct_conn.pdbx_role 
metalc1 metalc ? ? A HIS 99 NE2 ? ? ? 1_555 B HEM . FE ? ? A HIS 99  A HEM 149 1_555 ? ? ? ? ? ? ? 2.070 ? ? 
metalc2 metalc ? ? B HEM .  FE  ? ? ? 1_555 C OXY . O1 ? ? A HEM 149 A OXY 150 1_555 ? ? ? ? ? ? ? 2.770 ? ? 
metalc3 metalc ? ? B HEM .  FE  ? ? ? 1_555 C OXY . O2 ? ? A HEM 149 A OXY 150 1_555 ? ? ? ? ? ? ? 1.957 ? ? 
# 
_struct_conn_type.id          metalc 
_struct_conn_type.criteria    ? 
_struct_conn_type.reference   ? 
# 
loop_
_struct_site.id 
_struct_site.pdbx_evidence_code 
_struct_site.pdbx_auth_asym_id 
_struct_site.pdbx_auth_comp_id 
_struct_site.pdbx_auth_seq_id 
_struct_site.pdbx_auth_ins_code 
_struct_site.pdbx_num_residues 
_struct_site.details 
AC1 Software A HEM 149 ? 20 'BINDING SITE FOR RESIDUE HEM A 149' 
AC2 Software A OXY 150 ? 3  'BINDING SITE FOR RESIDUE OXY A 150' 
# 
loop_
_struct_site_gen.id 
_struct_site_gen.site_id 
_struct_site_gen.pdbx_num_res 
_struct_site_gen.label_comp_id 
_struct_site_gen.label_asym_id 
_struct_site_gen.label_seq_id 
_struct_site_gen.pdbx_auth_ins_code 
_struct_site_gen.auth_comp_id 
_struct_site_gen.auth_asym_id 
_struct_site_gen.auth_seq_id 
_struct_site_gen.label_atom_id 
_struct_site_gen.label_alt_id 
_struct_site_gen.symmetry 
_struct_site_gen.details 
1  AC1 20 TYR A 43  ? TYR A 43   . ? 1_555 ? 
2  AC1 20 TYR A 46  ? TYR A 46   . ? 1_555 ? 
3  AC1 20 PHE A 47  ? PHE A 47   . ? 1_555 ? 
4  AC1 20 SER A 48  ? SER A 48   . ? 1_555 ? 
5  AC1 20 TYR A 66  ? TYR A 66   . ? 1_555 ? 
6  AC1 20 TYR A 67  ? TYR A 67   . ? 1_555 ? 
7  AC1 20 THR A 70  ? THR A 70   . ? 1_555 ? 
8  AC1 20 LEU A 71  ? LEU A 71   . ? 1_555 ? 
9  AC1 20 GLU A 74  ? GLU A 74   . ? 1_555 ? 
10 AC1 20 ASP A 98  ? ASP A 98   . ? 1_555 ? 
11 AC1 20 HIS A 99  ? HIS A 99   . ? 1_555 ? 
12 AC1 20 ARG A 102 ? ARG A 102  . ? 1_555 ? 
13 AC1 20 VAL A 104 ? VAL A 104  . ? 1_555 ? 
14 AC1 20 PHE A 109 ? PHE A 109  . ? 1_555 ? 
15 AC1 20 ALA A 112 ? ALA A 112  . ? 1_555 ? 
16 AC1 20 PHE A 116 ? PHE A 116  . ? 1_555 ? 
17 AC1 20 MET A 141 ? MET A 141  . ? 1_555 ? 
18 AC1 20 OXY C .   ? OXY A 150  . ? 1_555 ? 
19 AC1 20 HOH D .   ? HOH A 2032 . ? 1_555 ? 
20 AC1 20 HOH D .   ? HOH A 2107 . ? 1_555 ? 
21 AC2 3  TYR A 33  ? TYR A 33   . ? 1_555 ? 
22 AC2 3  PHE A 47  ? PHE A 47   . ? 1_555 ? 
23 AC2 3  HEM B .   ? HEM A 149  . ? 1_555 ? 
# 
_atom_sites.entry_id                    2VYW 
_atom_sites.fract_transf_matrix[1][1]   0.00282297 
_atom_sites.fract_transf_matrix[1][2]   -0.03602012 
_atom_sites.fract_transf_matrix[1][3]   -0.01042138 
_atom_sites.fract_transf_matrix[2][1]   0.01649589 
_atom_sites.fract_transf_matrix[2][2]   0.00041621 
_atom_sites.fract_transf_matrix[2][3]   0.00302985 
_atom_sites.fract_transf_matrix[3][1]   -0.00375690 
_atom_sites.fract_transf_matrix[3][2]   -0.00849904 
_atom_sites.fract_transf_matrix[3][3]   0.02162178 
_atom_sites.fract_transf_vector[1]      0.093071 
_atom_sites.fract_transf_vector[2]      0.000208 
_atom_sites.fract_transf_vector[3]      0.101783 
# 
loop_
_atom_type.symbol 
C  
FE 
N  
O  
S  
# 
loop_
_atom_site.group_PDB 
_atom_site.id 
_atom_site.type_symbol 
_atom_site.label_atom_id 
_atom_site.label_alt_id 
_atom_site.label_comp_id 
_atom_site.label_asym_id 
_atom_site.label_entity_id 
_atom_site.label_seq_id 
_atom_site.pdbx_PDB_ins_code 
_atom_site.Cartn_x 
_atom_site.Cartn_y 
_atom_site.Cartn_z 
_atom_site.occupancy 
_atom_site.B_iso_or_equiv 
_atom_site.pdbx_formal_charge 
_atom_site.auth_seq_id 
_atom_site.auth_comp_id 
_atom_site.auth_asym_id 
_atom_site.auth_atom_id 
_atom_site.pdbx_PDB_model_num 
ATOM   1    N  N   . ALA A 1 1   ? 0.330   -0.382  16.029  0.0000 34.53 ? 1    ALA A N   1 
ATOM   2    C  CA  . ALA A 1 1   ? 1.488   -1.286  15.697  0.0000 34.28 ? 1    ALA A CA  1 
ATOM   3    C  C   . ALA A 1 1   ? 1.102   -2.746  14.979  1.00   28.85 ? 1    ALA A C   1 
ATOM   4    O  O   . ALA A 1 1   ? 1.847   -3.622  14.530  1.00   30.22 ? 1    ALA A O   1 
ATOM   5    C  CB  . ALA A 1 1   ? 2.483   -1.346  16.875  0.0000 34.81 ? 1    ALA A CB  1 
ATOM   6    N  N   . VAL A 1 2   ? -0.024  -3.028  15.627  1.00   27.96 ? 2    VAL A N   1 
ATOM   7    C  CA  . VAL A 1 2   ? -0.497  -4.407  15.765  1.00   26.37 ? 2    VAL A CA  1 
ATOM   8    C  C   . VAL A 1 2   ? -2.014  -4.422  15.626  1.00   24.38 ? 2    VAL A C   1 
ATOM   9    O  O   . VAL A 1 2   ? -2.695  -3.471  15.999  1.00   24.04 ? 2    VAL A O   1 
ATOM   10   C  CB  . VAL A 1 2   ? 0.054   -5.092  17.070  1.00   26.89 ? 2    VAL A CB  1 
ATOM   11   C  CG1 . VAL A 1 2   ? -0.952  -6.014  17.754  1.00   27.45 ? 2    VAL A CG1 1 
ATOM   12   C  CG2 . VAL A 1 2   ? 1.347   -5.841  16.776  1.00   28.61 ? 2    VAL A CG2 1 
ATOM   13   N  N   . LEU A 1 3   ? -2.518  -5.489  15.020  1.00   22.56 ? 3    LEU A N   1 
ATOM   14   C  CA  . LEU A 1 3   ? -3.946  -5.722  14.904  1.00   20.77 ? 3    LEU A CA  1 
ATOM   15   C  C   . LEU A 1 3   ? -4.249  -7.095  15.481  1.00   19.90 ? 3    LEU A C   1 
ATOM   16   O  O   . LEU A 1 3   ? -3.421  -8.003  15.415  1.00   19.35 ? 3    LEU A O   1 
ATOM   17   C  CB  . LEU A 1 3   ? -4.367  -5.683  13.434  1.00   20.72 ? 3    LEU A CB  1 
ATOM   18   C  CG  . LEU A 1 3   ? -4.247  -4.368  12.659  1.00   20.68 ? 3    LEU A CG  1 
ATOM   19   C  CD1 . LEU A 1 3   ? -4.653  -4.596  11.206  1.00   20.03 ? 3    LEU A CD1 1 
ATOM   20   C  CD2 . LEU A 1 3   ? -5.084  -3.257  13.307  1.00   20.56 ? 3    LEU A CD2 1 
ATOM   21   N  N   . THR A 1 4   ? -5.438  -7.256  16.039  1.00   18.91 ? 4    THR A N   1 
ATOM   22   C  CA  . THR A 1 4   ? -5.833  -8.571  16.519  1.00   19.17 ? 4    THR A CA  1 
ATOM   23   C  C   . THR A 1 4   ? -6.293  -9.407  15.333  1.00   18.86 ? 4    THR A C   1 
ATOM   24   O  O   . THR A 1 4   ? -6.625  -8.864  14.275  1.00   19.02 ? 4    THR A O   1 
ATOM   25   C  CB  . THR A 1 4   ? -6.964  -8.480  17.534  1.00   18.74 ? 4    THR A CB  1 
ATOM   26   O  OG1 . THR A 1 4   ? -8.127  -7.950  16.890  1.00   19.36 ? 4    THR A OG1 1 
ATOM   27   C  CG2 . THR A 1 4   ? -6.562  -7.583  18.706  1.00   18.63 ? 4    THR A CG2 1 
ATOM   28   N  N   . GLN A 1 5   ? -6.340  -10.722 15.513  1.00   19.76 ? 5    GLN A N   1 
ATOM   29   C  CA  . GLN A 1 5   ? -6.881  -11.588 14.464  1.00   20.04 ? 5    GLN A CA  1 
ATOM   30   C  C   . GLN A 1 5   ? -8.308  -11.186 14.089  1.00   20.02 ? 5    GLN A C   1 
ATOM   31   O  O   . GLN A 1 5   ? -8.647  -11.157 12.908  1.00   19.13 ? 5    GLN A O   1 
ATOM   32   C  CB  . GLN A 1 5   ? -6.823  -13.068 14.854  1.00   20.58 ? 5    GLN A CB  1 
ATOM   33   C  CG  . GLN A 1 5   ? -6.994  -14.008 13.657  1.00   22.39 ? 5    GLN A CG  1 
ATOM   34   C  CD  . GLN A 1 5   ? -5.981  -13.741 12.556  1.00   23.67 ? 5    GLN A CD  1 
ATOM   35   O  OE1 . GLN A 1 5   ? -4.782  -13.716 12.798  1.00   26.02 ? 5    GLN A OE1 1 
ATOM   36   N  NE2 . GLN A 1 5   ? -6.467  -13.533 11.335  1.00   24.79 ? 5    GLN A NE2 1 
ATOM   37   N  N   . THR A 1 6   ? -9.135  -10.862 15.084  1.00   19.76 ? 6    THR A N   1 
ATOM   38   C  CA  . THR A 1 6   ? -10.515 -10.471 14.807  1.00   20.02 ? 6    THR A CA  1 
ATOM   39   C  C   . THR A 1 6   ? -10.579 -9.264  13.881  1.00   19.47 ? 6    THR A C   1 
ATOM   40   O  O   . THR A 1 6   ? -11.399 -9.217  12.970  1.00   18.99 ? 6    THR A O   1 
ATOM   41   C  CB  . THR A 1 6   ? -11.352 -10.212 16.097  1.00   20.43 ? 6    THR A CB  1 
ATOM   42   O  OG1 . THR A 1 6   ? -10.795 -9.120  16.833  1.00   23.22 ? 6    THR A OG1 1 
ATOM   43   C  CG2 . THR A 1 6   ? -11.367 -11.438 16.984  1.00   21.45 ? 6    THR A CG2 1 
ATOM   44   N  N   . GLN A 1 7   ? -9.703  -8.293  14.128  1.00   18.95 ? 7    GLN A N   1 
ATOM   45   C  CA  . GLN A 1 7   ? -9.599  -7.092  13.297  1.00   18.25 ? 7    GLN A CA  1 
ATOM   46   C  C   . GLN A 1 7   ? -9.154  -7.414  11.854  1.00   17.96 ? 7    GLN A C   1 
ATOM   47   O  O   . GLN A 1 7   ? -9.717  -6.905  10.876  1.00   17.35 ? 7    GLN A O   1 
ATOM   48   C  CB  . GLN A 1 7   ? -8.625  -6.110  13.946  1.00   17.96 ? 7    GLN A CB  1 
ATOM   49   C  CG  . GLN A 1 7   ? -9.224  -5.308  15.083  1.00   17.34 ? 7    GLN A CG  1 
ATOM   50   C  CD  . GLN A 1 7   ? -8.225  -4.360  15.706  1.00   16.03 ? 7    GLN A CD  1 
ATOM   51   O  OE1 . GLN A 1 7   ? -7.127  -4.759  16.088  1.00   17.11 ? 7    GLN A OE1 1 
ATOM   52   N  NE2 . GLN A 1 7   ? -8.613  -3.095  15.840  1.00   15.88 ? 7    GLN A NE2 1 
ATOM   53   N  N   . ILE A 1 8   ? -8.138  -8.262  11.741  1.00   17.64 ? 8    ILE A N   1 
ATOM   54   C  CA  . ILE A 1 8   ? -7.622  -8.691  10.450  1.00   17.75 ? 8    ILE A CA  1 
ATOM   55   C  C   . ILE A 1 8   ? -8.731  -9.380  9.654   1.00   18.04 ? 8    ILE A C   1 
ATOM   56   O  O   . ILE A 1 8   ? -8.939  -9.071  8.483   1.00   17.90 ? 8    ILE A O   1 
ATOM   57   C  CB  . ILE A 1 8   ? -6.435  -9.654  10.628  1.00   18.03 ? 8    ILE A CB  1 
ATOM   58   C  CG1 . ILE A 1 8   ? -5.226  -8.903  11.183  1.00   17.16 ? 8    ILE A CG1 1 
ATOM   59   C  CG2 . ILE A 1 8   ? -6.098  -10.356 9.292   1.00   18.36 ? 8    ILE A CG2 1 
ATOM   60   C  CD1 . ILE A 1 8   ? -4.070  -9.835  11.609  1.00   17.45 ? 8    ILE A CD1 1 
ATOM   61   N  N   . ASP A 1 9   ? -9.460  -10.280 10.309  1.00   17.91 ? 9    ASP A N   1 
ATOM   62   C  CA  . ASP A 1 9   ? -10.520 -11.045 9.648   1.00   18.47 ? 9    ASP A CA  1 
ATOM   63   C  C   . ASP A 1 9   ? -11.641 -10.130 9.162   1.00   18.11 ? 9    ASP A C   1 
ATOM   64   O  O   . ASP A 1 9   ? -12.158 -10.321 8.064   1.00   18.33 ? 9    ASP A O   1 
ATOM   65   C  CB  . ASP A 1 9   ? -11.072 -12.124 10.582  1.00   19.13 ? 9    ASP A CB  1 
ATOM   66   C  CG  . ASP A 1 9   ? -10.052 -13.208 10.914  1.00   21.51 ? 9    ASP A CG  1 
ATOM   67   O  OD1 . ASP A 1 9   ? -9.008  -13.309 10.234  1.00   23.20 ? 9    ASP A OD1 1 
ATOM   68   O  OD2 . ASP A 1 9   ? -10.319 -13.978 11.867  1.00   24.95 ? 9    ASP A OD2 1 
ATOM   69   N  N   . SER A 1 10  ? -11.993 -9.133  9.978   1.00   17.73 ? 10   SER A N   1 
ATOM   70   C  CA  . SER A 1 10  ? -13.011 -8.144  9.632   1.00   17.40 ? 10   SER A CA  1 
ATOM   71   C  C   . SER A 1 10  ? -12.575 -7.289  8.444   1.00   17.06 ? 10   SER A C   1 
ATOM   72   O  O   . SER A 1 10  ? -13.348 -7.071  7.525   1.00   17.75 ? 10   SER A O   1 
ATOM   73   C  CB  . SER A 1 10  ? -13.327 -7.241  10.830  1.00   17.36 ? 10   SER A CB  1 
ATOM   74   O  OG  . SER A 1 10  ? -14.375 -6.337  10.518  1.00   17.88 ? 10   SER A OG  1 
ATOM   75   N  N   . ILE A 1 11  ? -11.336 -6.811  8.473   1.00   16.26 ? 11   ILE A N   1 
ATOM   76   C  CA  . ILE A 1 11  ? -10.787 -6.025  7.371   1.00   15.72 ? 11   ILE A CA  1 
ATOM   77   C  C   . ILE A 1 11  ? -10.729 -6.823  6.063   1.00   15.83 ? 11   ILE A C   1 
ATOM   78   O  O   . ILE A 1 11  ? -11.194 -6.346  5.022   1.00   16.10 ? 11   ILE A O   1 
ATOM   79   C  CB  . ILE A 1 11  ? -9.415  -5.418  7.737   1.00   15.34 ? 11   ILE A CB  1 
ATOM   80   C  CG1 . ILE A 1 11  ? -9.612  -4.316  8.790   1.00   14.30 ? 11   ILE A CG1 1 
ATOM   81   C  CG2 . ILE A 1 11  ? -8.753  -4.835  6.511   1.00   13.97 ? 11   ILE A CG2 1 
ATOM   82   C  CD1 . ILE A 1 11  ? -8.329  -3.894  9.487   1.00   13.34 ? 11   ILE A CD1 1 
ATOM   83   N  N   . LEU A 1 12  ? -10.182 -8.035  6.134   1.00   16.60 ? 12   LEU A N   1 
ATOM   84   C  CA  . LEU A 1 12  ? -10.086 -8.918  4.966   1.00   16.92 ? 12   LEU A CA  1 
ATOM   85   C  C   . LEU A 1 12  ? -11.455 -9.271  4.367   1.00   17.75 ? 12   LEU A C   1 
ATOM   86   O  O   . LEU A 1 12  ? -11.593 -9.350  3.142   1.00   17.20 ? 12   LEU A O   1 
ATOM   87   C  CB  . LEU A 1 12  ? -9.309  -10.192 5.307   1.00   17.35 ? 12   LEU A CB  1 
ATOM   88   C  CG  . LEU A 1 12  ? -7.810  -10.022 5.586   1.00   18.06 ? 12   LEU A CG  1 
ATOM   89   C  CD1 . LEU A 1 12  ? -7.223  -11.342 6.055   1.00   19.03 ? 12   LEU A CD1 1 
ATOM   90   C  CD2 . LEU A 1 12  ? -7.053  -9.471  4.374   1.00   18.08 ? 12   LEU A CD2 1 
ATOM   91   N  N   . ALA A 1 13  ? -12.458 -9.466  5.225   1.00   18.09 ? 13   ALA A N   1 
ATOM   92   C  CA  . ALA A 1 13  ? -13.831 -9.733  4.762   1.00   18.45 ? 13   ALA A CA  1 
ATOM   93   C  C   . ALA A 1 13  ? -14.365 -8.594  3.887   1.00   18.44 ? 13   ALA A C   1 
ATOM   94   O  O   . ALA A 1 13  ? -14.984 -8.848  2.858   1.00   18.01 ? 13   ALA A O   1 
ATOM   95   C  CB  . ALA A 1 13  ? -14.771 -9.998  5.944   1.00   18.43 ? 13   ALA A CB  1 
ATOM   96   N  N   . ASP A 1 14  ? -14.112 -7.347  4.287   1.00   18.44 ? 14   ASP A N   1 
ATOM   97   C  CA  . ASP A 1 14  ? -14.532 -6.170  3.503   1.00   18.94 ? 14   ASP A CA  1 
ATOM   98   C  C   . ASP A 1 14  ? -13.731 -6.049  2.211   1.00   18.63 ? 14   ASP A C   1 
ATOM   99   O  O   . ASP A 1 14  ? -14.231 -5.548  1.193   1.00   18.95 ? 14   ASP A O   1 
ATOM   100  C  CB  . ASP A 1 14  ? -14.319 -4.872  4.295   1.00   19.01 ? 14   ASP A CB  1 
ATOM   101  C  CG  . ASP A 1 14  ? -15.381 -4.625  5.348   1.00   21.72 ? 14   ASP A CG  1 
ATOM   102  O  OD1 . ASP A 1 14  ? -16.317 -5.447  5.496   1.00   23.82 ? 14   ASP A OD1 1 
ATOM   103  O  OD2 . ASP A 1 14  ? -15.268 -3.581  6.044   1.00   23.12 ? 14   ASP A OD2 1 
ATOM   104  N  N   . LEU A 1 15  ? -12.481 -6.490  2.256   1.00   17.91 ? 15   LEU A N   1 
ATOM   105  C  CA  . LEU A 1 15  ? -11.589 -6.358  1.104   1.00   18.26 ? 15   LEU A CA  1 
ATOM   106  C  C   . LEU A 1 15  ? -11.693 -7.539  0.132   1.00   18.17 ? 15   LEU A C   1 
ATOM   107  O  O   . LEU A 1 15  ? -11.103 -7.501  -0.944  1.00   17.34 ? 15   LEU A O   1 
ATOM   108  C  CB  . LEU A 1 15  ? -10.131 -6.192  1.566   1.00   17.91 ? 15   LEU A CB  1 
ATOM   109  C  CG  . LEU A 1 15  ? -9.796  -4.889  2.312   1.00   18.06 ? 15   LEU A CG  1 
ATOM   110  C  CD1 . LEU A 1 15  ? -8.324  -4.868  2.690   1.00   16.30 ? 15   LEU A CD1 1 
ATOM   111  C  CD2 . LEU A 1 15  ? -10.171 -3.665  1.469   1.00   18.68 ? 15   LEU A CD2 1 
ATOM   112  N  N   . ALA A 1 16  ? -12.449 -8.569  0.530   1.00   19.12 ? 16   ALA A N   1 
ATOM   113  C  CA  . ALA A 1 16  ? -12.481 -9.868  -0.170  1.00   19.56 ? 16   ALA A CA  1 
ATOM   114  C  C   . ALA A 1 16  ? -12.757 -9.764  -1.670  1.00   19.40 ? 16   ALA A C   1 
ATOM   115  O  O   . ALA A 1 16  ? -12.083 -10.419 -2.475  1.00   19.24 ? 16   ALA A O   1 
ATOM   116  C  CB  . ALA A 1 16  ? -13.474 -10.829 0.509   1.00   19.68 ? 16   ALA A CB  1 
ATOM   117  N  N   . HIS A 1 17  ? -13.710 -8.915  -2.044  1.00   19.35 ? 17   HIS A N   1 
ATOM   118  C  CA  . HIS A 1 17  ? -14.114 -8.784  -3.445  1.00   19.88 ? 17   HIS A CA  1 
ATOM   119  C  C   . HIS A 1 17  ? -13.200 -7.867  -4.278  1.00   19.42 ? 17   HIS A C   1 
ATOM   120  O  O   . HIS A 1 17  ? -13.329 -7.781  -5.515  1.00   18.89 ? 17   HIS A O   1 
ATOM   121  C  CB  . HIS A 1 17  ? -15.607 -8.424  -3.559  1.00   20.75 ? 17   HIS A CB  1 
ATOM   122  C  CG  . HIS A 1 17  ? -15.977 -7.100  -2.956  1.00   22.76 ? 17   HIS A CG  1 
ATOM   123  N  ND1 . HIS A 1 17  ? -15.883 -6.838  -1.604  1.00   24.44 ? 17   HIS A ND1 1 
ATOM   124  C  CD2 . HIS A 1 17  ? -16.495 -5.982  -3.519  1.00   23.86 ? 17   HIS A CD2 1 
ATOM   125  C  CE1 . HIS A 1 17  ? -16.299 -5.607  -1.366  1.00   25.14 ? 17   HIS A CE1 1 
ATOM   126  N  NE2 . HIS A 1 17  ? -16.672 -5.063  -2.512  1.00   23.55 ? 17   HIS A NE2 1 
ATOM   127  N  N   . HIS A 1 18  ? -12.259 -7.206  -3.595  1.00   18.34 ? 18   HIS A N   1 
ATOM   128  C  CA  . HIS A 1 18  ? -11.255 -6.376  -4.241  1.00   18.19 ? 18   HIS A CA  1 
ATOM   129  C  C   . HIS A 1 18  ? -9.957  -7.165  -4.441  1.00   18.29 ? 18   HIS A C   1 
ATOM   130  O  O   . HIS A 1 18  ? -9.065  -6.710  -5.158  1.00   18.22 ? 18   HIS A O   1 
ATOM   131  C  CB  . HIS A 1 18  ? -10.894 -5.161  -3.380  1.00   17.65 ? 18   HIS A CB  1 
ATOM   132  C  CG  . HIS A 1 18  ? -12.037 -4.238  -3.079  1.00   18.15 ? 18   HIS A CG  1 
ATOM   133  N  ND1 . HIS A 1 18  ? -12.223 -3.045  -3.741  1.00   18.68 ? 18   HIS A ND1 1 
ATOM   134  C  CD2 . HIS A 1 18  ? -13.001 -4.294  -2.132  1.00   19.35 ? 18   HIS A CD2 1 
ATOM   135  C  CE1 . HIS A 1 18  ? -13.273 -2.420  -3.236  1.00   18.99 ? 18   HIS A CE1 1 
ATOM   136  N  NE2 . HIS A 1 18  ? -13.769 -3.162  -2.265  1.00   17.60 ? 18   HIS A NE2 1 
ATOM   137  N  N   . THR A 1 19  ? -9.848  -8.320  -3.778  1.00   18.53 ? 19   THR A N   1 
ATOM   138  C  CA  . THR A 1 19  ? -8.578  -9.057  -3.667  1.00   18.96 ? 19   THR A CA  1 
ATOM   139  C  C   . THR A 1 19  ? -8.680  -10.555 -3.961  1.00   19.70 ? 19   THR A C   1 
ATOM   140  O  O   . THR A 1 19  ? -7.736  -11.309 -3.688  1.00   19.90 ? 19   THR A O   1 
ATOM   141  C  CB  . THR A 1 19  ? -7.960  -8.898  -2.249  1.00   19.25 ? 19   THR A CB  1 
ATOM   142  O  OG1 . THR A 1 19  ? -8.831  -9.497  -1.285  1.00   18.69 ? 19   THR A OG1 1 
ATOM   143  C  CG2 . THR A 1 19  ? -7.763  -7.412  -1.895  1.00   19.15 ? 19   THR A CG2 1 
ATOM   144  N  N   . ASP A 1 20  ? -9.813  -10.985 -4.511  1.00   19.82 ? 20   ASP A N   1 
ATOM   145  C  CA  . ASP A 1 20  ? -10.079 -12.414 -4.711  1.00   19.99 ? 20   ASP A CA  1 
ATOM   146  C  C   . ASP A 1 20  ? -9.325  -13.014 -5.908  1.00   19.54 ? 20   ASP A C   1 
ATOM   147  O  O   . ASP A 1 20  ? -8.953  -14.197 -5.894  1.00   19.72 ? 20   ASP A O   1 
ATOM   148  C  CB  . ASP A 1 20  ? -11.588 -12.662 -4.844  1.00   20.59 ? 20   ASP A CB  1 
ATOM   149  C  CG  . ASP A 1 20  ? -12.220 -11.902 -6.003  1.00   21.44 ? 20   ASP A CG  1 
ATOM   150  O  OD1 . ASP A 1 20  ? -11.719 -10.821 -6.397  1.00   23.09 ? 20   ASP A OD1 1 
ATOM   151  O  OD2 . ASP A 1 20  ? -13.249 -12.390 -6.528  1.00   24.35 ? 20   ASP A OD2 1 
ATOM   152  N  N   . THR A 1 21  ? -9.126  -12.203 -6.944  1.00   18.04 ? 21   THR A N   1 
ATOM   153  C  CA  . THR A 1 21  ? -8.367  -12.631 -8.113  1.00   17.15 ? 21   THR A CA  1 
ATOM   154  C  C   . THR A 1 21  ? -7.155  -11.752 -8.336  1.00   16.81 ? 21   THR A C   1 
ATOM   155  O  O   . THR A 1 21  ? -7.085  -10.621 -7.847  1.00   15.85 ? 21   THR A O   1 
ATOM   156  C  CB  . THR A 1 21  ? -9.216  -12.593 -9.395  1.00   17.21 ? 21   THR A CB  1 
ATOM   157  O  OG1 . THR A 1 21  ? -9.473  -11.232 -9.759  1.00   16.20 ? 21   THR A OG1 1 
ATOM   158  C  CG2 . THR A 1 21  ? -10.529 -13.331 -9.192  1.00   17.65 ? 21   THR A CG2 1 
ATOM   159  N  N   . THR A 1 22  ? -6.208  -12.267 -9.108  1.00   16.19 ? 22   THR A N   1 
ATOM   160  C  CA  . THR A 1 22  ? -5.047  -11.474 -9.493  1.00   16.11 ? 22   THR A CA  1 
ATOM   161  C  C   . THR A 1 22  ? -5.472  -10.184 -10.211 1.00   16.19 ? 22   THR A C   1 
ATOM   162  O  O   . THR A 1 22  ? -4.943  -9.114  -9.926  1.00   15.71 ? 22   THR A O   1 
ATOM   163  C  CB  . THR A 1 22  ? -4.064  -12.340 -10.318 1.00   16.10 ? 22   THR A CB  1 
ATOM   164  O  OG1 . THR A 1 22  ? -3.451  -13.292 -9.438  1.00   14.80 ? 22   THR A OG1 1 
ATOM   165  C  CG2 . THR A 1 22  ? -2.988  -11.485 -10.967 1.00   16.39 ? 22   THR A CG2 1 
ATOM   166  N  N   . GLU A 1 23  ? -6.448  -10.276 -11.115 1.00   16.32 ? 23   GLU A N   1 
ATOM   167  C  CA  . GLU A 1 23  ? -6.930  -9.082  -11.823 1.00   17.52 ? 23   GLU A CA  1 
ATOM   168  C  C   . GLU A 1 23  ? -7.489  -8.042  -10.836 1.00   16.26 ? 23   GLU A C   1 
ATOM   169  O  O   . GLU A 1 23  ? -7.170  -6.858  -10.927 1.00   15.87 ? 23   GLU A O   1 
ATOM   170  C  CB  . GLU A 1 23  ? -7.978  -9.439  -12.891 1.00   17.36 ? 23   GLU A CB  1 
ATOM   171  C  CG  . GLU A 1 23  ? -8.648  -8.199  -13.542 1.00   19.77 ? 23   GLU A CG  1 
ATOM   172  C  CD  . GLU A 1 23  ? -9.918  -8.526  -14.339 1.00   20.89 ? 23   GLU A CD  1 
ATOM   173  O  OE1 . GLU A 1 23  ? -10.631 -9.509  -14.000 1.00   26.09 ? 23   GLU A OE1 1 
ATOM   174  O  OE2 . GLU A 1 23  ? -10.210 -7.785  -15.307 1.00   25.12 ? 23   GLU A OE2 1 
ATOM   175  N  N   . HIS A 1 24  ? -8.329  -8.483  -9.885  1.00   16.32 ? 24   HIS A N   1 
ATOM   176  C  CA  . HIS A 1 24  ? -8.908  -7.531  -8.950  1.00   16.41 ? 24   HIS A CA  1 
ATOM   177  C  C   . HIS A 1 24  ? -7.902  -6.909  -8.001  1.00   16.18 ? 24   HIS A C   1 
ATOM   178  O  O   . HIS A 1 24  ? -7.964  -5.714  -7.730  1.00   16.17 ? 24   HIS A O   1 
ATOM   179  C  CB  . HIS A 1 24  ? -10.039 -8.182  -8.152  1.00   17.13 ? 24   HIS A CB  1 
ATOM   180  C  CG  . HIS A 1 24  ? -11.250 -8.489  -9.040  1.00   18.91 ? 24   HIS A CG  1 
ATOM   181  N  ND1 . HIS A 1 24  ? -12.161 -9.449  -8.707  1.00   20.59 ? 24   HIS A ND1 1 
ATOM   182  C  CD2 . HIS A 1 24  ? -11.660 -7.943  -10.213 1.00   20.77 ? 24   HIS A CD2 1 
ATOM   183  C  CE1 . HIS A 1 24  ? -13.090 -9.511  -9.647  1.00   20.90 ? 24   HIS A CE1 1 
ATOM   184  N  NE2 . HIS A 1 24  ? -12.807 -8.613  -10.572 1.00   20.49 ? 24   HIS A NE2 1 
ATOM   185  N  N   . ILE A 1 25  ? -6.979  -7.725  -7.496  1.00   15.61 ? 25   ILE A N   1 
ATOM   186  C  CA  . ILE A 1 25  ? -5.927  -7.234  -6.609  1.00   15.46 ? 25   ILE A CA  1 
ATOM   187  C  C   . ILE A 1 25  ? -5.067  -6.220  -7.391  1.00   15.02 ? 25   ILE A C   1 
ATOM   188  O  O   . ILE A 1 25  ? -4.596  -5.217  -6.845  1.00   14.17 ? 25   ILE A O   1 
ATOM   189  C  CB  . ILE A 1 25  ? -5.085  -8.405  -6.028  1.00   15.99 ? 25   ILE A CB  1 
ATOM   190  C  CG1 . ILE A 1 25  ? -4.807  -8.221  -4.535  1.00   18.85 ? 25   ILE A CG1 1 
ATOM   191  C  CG2 . ILE A 1 25  ? -3.780  -8.539  -6.785  1.00   16.54 ? 25   ILE A CG2 1 
ATOM   192  C  CD1 . ILE A 1 25  ? -4.294  -6.849  -4.162  1.00   21.61 ? 25   ILE A CD1 1 
ATOM   193  N  N   . THR A 1 26  ? -4.875  -6.489  -8.688  1.00   14.12 ? 26   THR A N   1 
ATOM   194  C  CA  . THR A 1 26  ? -4.099  -5.568  -9.547  1.00   14.53 ? 26   THR A CA  1 
ATOM   195  C  C   . THR A 1 26  ? -4.839  -4.236  -9.693  1.00   14.38 ? 26   THR A C   1 
ATOM   196  O  O   . THR A 1 26  ? -4.232  -3.169  -9.604  1.00   13.77 ? 26   THR A O   1 
ATOM   197  C  CB  . THR A 1 26  ? -3.811  -6.199  -10.941 1.00   14.15 ? 26   THR A CB  1 
ATOM   198  O  OG1 . THR A 1 26  ? -2.986  -7.361  -10.767 1.00   13.58 ? 26   THR A OG1 1 
ATOM   199  C  CG2 . THR A 1 26  ? -3.101  -5.199  -11.852 1.00   15.19 ? 26   THR A CG2 1 
ATOM   200  N  N   . GLU A 1 27  ? -6.145  -4.319  -9.929  1.00   14.38 ? 27   GLU A N   1 
ATOM   201  C  CA  . GLU A 1 27  ? -6.963  -3.112  -10.088 1.00   14.69 ? 27   GLU A CA  1 
ATOM   202  C  C   . GLU A 1 27  ? -7.043  -2.273  -8.809  1.00   13.98 ? 27   GLU A C   1 
ATOM   203  O  O   . GLU A 1 27  ? -7.028  -1.035  -8.878  1.00   13.74 ? 27   GLU A O   1 
ATOM   204  C  CB  . GLU A 1 27  ? -8.341  -3.475  -10.621 1.00   15.46 ? 27   GLU A CB  1 
ATOM   205  C  CG  . GLU A 1 27  ? -8.271  -3.726  -12.116 1.00   18.82 ? 27   GLU A CG  1 
ATOM   206  C  CD  . GLU A 1 27  ? -9.484  -4.435  -12.702 1.00   23.02 ? 27   GLU A CD  1 
ATOM   207  O  OE1 . GLU A 1 27  ? -10.487 -4.647  -11.993 1.00   23.66 ? 27   GLU A OE1 1 
ATOM   208  O  OE2 . GLU A 1 27  ? -9.406  -4.784  -13.900 1.00   26.86 ? 27   GLU A OE2 1 
ATOM   209  N  N   . MET A 1 28  ? -7.107  -2.945  -7.659  1.00   13.66 ? 28   MET A N   1 
ATOM   210  C  CA  . MET A 1 28  ? -7.074  -2.264  -6.357  1.00   13.89 ? 28   MET A CA  1 
ATOM   211  C  C   . MET A 1 28  ? -5.785  -1.454  -6.222  1.00   13.28 ? 28   MET A C   1 
ATOM   212  O  O   . MET A 1 28  ? -5.809  -0.289  -5.849  1.00   13.48 ? 28   MET A O   1 
ATOM   213  C  CB  . MET A 1 28  ? -7.193  -3.260  -5.193  1.00   13.77 ? 28   MET A CB  1 
ATOM   214  C  CG  . MET A 1 28  ? -7.341  -2.555  -3.827  1.00   14.35 ? 28   MET A CG  1 
ATOM   215  S  SD  . MET A 1 28  ? -7.164  -3.651  -2.411  1.00   15.65 ? 28   MET A SD  1 
ATOM   216  C  CE  . MET A 1 28  ? -5.393  -3.914  -2.394  1.00   13.91 ? 28   MET A CE  1 
ATOM   217  N  N   . GLY A 1 29  ? -4.656  -2.071  -6.560  1.00   13.29 ? 29   GLY A N   1 
ATOM   218  C  CA  . GLY A 1 29  ? -3.370  -1.377  -6.486  1.00   12.76 ? 29   GLY A CA  1 
ATOM   219  C  C   . GLY A 1 29  ? -3.238  -0.222  -7.458  1.00   12.65 ? 29   GLY A C   1 
ATOM   220  O  O   . GLY A 1 29  ? -2.726  0.852   -7.101  1.00   12.24 ? 29   GLY A O   1 
ATOM   221  N  N   . VAL A 1 30  ? -3.713  -0.425  -8.689  1.00   12.38 ? 30   VAL A N   1 
ATOM   222  C  CA  . VAL A 1 30  ? -3.731  0.657   -9.670  1.00   12.12 ? 30   VAL A CA  1 
ATOM   223  C  C   . VAL A 1 30  ? -4.559  1.826   -9.143  1.00   11.97 ? 30   VAL A C   1 
ATOM   224  O  O   . VAL A 1 30  ? -4.172  2.976   -9.312  1.00   11.39 ? 30   VAL A O   1 
ATOM   225  C  CB  . VAL A 1 30  ? -4.260  0.199   -11.054 1.00   12.14 ? 30   VAL A CB  1 
ATOM   226  C  CG1 . VAL A 1 30  ? -4.440  1.396   -12.008 1.00   13.55 ? 30   VAL A CG1 1 
ATOM   227  C  CG2 . VAL A 1 30  ? -3.309  -0.826  -11.667 1.00   12.77 ? 30   VAL A CG2 1 
ATOM   228  N  N   . SER A 1 31  ? -5.679  1.536   -8.482  1.00   12.17 ? 31   SER A N   1 
ATOM   229  C  CA  . SER A 1 31  ? -6.497  2.623   -7.943  1.00   13.21 ? 31   SER A CA  1 
ATOM   230  C  C   . SER A 1 31  ? -5.764  3.464   -6.899  1.00   13.32 ? 31   SER A C   1 
ATOM   231  O  O   . SER A 1 31  ? -5.930  4.675   -6.865  1.00   13.15 ? 31   SER A O   1 
ATOM   232  C  CB  . SER A 1 31  ? -7.812  2.088   -7.379  1.00   14.09 ? 31   SER A CB  1 
ATOM   233  O  OG  . SER A 1 31  ? -8.605  1.584   -8.434  1.00   16.47 ? 31   SER A OG  1 
ATOM   234  N  N   . ILE A 1 32  ? -4.980  2.816   -6.035  1.00   12.84 ? 32   ILE A N   1 
ATOM   235  C  CA  . ILE A 1 32  ? -4.131  3.526   -5.075  1.00   13.42 ? 32   ILE A CA  1 
ATOM   236  C  C   . ILE A 1 32  ? -3.121  4.388   -5.820  1.00   13.13 ? 32   ILE A C   1 
ATOM   237  O  O   . ILE A 1 32  ? -2.984  5.570   -5.538  1.00   12.35 ? 32   ILE A O   1 
ATOM   238  C  CB  . ILE A 1 32  ? -3.402  2.552   -4.116  1.00   13.08 ? 32   ILE A CB  1 
ATOM   239  C  CG1 . ILE A 1 32  ? -4.443  1.691   -3.373  1.00   13.76 ? 32   ILE A CG1 1 
ATOM   240  C  CG2 . ILE A 1 32  ? -2.455  3.324   -3.190  1.00   14.22 ? 32   ILE A CG2 1 
ATOM   241  C  CD1 . ILE A 1 32  ? -3.878  0.603   -2.493  1.00   14.11 ? 32   ILE A CD1 1 
ATOM   242  N  N   . TYR A 1 33  ? -2.429  3.805   -6.797  1.00   13.10 ? 33   TYR A N   1 
ATOM   243  C  CA  . TYR A 1 33  ? -1.508  4.607   -7.607  1.00   13.77 ? 33   TYR A CA  1 
ATOM   244  C  C   . TYR A 1 33  ? -2.146  5.798   -8.338  1.00   14.07 ? 33   TYR A C   1 
ATOM   245  O  O   . TYR A 1 33  ? -1.540  6.860   -8.413  1.00   13.64 ? 33   TYR A O   1 
ATOM   246  C  CB  . TYR A 1 33  ? -0.746  3.734   -8.597  1.00   14.72 ? 33   TYR A CB  1 
ATOM   247  C  CG  . TYR A 1 33  ? 0.341   2.926   -7.954  1.00   15.37 ? 33   TYR A CG  1 
ATOM   248  C  CD1 . TYR A 1 33  ? 1.473   3.539   -7.415  1.00   17.09 ? 33   TYR A CD1 1 
ATOM   249  C  CD2 . TYR A 1 33  ? 0.251   1.540   -7.904  1.00   16.07 ? 33   TYR A CD2 1 
ATOM   250  C  CE1 . TYR A 1 33  ? 2.480   2.784   -6.823  1.00   18.06 ? 33   TYR A CE1 1 
ATOM   251  C  CE2 . TYR A 1 33  ? 1.238   0.783   -7.325  1.00   16.89 ? 33   TYR A CE2 1 
ATOM   252  C  CZ  . TYR A 1 33  ? 2.354   1.401   -6.785  1.00   16.94 ? 33   TYR A CZ  1 
ATOM   253  O  OH  . TYR A 1 33  ? 3.341   0.630   -6.209  1.00   18.32 ? 33   TYR A OH  1 
ATOM   254  N  N   . LYS A 1 34  ? -3.362  5.633   -8.863  1.00   14.62 ? 34   LYS A N   1 
ATOM   255  C  CA  . LYS A 1 34  ? -4.044  6.759   -9.514  1.00   15.32 ? 34   LYS A CA  1 
ATOM   256  C  C   . LYS A 1 34  ? -4.181  7.924   -8.536  1.00   16.22 ? 34   LYS A C   1 
ATOM   257  O  O   . LYS A 1 34  ? -3.933  9.072   -8.902  1.00   16.40 ? 34   LYS A O   1 
ATOM   258  C  CB  . LYS A 1 34  ? -5.416  6.355   -10.084 1.00   15.94 ? 34   LYS A CB  1 
ATOM   259  C  CG  . LYS A 1 34  ? -5.347  5.441   -11.325 1.00   15.66 ? 34   LYS A CG  1 
ATOM   260  C  CD  . LYS A 1 34  ? -6.745  5.060   -11.801 1.00   15.35 ? 34   LYS A CD  1 
ATOM   261  C  CE  . LYS A 1 34  ? -6.688  4.298   -13.075 1.00   17.74 ? 34   LYS A CE  1 
ATOM   262  N  NZ  . LYS A 1 34  ? -8.045  4.142   -13.666 1.00   15.29 ? 34   LYS A NZ  1 
ATOM   263  N  N   . THR A 1 35  ? -4.535  7.611   -7.291  1.00   16.90 ? 35   THR A N   1 
ATOM   264  C  CA  . THR A 1 35  ? -4.671  8.616   -6.232  1.00   17.55 ? 35   THR A CA  1 
ATOM   265  C  C   . THR A 1 35  ? -3.307  9.217   -5.877  1.00   17.18 ? 35   THR A C   1 
ATOM   266  O  O   . THR A 1 35  ? -3.167  10.443  -5.810  1.00   17.17 ? 35   THR A O   1 
ATOM   267  C  CB  . THR A 1 35  ? -5.367  8.036   -4.992  1.00   17.92 ? 35   THR A CB  1 
ATOM   268  O  OG1 . THR A 1 35  ? -6.609  7.439   -5.392  1.00   20.97 ? 35   THR A OG1 1 
ATOM   269  C  CG2 . THR A 1 35  ? -5.632  9.128   -3.948  1.00   19.15 ? 35   THR A CG2 1 
ATOM   270  N  N   . LEU A 1 36  ? -2.308  8.359   -5.681  1.00   16.44 ? 36   LEU A N   1 
ATOM   271  C  CA  . LEU A 1 36  ? -0.953  8.812   -5.339  1.00   16.39 ? 36   LEU A CA  1 
ATOM   272  C  C   . LEU A 1 36  ? -0.394  9.747   -6.402  1.00   16.63 ? 36   LEU A C   1 
ATOM   273  O  O   . LEU A 1 36  ? 0.179   10.784  -6.079  1.00   16.37 ? 36   LEU A O   1 
ATOM   274  C  CB  . LEU A 1 36  ? -0.004  7.612   -5.133  1.00   16.59 ? 36   LEU A CB  1 
ATOM   275  C  CG  . LEU A 1 36  ? 1.450   7.931   -4.741  1.00   15.75 ? 36   LEU A CG  1 
ATOM   276  C  CD1 . LEU A 1 36  ? 1.512   8.648   -3.397  1.00   15.52 ? 36   LEU A CD1 1 
ATOM   277  C  CD2 . LEU A 1 36  ? 2.317   6.679   -4.695  1.00   16.60 ? 36   LEU A CD2 1 
ATOM   278  N  N   . PHE A 1 37  ? -0.569  9.380   -7.671  1.00   16.39 ? 37   PHE A N   1 
ATOM   279  C  CA  . PHE A 1 37  ? 0.042   10.118  -8.771  1.00   17.40 ? 37   PHE A CA  1 
ATOM   280  C  C   . PHE A 1 37  ? -0.696  11.409  -9.119  1.00   17.93 ? 37   PHE A C   1 
ATOM   281  O  O   . PHE A 1 37  ? -0.106  12.327  -9.680  1.00   18.42 ? 37   PHE A O   1 
ATOM   282  C  CB  . PHE A 1 37  ? 0.172   9.242   -10.022 1.00   17.13 ? 37   PHE A CB  1 
ATOM   283  C  CG  . PHE A 1 37  ? 1.149   8.098   -9.874  1.00   16.59 ? 37   PHE A CG  1 
ATOM   284  C  CD1 . PHE A 1 37  ? 2.284   8.215   -9.068  1.00   17.10 ? 37   PHE A CD1 1 
ATOM   285  C  CD2 . PHE A 1 37  ? 0.961   6.924   -10.590 1.00   16.32 ? 37   PHE A CD2 1 
ATOM   286  C  CE1 . PHE A 1 37  ? 3.180   7.165   -8.951  1.00   16.19 ? 37   PHE A CE1 1 
ATOM   287  C  CE2 . PHE A 1 37  ? 1.859   5.869   -10.479 1.00   15.16 ? 37   PHE A CE2 1 
ATOM   288  C  CZ  . PHE A 1 37  ? 2.965   5.985   -9.668  1.00   15.39 ? 37   PHE A CZ  1 
ATOM   289  N  N   . ALA A 1 38  ? -1.979  11.465  -8.783  1.00   18.57 ? 38   ALA A N   1 
ATOM   290  C  CA  . ALA A 1 38  ? -2.749  12.701  -8.930  1.00   19.76 ? 38   ALA A CA  1 
ATOM   291  C  C   . ALA A 1 38  ? -2.288  13.718  -7.887  1.00   20.34 ? 38   ALA A C   1 
ATOM   292  O  O   . ALA A 1 38  ? -2.277  14.924  -8.146  1.00   20.83 ? 38   ALA A O   1 
ATOM   293  C  CB  . ALA A 1 38  ? -4.217  12.416  -8.774  1.00   19.38 ? 38   ALA A CB  1 
ATOM   294  N  N   . ALA A 1 39  ? -1.914  13.226  -6.705  1.00   20.81 ? 39   ALA A N   1 
ATOM   295  C  CA  . ALA A 1 39  ? -1.397  14.084  -5.638  1.00   20.81 ? 39   ALA A CA  1 
ATOM   296  C  C   . ALA A 1 39  ? 0.077   14.396  -5.855  1.00   21.21 ? 39   ALA A C   1 
ATOM   297  O  O   . ALA A 1 39  ? 0.529   15.509  -5.569  1.00   21.40 ? 39   ALA A O   1 
ATOM   298  C  CB  . ALA A 1 39  ? -1.607  13.433  -4.283  1.00   21.31 ? 39   ALA A CB  1 
ATOM   299  N  N   . HIS A 1 40  ? 0.821   13.413  -6.365  1.00   20.73 ? 40   HIS A N   1 
ATOM   300  C  CA  . HIS A 1 40  ? 2.255   13.561  -6.596  1.00   21.24 ? 40   HIS A CA  1 
ATOM   301  C  C   . HIS A 1 40  ? 2.676   13.063  -7.972  1.00   21.11 ? 40   HIS A C   1 
ATOM   302  O  O   . HIS A 1 40  ? 3.273   11.981  -8.088  1.00   20.04 ? 40   HIS A O   1 
ATOM   303  C  CB  . HIS A 1 40  ? 3.036   12.798  -5.536  1.00   21.43 ? 40   HIS A CB  1 
ATOM   304  C  CG  . HIS A 1 40  ? 2.940   13.383  -4.167  1.00   24.11 ? 40   HIS A CG  1 
ATOM   305  N  ND1 . HIS A 1 40  ? 2.142   12.842  -3.180  1.00   25.35 ? 40   HIS A ND1 1 
ATOM   306  C  CD2 . HIS A 1 40  ? 3.571   14.440  -3.606  1.00   24.62 ? 40   HIS A CD2 1 
ATOM   307  C  CE1 . HIS A 1 40  ? 2.274   13.553  -2.074  1.00   25.09 ? 40   HIS A CE1 1 
ATOM   308  N  NE2 . HIS A 1 40  ? 3.131   14.530  -2.307  1.00   26.59 ? 40   HIS A NE2 1 
ATOM   309  N  N   . PRO A 1 41  ? 2.376   13.849  -9.026  1.00   21.26 ? 41   PRO A N   1 
ATOM   310  C  CA  . PRO A 1 41  ? 2.759   13.417  -10.365 1.00   21.14 ? 41   PRO A CA  1 
ATOM   311  C  C   . PRO A 1 41  ? 4.277   13.261  -10.524 1.00   20.58 ? 41   PRO A C   1 
ATOM   312  O  O   . PRO A 1 41  ? 4.720   12.441  -11.335 1.00   20.71 ? 41   PRO A O   1 
ATOM   313  C  CB  . PRO A 1 41  ? 2.188   14.513  -11.276 1.00   21.66 ? 41   PRO A CB  1 
ATOM   314  C  CG  . PRO A 1 41  ? 2.004   15.711  -10.381 1.00   22.32 ? 41   PRO A CG  1 
ATOM   315  C  CD  . PRO A 1 41  ? 1.675   15.150  -9.029  1.00   21.25 ? 41   PRO A CD  1 
ATOM   316  N  N   . GLU A 1 42  ? 5.056   13.996  -9.722  1.00   20.17 ? 42   GLU A N   1 
ATOM   317  C  CA  . GLU A 1 42  ? 6.514   13.860  -9.737  1.00   19.35 ? 42   GLU A CA  1 
ATOM   318  C  C   . GLU A 1 42  ? 6.993   12.452  -9.331  1.00   18.25 ? 42   GLU A C   1 
ATOM   319  O  O   . GLU A 1 42  ? 8.113   12.067  -9.658  1.00   18.04 ? 42   GLU A O   1 
ATOM   320  C  CB  . GLU A 1 42  ? 7.195   14.956  -8.882  1.00   20.09 ? 42   GLU A CB  1 
ATOM   321  C  CG  . GLU A 1 42  ? 6.983   14.859  -7.357  1.00   22.65 ? 42   GLU A CG  1 
ATOM   322  C  CD  . GLU A 1 42  ? 5.674   15.471  -6.867  1.00   24.80 ? 42   GLU A CD  1 
ATOM   323  O  OE1 . GLU A 1 42  ? 4.777   15.732  -7.696  1.00   26.77 ? 42   GLU A OE1 1 
ATOM   324  O  OE2 . GLU A 1 42  ? 5.536   15.689  -5.640  1.00   26.76 ? 42   GLU A OE2 1 
ATOM   325  N  N   . TYR A 1 43  ? 6.146   11.696  -8.625  1.00   16.98 ? 43   TYR A N   1 
ATOM   326  C  CA  . TYR A 1 43  ? 6.493   10.326  -8.197  1.00   15.75 ? 43   TYR A CA  1 
ATOM   327  C  C   . TYR A 1 43  ? 6.412   9.284   -9.322  1.00   15.04 ? 43   TYR A C   1 
ATOM   328  O  O   . TYR A 1 43  ? 6.994   8.209   -9.205  1.00   13.89 ? 43   TYR A O   1 
ATOM   329  C  CB  . TYR A 1 43  ? 5.626   9.845   -7.023  1.00   15.77 ? 43   TYR A CB  1 
ATOM   330  C  CG  . TYR A 1 43  ? 5.784   10.603  -5.711  1.00   16.79 ? 43   TYR A CG  1 
ATOM   331  C  CD1 . TYR A 1 43  ? 6.741   11.618  -5.556  1.00   17.58 ? 43   TYR A CD1 1 
ATOM   332  C  CD2 . TYR A 1 43  ? 4.976   10.291  -4.625  1.00   15.77 ? 43   TYR A CD2 1 
ATOM   333  C  CE1 . TYR A 1 43  ? 6.872   12.301  -4.338  1.00   17.18 ? 43   TYR A CE1 1 
ATOM   334  C  CE2 . TYR A 1 43  ? 5.102   10.958  -3.413  1.00   16.68 ? 43   TYR A CE2 1 
ATOM   335  C  CZ  . TYR A 1 43  ? 6.041   11.962  -3.278  1.00   16.83 ? 43   TYR A CZ  1 
ATOM   336  O  OH  . TYR A 1 43  ? 6.141   12.614  -2.075  1.00   17.22 ? 43   TYR A OH  1 
ATOM   337  N  N   . ILE A 1 44  ? 5.671   9.577   -10.387 1.00   14.71 ? 44   ILE A N   1 
ATOM   338  C  CA  . ILE A 1 44  ? 5.587   8.639   -11.522 1.00   14.75 ? 44   ILE A CA  1 
ATOM   339  C  C   . ILE A 1 44  ? 6.982   8.251   -12.017 1.00   15.19 ? 44   ILE A C   1 
ATOM   340  O  O   . ILE A 1 44  ? 7.244   7.077   -12.280 1.00   15.44 ? 44   ILE A O   1 
ATOM   341  C  CB  . ILE A 1 44  ? 4.765   9.212   -12.714 1.00   14.15 ? 44   ILE A CB  1 
ATOM   342  C  CG1 . ILE A 1 44  ? 3.318   9.470   -12.297 1.00   13.53 ? 44   ILE A CG1 1 
ATOM   343  C  CG2 . ILE A 1 44  ? 4.783   8.248   -13.913 1.00   13.25 ? 44   ILE A CG2 1 
ATOM   344  C  CD1 . ILE A 1 44  ? 2.587   10.463  -13.238 1.00   15.05 ? 44   ILE A CD1 1 
ATOM   345  N  N   . SER A 1 45  ? 7.858   9.247   -12.136 1.00   15.99 ? 45   SER A N   1 
ATOM   346  C  CA  . SER A 1 45  ? 9.220   9.053   -12.635 1.00   17.19 ? 45   SER A CA  1 
ATOM   347  C  C   . SER A 1 45  ? 10.132  8.273   -11.685 1.00   17.64 ? 45   SER A C   1 
ATOM   348  O  O   . SER A 1 45  ? 11.261  7.938   -12.054 1.00   17.46 ? 45   SER A O   1 
ATOM   349  C  CB  . SER A 1 45  ? 9.864   10.403  -12.934 1.00   17.70 ? 45   SER A CB  1 
ATOM   350  O  OG  . SER A 1 45  ? 10.037  11.141  -11.743 1.00   19.07 ? 45   SER A OG  1 
ATOM   351  N  N   . TYR A 1 46  ? 9.657   8.004   -10.470 1.00   17.74 ? 46   TYR A N   1 
ATOM   352  C  CA  . TYR A 1 46  ? 10.436  7.228   -9.496  1.00   18.78 ? 46   TYR A CA  1 
ATOM   353  C  C   . TYR A 1 46  ? 10.482  5.755   -9.858  1.00   18.51 ? 46   TYR A C   1 
ATOM   354  O  O   . TYR A 1 46  ? 11.346  5.030   -9.373  1.00   19.00 ? 46   TYR A O   1 
ATOM   355  C  CB  . TYR A 1 46  ? 9.828   7.345   -8.105  1.00   19.13 ? 46   TYR A CB  1 
ATOM   356  C  CG  . TYR A 1 46  ? 10.016  8.664   -7.415  1.00   19.29 ? 46   TYR A CG  1 
ATOM   357  C  CD1 . TYR A 1 46  ? 10.537  9.779   -8.081  1.00   19.38 ? 46   TYR A CD1 1 
ATOM   358  C  CD2 . TYR A 1 46  ? 9.636   8.810   -6.084  1.00   19.12 ? 46   TYR A CD2 1 
ATOM   359  C  CE1 . TYR A 1 46  ? 10.701  10.989  -7.421  1.00   19.73 ? 46   TYR A CE1 1 
ATOM   360  C  CE2 . TYR A 1 46  ? 9.789   10.006  -5.430  1.00   19.29 ? 46   TYR A CE2 1 
ATOM   361  C  CZ  . TYR A 1 46  ? 10.323  11.081  -6.085  1.00   19.98 ? 46   TYR A CZ  1 
ATOM   362  O  OH  . TYR A 1 46  ? 10.451  12.257  -5.384  1.00   23.17 ? 46   TYR A OH  1 
ATOM   363  N  N   . PHE A 1 47  ? 9.531   5.312   -10.682 1.00   18.40 ? 47   PHE A N   1 
ATOM   364  C  CA  . PHE A 1 47  ? 9.348   3.891   -10.960 1.00   18.49 ? 47   PHE A CA  1 
ATOM   365  C  C   . PHE A 1 47  ? 9.981   3.503   -12.290 1.00   19.62 ? 47   PHE A C   1 
ATOM   366  O  O   . PHE A 1 47  ? 9.688   4.098   -13.332 1.00   19.66 ? 47   PHE A O   1 
ATOM   367  C  CB  . PHE A 1 47  ? 7.861   3.519   -10.942 1.00   17.97 ? 47   PHE A CB  1 
ATOM   368  C  CG  . PHE A 1 47  ? 7.207   3.671   -9.588  1.00   16.95 ? 47   PHE A CG  1 
ATOM   369  C  CD1 . PHE A 1 47  ? 6.781   4.924   -9.135  1.00   15.64 ? 47   PHE A CD1 1 
ATOM   370  C  CD2 . PHE A 1 47  ? 6.994   2.559   -8.782  1.00   15.00 ? 47   PHE A CD2 1 
ATOM   371  C  CE1 . PHE A 1 47  ? 6.172   5.071   -7.890  1.00   14.75 ? 47   PHE A CE1 1 
ATOM   372  C  CE2 . PHE A 1 47  ? 6.387   2.685   -7.534  1.00   14.47 ? 47   PHE A CE2 1 
ATOM   373  C  CZ  . PHE A 1 47  ? 5.969   3.946   -7.086  1.00   15.63 ? 47   PHE A CZ  1 
ATOM   374  N  N   . SER A 1 48  ? 10.846  2.492   -12.245 1.00   20.59 ? 48   SER A N   1 
ATOM   375  C  CA  . SER A 1 48  ? 11.633  2.093   -13.416 1.00   22.21 ? 48   SER A CA  1 
ATOM   376  C  C   . SER A 1 48  ? 10.782  1.713   -14.622 1.00   21.97 ? 48   SER A C   1 
ATOM   377  O  O   . SER A 1 48  ? 11.171  1.979   -15.764 1.00   22.49 ? 48   SER A O   1 
ATOM   378  C  CB  . SER A 1 48  ? 12.581  0.953   -13.052 1.00   22.55 ? 48   SER A CB  1 
ATOM   379  O  OG  . SER A 1 48  ? 11.834  -0.190  -12.710 1.00   25.02 ? 48   SER A OG  1 
ATOM   380  N  N   . LYS A 1 49  ? 9.611   1.126   -14.370 1.00   21.72 ? 49   LYS A N   1 
ATOM   381  C  CA  . LYS A 1 49  ? 8.705   0.718   -15.447 1.00   21.39 ? 49   LYS A CA  1 
ATOM   382  C  C   . LYS A 1 49  ? 7.724   1.804   -15.883 1.00   20.89 ? 49   LYS A C   1 
ATOM   383  O  O   . LYS A 1 49  ? 6.913   1.579   -16.784 1.00   21.11 ? 49   LYS A O   1 
ATOM   384  C  CB  . LYS A 1 49  ? 7.952   -0.548  -15.055 1.00   21.94 ? 49   LYS A CB  1 
ATOM   385  C  CG  . LYS A 1 49  ? 8.850   -1.758  -14.883 1.00   23.51 ? 49   LYS A CG  1 
ATOM   386  C  CD  . LYS A 1 49  ? 8.053   -2.972  -14.403 1.00   26.87 ? 49   LYS A CD  1 
ATOM   387  C  CE  . LYS A 1 49  ? 8.913   -4.225  -14.363 1.00   27.98 ? 49   LYS A CE  1 
ATOM   388  N  NZ  . LYS A 1 49  ? 9.749   -4.310  -13.136 1.00   30.19 ? 49   LYS A NZ  1 
ATOM   389  N  N   . LEU A 1 50  ? 7.798   2.983   -15.269 1.00   19.99 ? 50   LEU A N   1 
ATOM   390  C  CA  . LEU A 1 50  ? 6.929   4.102   -15.670 1.00   19.78 ? 50   LEU A CA  1 
ATOM   391  C  C   . LEU A 1 50  ? 7.704   5.276   -16.274 1.00   19.90 ? 50   LEU A C   1 
ATOM   392  O  O   . LEU A 1 50  ? 7.159   6.358   -16.462 1.00   20.08 ? 50   LEU A O   1 
ATOM   393  C  CB  . LEU A 1 50  ? 6.057   4.581   -14.501 1.00   19.51 ? 50   LEU A CB  1 
ATOM   394  C  CG  . LEU A 1 50  ? 5.300   3.534   -13.677 1.00   18.10 ? 50   LEU A CG  1 
ATOM   395  C  CD1 . LEU A 1 50  ? 4.545   4.206   -12.522 1.00   17.39 ? 50   LEU A CD1 1 
ATOM   396  C  CD2 . LEU A 1 50  ? 4.354   2.746   -14.564 1.00   18.02 ? 50   LEU A CD2 1 
ATOM   397  N  N   . GLN A 1 51  ? 8.975   5.051   -16.591 1.00   19.80 ? 51   GLN A N   1 
ATOM   398  C  CA  . GLN A 1 51  ? 9.801   6.098   -17.205 1.00   20.46 ? 51   GLN A CA  1 
ATOM   399  C  C   . GLN A 1 51  ? 9.139   6.614   -18.477 1.00   20.00 ? 51   GLN A C   1 
ATOM   400  O  O   . GLN A 1 51  ? 8.729   5.821   -19.324 1.00   19.47 ? 51   GLN A O   1 
ATOM   401  C  CB  . GLN A 1 51  ? 11.204  5.570   -17.517 1.00   20.85 ? 51   GLN A CB  1 
ATOM   402  C  CG  . GLN A 1 51  ? 12.002  5.177   -16.284 1.00   22.03 ? 51   GLN A CG  1 
ATOM   403  C  CD  . GLN A 1 51  ? 12.126  6.318   -15.305 1.00   23.51 ? 51   GLN A CD  1 
ATOM   404  O  OE1 . GLN A 1 51  ? 11.496  6.315   -14.240 1.00   22.47 ? 51   GLN A OE1 1 
ATOM   405  N  NE2 . GLN A 1 51  ? 12.898  7.331   -15.681 1.00   22.47 ? 51   GLN A NE2 1 
ATOM   406  N  N   . GLY A 1 52  ? 9.004   7.937   -18.580 1.00   19.90 ? 52   GLY A N   1 
ATOM   407  C  CA  . GLY A 1 52  ? 8.442   8.573   -19.777 1.00   19.91 ? 52   GLY A CA  1 
ATOM   408  C  C   . GLY A 1 52  ? 6.971   8.922   -19.675 1.00   19.58 ? 52   GLY A C   1 
ATOM   409  O  O   . GLY A 1 52  ? 6.481   9.785   -20.403 1.00   19.74 ? 52   GLY A O   1 
ATOM   410  N  N   . LEU A 1 53  ? 6.267   8.253   -18.767 1.00   18.66 ? 53   LEU A N   1 
ATOM   411  C  CA  . LEU A 1 53  ? 4.848   8.494   -18.550 1.00   18.12 ? 53   LEU A CA  1 
ATOM   412  C  C   . LEU A 1 53  ? 4.602   9.773   -17.762 1.00   18.20 ? 53   LEU A C   1 
ATOM   413  O  O   . LEU A 1 53  ? 5.476   10.242  -17.022 1.00   18.08 ? 53   LEU A O   1 
ATOM   414  C  CB  . LEU A 1 53  ? 4.201   7.294   -17.846 1.00   17.37 ? 53   LEU A CB  1 
ATOM   415  C  CG  . LEU A 1 53  ? 4.324   5.976   -18.617 1.00   16.59 ? 53   LEU A CG  1 
ATOM   416  C  CD1 . LEU A 1 53  ? 3.897   4.801   -17.759 1.00   16.50 ? 53   LEU A CD1 1 
ATOM   417  C  CD2 . LEU A 1 53  ? 3.493   6.045   -19.888 1.00   15.22 ? 53   LEU A CD2 1 
ATOM   418  N  N   . THR A 1 54  ? 3.403   10.322  -17.938 1.00   18.83 ? 54   THR A N   1 
ATOM   419  C  CA  . THR A 1 54  ? 2.963   11.528  -17.245 1.00   19.47 ? 54   THR A CA  1 
ATOM   420  C  C   . THR A 1 54  ? 1.616   11.250  -16.593 1.00   19.53 ? 54   THR A C   1 
ATOM   421  O  O   . THR A 1 54  ? 1.046   10.182  -16.774 1.00   18.41 ? 54   THR A O   1 
ATOM   422  C  CB  . THR A 1 54  ? 2.774   12.717  -18.220 1.00   19.56 ? 54   THR A CB  1 
ATOM   423  O  OG1 . THR A 1 54  ? 1.663   12.454  -19.090 1.00   20.02 ? 54   THR A OG1 1 
ATOM   424  C  CG2 . THR A 1 54  ? 4.034   12.972  -19.050 1.00   21.45 ? 54   THR A CG2 1 
ATOM   425  N  N   . LYS A 1 55  ? 1.104   12.231  -15.851 1.00   20.19 ? 55   LYS A N   1 
ATOM   426  C  CA  . LYS A 1 55  ? -0.193  12.114  -15.193 1.00   21.57 ? 55   LYS A CA  1 
ATOM   427  C  C   . LYS A 1 55  ? -1.335  11.876  -16.186 1.00   21.49 ? 55   LYS A C   1 
ATOM   428  O  O   . LYS A 1 55  ? -2.369  11.311  -15.831 1.00   21.97 ? 55   LYS A O   1 
ATOM   429  C  CB  . LYS A 1 55  ? -0.467  13.348  -14.317 1.00   21.57 ? 55   LYS A CB  1 
ATOM   430  C  CG  . LYS A 1 55  ? -0.608  14.663  -15.087 1.00   23.24 ? 55   LYS A CG  1 
ATOM   431  C  CD  . LYS A 1 55  ? -0.883  15.816  -14.127 1.00   23.96 ? 55   LYS A CD  1 
ATOM   432  C  CE  . LYS A 1 55  ? -0.984  17.159  -14.848 1.00   27.72 ? 55   LYS A CE  1 
ATOM   433  N  NZ  . LYS A 1 55  ? -1.193  18.265  -13.860 1.00   28.75 ? 55   LYS A NZ  1 
ATOM   434  N  N   . ASP A 1 56  ? -1.145  12.293  -17.434 1.00   21.50 ? 56   ASP A N   1 
ATOM   435  C  CA  . ASP A 1 56  ? -2.194  12.145  -18.445 1.00   21.35 ? 56   ASP A CA  1 
ATOM   436  C  C   . ASP A 1 56  ? -2.327  10.744  -19.032 1.00   20.47 ? 56   ASP A C   1 
ATOM   437  O  O   . ASP A 1 56  ? -3.392  10.400  -19.547 1.00   20.47 ? 56   ASP A O   1 
ATOM   438  C  CB  . ASP A 1 56  ? -2.023  13.186  -19.555 1.00   22.61 ? 56   ASP A CB  1 
ATOM   439  C  CG  . ASP A 1 56  ? -2.136  14.602  -19.029 1.00   24.64 ? 56   ASP A CG  1 
ATOM   440  O  OD1 . ASP A 1 56  ? -3.126  14.897  -18.328 1.00   28.09 ? 56   ASP A OD1 1 
ATOM   441  O  OD2 . ASP A 1 56  ? -1.229  15.415  -19.295 1.00   29.20 ? 56   ASP A OD2 1 
ATOM   442  N  N   . ASN A 1 57  ? -1.275  9.924   -18.955 1.00   19.12 ? 57   ASN A N   1 
ATOM   443  C  CA  . ASN A 1 57  ? -1.360  8.571   -19.536 1.00   17.59 ? 57   ASN A CA  1 
ATOM   444  C  C   . ASN A 1 57  ? -0.921  7.393   -18.647 1.00   17.12 ? 57   ASN A C   1 
ATOM   445  O  O   . ASN A 1 57  ? -1.072  6.222   -19.034 1.00   15.84 ? 57   ASN A O   1 
ATOM   446  C  CB  . ASN A 1 57  ? -0.663  8.510   -20.909 1.00   17.09 ? 57   ASN A CB  1 
ATOM   447  C  CG  . ASN A 1 57  ? 0.831   8.770   -20.834 1.00   17.16 ? 57   ASN A CG  1 
ATOM   448  O  OD1 . ASN A 1 57  ? 1.387   9.050   -19.766 1.00   16.83 ? 57   ASN A OD1 1 
ATOM   449  N  ND2 . ASN A 1 57  ? 1.496   8.657   -21.973 1.00   13.76 ? 57   ASN A ND2 1 
ATOM   450  N  N   . VAL A 1 58  ? -0.389  7.699   -17.465 1.00   16.17 ? 58   VAL A N   1 
ATOM   451  C  CA  . VAL A 1 58  ? 0.047   6.644   -16.539 1.00   15.88 ? 58   VAL A CA  1 
ATOM   452  C  C   . VAL A 1 58  ? -1.068  5.661   -16.178 1.00   16.02 ? 58   VAL A C   1 
ATOM   453  O  O   . VAL A 1 58  ? -0.823  4.458   -16.085 1.00   15.42 ? 58   VAL A O   1 
ATOM   454  C  CB  . VAL A 1 58  ? 0.738   7.218   -15.260 1.00   15.59 ? 58   VAL A CB  1 
ATOM   455  C  CG1 . VAL A 1 58  ? -0.265  7.978   -14.353 1.00   14.15 ? 58   VAL A CG1 1 
ATOM   456  C  CG2 . VAL A 1 58  ? 1.460   6.113   -14.482 1.00   15.30 ? 58   VAL A CG2 1 
ATOM   457  N  N   . GLY A 1 59  ? -2.299  6.160   -16.013 1.00   16.41 ? 59   GLY A N   1 
ATOM   458  C  CA  . GLY A 1 59  ? -3.406  5.310   -15.571 1.00   17.68 ? 59   GLY A CA  1 
ATOM   459  C  C   . GLY A 1 59  ? -3.752  4.195   -16.554 1.00   18.78 ? 59   GLY A C   1 
ATOM   460  O  O   . GLY A 1 59  ? -4.285  3.143   -16.148 1.00   18.58 ? 59   GLY A O   1 
ATOM   461  N  N   . GLN A 1 60  ? -3.419  4.426   -17.831 1.00   19.13 ? 60   GLN A N   1 
ATOM   462  C  CA  . GLN A 1 60  ? -3.700  3.516   -18.954 1.00   20.99 ? 60   GLN A CA  1 
ATOM   463  C  C   . GLN A 1 60  ? -2.543  2.586   -19.270 1.00   19.84 ? 60   GLN A C   1 
ATOM   464  O  O   . GLN A 1 60  ? -2.643  1.772   -20.201 1.00   20.28 ? 60   GLN A O   1 
ATOM   465  C  CB  . GLN A 1 60  ? -3.891  4.318   -20.239 1.00   21.00 ? 60   GLN A CB  1 
ATOM   466  C  CG  . GLN A 1 60  ? -5.212  4.998   -20.514 1.00   24.14 ? 60   GLN A CG  1 
ATOM   467  C  CD  . GLN A 1 60  ? -5.119  5.778   -21.827 1.00   24.58 ? 60   GLN A CD  1 
ATOM   468  O  OE1 . GLN A 1 60  ? -4.604  6.903   -21.863 1.00   26.62 ? 60   GLN A OE1 1 
ATOM   469  N  NE2 . GLN A 1 60  ? -5.575  5.156   -22.924 1.00   29.60 ? 60   GLN A NE2 1 
ATOM   470  N  N   . SER A 1 61  ? -1.436  2.728   -18.544 1.00   18.67 ? 61   SER A N   1 
ATOM   471  C  CA  . SER A 1 61  ? -0.195  2.041   -18.874 1.00   18.24 ? 61   SER A CA  1 
ATOM   472  C  C   . SER A 1 61  ? -0.215  0.580   -18.473 1.00   18.84 ? 61   SER A C   1 
ATOM   473  O  O   . SER A 1 61  ? -1.000  0.180   -17.607 1.00   18.58 ? 61   SER A O   1 
ATOM   474  C  CB  . SER A 1 61  ? 1.010   2.749   -18.233 1.00   18.15 ? 61   SER A CB  1 
ATOM   475  O  OG  . SER A 1 61  ? 0.996   2.606   -16.817 1.00   15.42 ? 61   SER A OG  1 
ATOM   476  N  N   . GLU A 1 62  ? 0.626   -0.221  -19.135 1.00   19.21 ? 62   GLU A N   1 
ATOM   477  C  CA  . GLU A 1 62  ? 0.894   -1.581  -18.676 1.00   19.96 ? 62   GLU A CA  1 
ATOM   478  C  C   . GLU A 1 62  ? 1.719   -1.564  -17.398 1.00   19.15 ? 62   GLU A C   1 
ATOM   479  O  O   . GLU A 1 62  ? 1.499   -2.381  -16.503 1.00   19.14 ? 62   GLU A O   1 
ATOM   480  C  CB  . GLU A 1 62  ? 1.641   -2.396  -19.742 1.00   20.55 ? 62   GLU A CB  1 
ATOM   481  C  CG  . GLU A 1 62  ? 0.933   -2.510  -21.091 1.00   25.56 ? 62   GLU A CG  1 
ATOM   482  C  CD  . GLU A 1 62  ? -0.456  -3.146  -21.027 1.00   31.69 ? 62   GLU A CD  1 
ATOM   483  O  OE1 . GLU A 1 62  ? -0.771  -3.889  -20.063 1.00   34.04 ? 62   GLU A OE1 1 
ATOM   484  O  OE2 . GLU A 1 62  ? -1.245  -2.891  -21.970 1.00   36.88 ? 62   GLU A OE2 1 
ATOM   485  N  N   . GLY A 1 63  ? 2.672   -0.635  -17.320 1.00   18.36 ? 63   GLY A N   1 
ATOM   486  C  CA  . GLY A 1 63  ? 3.550   -0.510  -16.156 1.00   17.23 ? 63   GLY A CA  1 
ATOM   487  C  C   . GLY A 1 63  ? 2.809   -0.293  -14.847 1.00   16.97 ? 63   GLY A C   1 
ATOM   488  O  O   . GLY A 1 63  ? 3.186   -0.844  -13.811 1.00   16.58 ? 63   GLY A O   1 
ATOM   489  N  N   . ILE A 1 64  ? 1.753   0.511   -14.868 1.00   15.78 ? 64   ILE A N   1 
ATOM   490  C  CA  . ILE A 1 64  ? 1.019   0.779   -13.618 1.00   15.65 ? 64   ILE A CA  1 
ATOM   491  C  C   . ILE A 1 64  ? 0.362   -0.513  -13.081 1.00   16.24 ? 64   ILE A C   1 
ATOM   492  O  O   . ILE A 1 64  ? 0.197   -0.686  -11.882 1.00   15.68 ? 64   ILE A O   1 
ATOM   493  C  CB  . ILE A 1 64  ? -0.016  1.928   -13.771 1.00   15.93 ? 64   ILE A CB  1 
ATOM   494  C  CG1 . ILE A 1 64  ? -0.374  2.507   -12.388 1.00   15.34 ? 64   ILE A CG1 1 
ATOM   495  C  CG2 . ILE A 1 64  ? -1.246  1.450   -14.559 1.00   14.87 ? 64   ILE A CG2 1 
ATOM   496  C  CD1 . ILE A 1 64  ? -1.149  3.850   -12.414 1.00   15.90 ? 64   ILE A CD1 1 
ATOM   497  N  N   . ARG A 1 65  ? 0.031   -1.433  -13.986 1.00   16.84 ? 65   ARG A N   1 
ATOM   498  C  CA  . ARG A 1 65  ? -0.548  -2.715  -13.590 1.00   18.35 ? 65   ARG A CA  1 
ATOM   499  C  C   . ARG A 1 65  ? 0.488   -3.626  -12.936 1.00   17.81 ? 65   ARG A C   1 
ATOM   500  O  O   . ARG A 1 65  ? 0.166   -4.334  -11.977 1.00   18.02 ? 65   ARG A O   1 
ATOM   501  C  CB  . ARG A 1 65  ? -1.249  -3.387  -14.780 1.00   18.46 ? 65   ARG A CB  1 
ATOM   502  C  CG  . ARG A 1 65  ? -2.448  -2.580  -15.289 1.00   20.33 ? 65   ARG A CG  1 
ATOM   503  C  CD  . ARG A 1 65  ? -3.261  -3.297  -16.367 1.00   21.62 ? 65   ARG A CD  1 
ATOM   504  N  NE  . ARG A 1 65  ? -3.988  -4.476  -15.863 1.00   30.18 ? 65   ARG A NE  1 
ATOM   505  C  CZ  . ARG A 1 65  ? -5.150  -4.444  -15.208 1.00   33.36 ? 65   ARG A CZ  1 
ATOM   506  N  NH1 . ARG A 1 65  ? -5.753  -3.287  -14.931 1.00   34.55 ? 65   ARG A NH1 1 
ATOM   507  N  NH2 . ARG A 1 65  ? -5.713  -5.581  -14.806 1.00   34.98 ? 65   ARG A NH2 1 
ATOM   508  N  N   . TYR A 1 66  ? 1.728   -3.599  -13.435 1.00   17.80 ? 66   TYR A N   1 
ATOM   509  C  CA  . TYR A 1 66  ? 2.820   -4.291  -12.764 1.00   18.24 ? 66   TYR A CA  1 
ATOM   510  C  C   . TYR A 1 66  ? 2.901   -3.889  -11.283 1.00   17.48 ? 66   TYR A C   1 
ATOM   511  O  O   . TYR A 1 66  ? 2.860   -4.746  -10.404 1.00   17.11 ? 66   TYR A O   1 
ATOM   512  C  CB  . TYR A 1 66  ? 4.182   -4.085  -13.452 1.00   19.26 ? 66   TYR A CB  1 
ATOM   513  C  CG  . TYR A 1 66  ? 5.313   -4.710  -12.656 1.00   20.98 ? 66   TYR A CG  1 
ATOM   514  C  CD1 . TYR A 1 66  ? 5.731   -6.022  -12.901 1.00   23.61 ? 66   TYR A CD1 1 
ATOM   515  C  CD2 . TYR A 1 66  ? 5.926   -4.009  -11.622 1.00   22.68 ? 66   TYR A CD2 1 
ATOM   516  C  CE1 . TYR A 1 66  ? 6.763   -6.609  -12.137 1.00   24.18 ? 66   TYR A CE1 1 
ATOM   517  C  CE2 . TYR A 1 66  ? 6.942   -4.579  -10.854 1.00   24.34 ? 66   TYR A CE2 1 
ATOM   518  C  CZ  . TYR A 1 66  ? 7.361   -5.871  -11.118 1.00   23.72 ? 66   TYR A CZ  1 
ATOM   519  O  OH  . TYR A 1 66  ? 8.369   -6.412  -10.341 1.00   23.31 ? 66   TYR A OH  1 
ATOM   520  N  N   . TYR A 1 67  ? 3.004   -2.588  -11.011 1.00   16.30 ? 67   TYR A N   1 
ATOM   521  C  CA  . TYR A 1 67  ? 3.140   -2.129  -9.627  1.00   15.75 ? 67   TYR A CA  1 
ATOM   522  C  C   . TYR A 1 67  ? 1.854   -2.272  -8.844  1.00   15.59 ? 67   TYR A C   1 
ATOM   523  O  O   . TYR A 1 67  ? 1.888   -2.508  -7.639  1.00   15.54 ? 67   TYR A O   1 
ATOM   524  C  CB  . TYR A 1 67  ? 3.641   -0.688  -9.561  1.00   16.05 ? 67   TYR A CB  1 
ATOM   525  C  CG  . TYR A 1 67  ? 5.008   -0.532  -10.161 1.00   16.30 ? 67   TYR A CG  1 
ATOM   526  C  CD1 . TYR A 1 67  ? 6.125   -1.102  -9.544  1.00   17.36 ? 67   TYR A CD1 1 
ATOM   527  C  CD2 . TYR A 1 67  ? 5.188   0.168   -11.356 1.00   16.81 ? 67   TYR A CD2 1 
ATOM   528  C  CE1 . TYR A 1 67  ? 7.395   -0.970  -10.096 1.00   17.98 ? 67   TYR A CE1 1 
ATOM   529  C  CE2 . TYR A 1 67  ? 6.458   0.310   -11.919 1.00   17.10 ? 67   TYR A CE2 1 
ATOM   530  C  CZ  . TYR A 1 67  ? 7.550   -0.265  -11.283 1.00   17.56 ? 67   TYR A CZ  1 
ATOM   531  O  OH  . TYR A 1 67  ? 8.810   -0.134  -11.828 1.00   18.79 ? 67   TYR A OH  1 
ATOM   532  N  N   . GLY A 1 68  ? 0.719   -2.128  -9.526  1.00   14.78 ? 68   GLY A N   1 
ATOM   533  C  CA  . GLY A 1 68  ? -0.571  -2.235  -8.861  1.00   13.73 ? 68   GLY A CA  1 
ATOM   534  C  C   . GLY A 1 68  ? -0.697  -3.608  -8.223  1.00   14.06 ? 68   GLY A C   1 
ATOM   535  O  O   . GLY A 1 68  ? -1.186  -3.742  -7.099  1.00   13.11 ? 68   GLY A O   1 
ATOM   536  N  N   . ARG A 1 69  ? -0.238  -4.636  -8.936  1.00   13.73 ? 69   ARG A N   1 
ATOM   537  C  CA  . ARG A 1 69  ? -0.304  -6.000  -8.402  1.00   14.21 ? 69   ARG A CA  1 
ATOM   538  C  C   . ARG A 1 69  ? 0.701   -6.237  -7.276  1.00   13.71 ? 69   ARG A C   1 
ATOM   539  O  O   . ARG A 1 69  ? 0.347   -6.839  -6.267  1.00   13.10 ? 69   ARG A O   1 
ATOM   540  C  CB  . ARG A 1 69  ? -0.137  -7.037  -9.510  1.00   13.99 ? 69   ARG A CB  1 
ATOM   541  C  CG  . ARG A 1 69  ? -0.195  -8.493  -9.029  1.00   15.10 ? 69   ARG A CG  1 
ATOM   542  C  CD  . ARG A 1 69  ? 0.461   -9.456  -10.040 1.00   16.30 ? 69   ARG A CD  1 
ATOM   543  N  NE  . ARG A 1 69  ? 1.504   -8.790  -10.822 1.00   22.45 ? 69   ARG A NE  1 
ATOM   544  C  CZ  . ARG A 1 69  ? 2.765   -8.616  -10.430 1.00   25.21 ? 69   ARG A CZ  1 
ATOM   545  N  NH1 . ARG A 1 69  ? 3.183   -9.061  -9.242  1.00   27.21 ? 69   ARG A NH1 1 
ATOM   546  N  NH2 . ARG A 1 69  ? 3.609   -7.971  -11.222 1.00   24.53 ? 69   ARG A NH2 1 
ATOM   547  N  N   . THR A 1 70  ? 1.941   -5.772  -7.444  1.00   14.01 ? 70   THR A N   1 
ATOM   548  C  CA  . THR A 1 70  ? 2.954   -5.915  -6.382  1.00   14.32 ? 70   THR A CA  1 
ATOM   549  C  C   . THR A 1 70  ? 2.523   -5.180  -5.107  1.00   13.74 ? 70   THR A C   1 
ATOM   550  O  O   . THR A 1 70  ? 2.599   -5.745  -4.016  1.00   13.34 ? 70   THR A O   1 
ATOM   551  C  CB  . THR A 1 70  ? 4.382   -5.481  -6.805  1.00   15.11 ? 70   THR A CB  1 
ATOM   552  O  OG1 . THR A 1 70  ? 4.381   -4.117  -7.246  1.00   16.81 ? 70   THR A OG1 1 
ATOM   553  C  CG2 . THR A 1 70  ? 4.909   -6.376  -7.929  1.00   16.32 ? 70   THR A CG2 1 
ATOM   554  N  N   . LEU A 1 71  ? 2.053   -3.943  -5.263  1.00   12.64 ? 71   LEU A N   1 
ATOM   555  C  CA  . LEU A 1 71  ? 1.562   -3.153  -4.140  1.00   12.48 ? 71   LEU A CA  1 
ATOM   556  C  C   . LEU A 1 71  ? 0.391   -3.834  -3.441  1.00   12.26 ? 71   LEU A C   1 
ATOM   557  O  O   . LEU A 1 71  ? 0.388   -3.970  -2.219  1.00   13.11 ? 71   LEU A O   1 
ATOM   558  C  CB  . LEU A 1 71  ? 1.117   -1.759  -4.612  1.00   12.25 ? 71   LEU A CB  1 
ATOM   559  C  CG  . LEU A 1 71  ? 0.658   -0.826  -3.484  1.00   13.54 ? 71   LEU A CG  1 
ATOM   560  C  CD1 . LEU A 1 71  ? 1.796   -0.527  -2.546  1.00   13.99 ? 71   LEU A CD1 1 
ATOM   561  C  CD2 . LEU A 1 71  ? 0.036   0.475   -4.005  1.00   12.63 ? 71   LEU A CD2 1 
ATOM   562  N  N   . GLY A 1 72  ? -0.625  -4.214  -4.213  1.00   11.75 ? 72   GLY A N   1 
ATOM   563  C  CA  . GLY A 1 72  ? -1.822  -4.847  -3.650  1.00   12.04 ? 72   GLY A CA  1 
ATOM   564  C  C   . GLY A 1 72  ? -1.469  -6.115  -2.877  1.00   12.21 ? 72   GLY A C   1 
ATOM   565  O  O   . GLY A 1 72  ? -1.902  -6.307  -1.728  1.00   11.35 ? 72   GLY A O   1 
ATOM   566  N  N   . GLU A 1 73  ? -0.671  -6.979  -3.506  1.00   12.47 ? 73   GLU A N   1 
ATOM   567  C  CA  . GLU A 1 73  ? -0.254  -8.218  -2.863  1.00   13.17 ? 73   GLU A CA  1 
ATOM   568  C  C   . GLU A 1 73  ? 0.488   -7.974  -1.558  1.00   13.09 ? 73   GLU A C   1 
ATOM   569  O  O   . GLU A 1 73  ? 0.199   -8.628  -0.546  1.00   13.11 ? 73   GLU A O   1 
ATOM   570  C  CB  . GLU A 1 73  ? 0.586   -9.081  -3.809  1.00   13.92 ? 73   GLU A CB  1 
ATOM   571  C  CG  . GLU A 1 73  ? -0.212  -9.708  -4.938  1.00   16.85 ? 73   GLU A CG  1 
ATOM   572  C  CD  . GLU A 1 73  ? -1.236  -10.734 -4.488  1.00   23.68 ? 73   GLU A CD  1 
ATOM   573  O  OE1 . GLU A 1 73  ? -1.288  -11.114 -3.294  1.00   27.23 ? 73   GLU A OE1 1 
ATOM   574  O  OE2 . GLU A 1 73  ? -1.990  -11.210 -5.361  1.00   26.53 ? 73   GLU A OE2 1 
ATOM   575  N  N   . GLU A 1 74  ? 1.436   -7.038  -1.583  1.00   12.99 ? 74   GLU A N   1 
ATOM   576  C  CA  . GLU A 1 74  ? 2.208   -6.709  -0.379  1.00   12.69 ? 74   GLU A CA  1 
ATOM   577  C  C   . GLU A 1 74  ? 1.345   -6.124  0.738   1.00   12.40 ? 74   GLU A C   1 
ATOM   578  O  O   . GLU A 1 74  ? 1.522   -6.459  1.912   1.00   12.39 ? 74   GLU A O   1 
ATOM   579  C  CB  . GLU A 1 74  ? 3.398   -5.785  -0.709  1.00   12.94 ? 74   GLU A CB  1 
ATOM   580  C  CG  . GLU A 1 74  ? 4.363   -5.574  0.491   1.00   15.32 ? 74   GLU A CG  1 
ATOM   581  C  CD  . GLU A 1 74  ? 4.877   -6.883  1.098   1.00   17.31 ? 74   GLU A CD  1 
ATOM   582  O  OE1 . GLU A 1 74  ? 5.069   -7.869  0.350   1.00   19.02 ? 74   GLU A OE1 1 
ATOM   583  O  OE2 . GLU A 1 74  ? 5.118   -6.921  2.330   1.00   19.01 ? 74   GLU A OE2 1 
ATOM   584  N  N   . LEU A 1 75  ? 0.407   -5.253  0.382   1.00   12.52 ? 75   LEU A N   1 
ATOM   585  C  CA  . LEU A 1 75  ? -0.513  -4.699  1.373   1.00   13.10 ? 75   LEU A CA  1 
ATOM   586  C  C   . LEU A 1 75  ? -1.320  -5.793  2.077   1.00   13.47 ? 75   LEU A C   1 
ATOM   587  O  O   . LEU A 1 75  ? -1.491  -5.763  3.300   1.00   13.85 ? 75   LEU A O   1 
ATOM   588  C  CB  . LEU A 1 75  ? -1.428  -3.643  0.744   1.00   13.16 ? 75   LEU A CB  1 
ATOM   589  C  CG  . LEU A 1 75  ? -0.743  -2.310  0.446   1.00   12.97 ? 75   LEU A CG  1 
ATOM   590  C  CD1 . LEU A 1 75  ? -1.579  -1.470  -0.534  1.00   13.43 ? 75   LEU A CD1 1 
ATOM   591  C  CD2 . LEU A 1 75  ? -0.486  -1.525  1.754   1.00   13.85 ? 75   LEU A CD2 1 
ATOM   592  N  N   . ILE A 1 76  ? -1.810  -6.764  1.311   1.00   13.71 ? 76   ILE A N   1 
ATOM   593  C  CA  . ILE A 1 76  ? -2.515  -7.892  1.910   1.00   14.80 ? 76   ILE A CA  1 
ATOM   594  C  C   . ILE A 1 76  ? -1.577  -8.760  2.771   1.00   14.71 ? 76   ILE A C   1 
ATOM   595  O  O   . ILE A 1 76  ? -1.980  -9.238  3.839   1.00   14.79 ? 76   ILE A O   1 
ATOM   596  C  CB  . ILE A 1 76  ? -3.284  -8.723  0.847   1.00   15.39 ? 76   ILE A CB  1 
ATOM   597  C  CG1 . ILE A 1 76  ? -4.269  -7.832  0.066   1.00   15.37 ? 76   ILE A CG1 1 
ATOM   598  C  CG2 . ILE A 1 76  ? -4.027  -9.898  1.499   1.00   16.29 ? 76   ILE A CG2 1 
ATOM   599  C  CD1 . ILE A 1 76  ? -5.292  -7.047  0.923   1.00   18.82 ? 76   ILE A CD1 1 
ATOM   600  N  N   . ARG A 1 77  ? -0.333  -8.946  2.318   1.00   15.16 ? 77   ARG A N   1 
ATOM   601  C  CA  . ARG A 1 77  ? 0.682   -9.636  3.120   1.00   15.56 ? 77   ARG A CA  1 
ATOM   602  C  C   . ARG A 1 77  ? 0.881   -8.937  4.458   1.00   15.10 ? 77   ARG A C   1 
ATOM   603  O  O   . ARG A 1 77  ? 0.914   -9.589  5.503   1.00   14.64 ? 77   ARG A O   1 
ATOM   604  C  CB  . ARG A 1 77  ? 2.032   -9.723  2.399   1.00   15.79 ? 77   ARG A CB  1 
ATOM   605  C  CG  . ARG A 1 77  ? 2.113   -10.796 1.347   1.00   18.13 ? 77   ARG A CG  1 
ATOM   606  C  CD  . ARG A 1 77  ? 3.553   -11.094 0.969   1.00   19.72 ? 77   ARG A CD  1 
ATOM   607  N  NE  . ARG A 1 77  ? 3.610   -11.688 -0.362  1.00   21.93 ? 77   ARG A NE  1 
ATOM   608  C  CZ  . ARG A 1 77  ? 3.765   -10.997 -1.488  1.00   22.51 ? 77   ARG A CZ  1 
ATOM   609  N  NH1 . ARG A 1 77  ? 3.907   -9.673  -1.457  1.00   21.96 ? 77   ARG A NH1 1 
ATOM   610  N  NH2 . ARG A 1 77  ? 3.783   -11.633 -2.645  1.00   22.42 ? 77   ARG A NH2 1 
ATOM   611  N  N   . LEU A 1 78  ? 1.017   -7.612  4.427   1.00   14.74 ? 78   LEU A N   1 
ATOM   612  C  CA  . LEU A 1 78  ? 1.239   -6.850  5.653   1.00   14.67 ? 78   LEU A CA  1 
ATOM   613  C  C   . LEU A 1 78  ? 0.059   -7.012  6.596   1.00   14.91 ? 78   LEU A C   1 
ATOM   614  O  O   . LEU A 1 78  ? 0.238   -7.264  7.785   1.00   14.75 ? 78   LEU A O   1 
ATOM   615  C  CB  . LEU A 1 78  ? 1.456   -5.366  5.339   1.00   14.53 ? 78   LEU A CB  1 
ATOM   616  C  CG  . LEU A 1 78  ? 2.851   -5.005  4.838   1.00   14.83 ? 78   LEU A CG  1 
ATOM   617  C  CD1 . LEU A 1 78  ? 2.792   -3.694  4.074   1.00   12.21 ? 78   LEU A CD1 1 
ATOM   618  C  CD2 . LEU A 1 78  ? 3.852   -4.916  5.993   1.00   14.44 ? 78   LEU A CD2 1 
ATOM   619  N  N   . LEU A 1 79  ? -1.148  -6.876  6.052   1.00   14.75 ? 79   LEU A N   1 
ATOM   620  C  CA  . LEU A 1 79  ? -2.375  -7.028  6.839   1.00   15.68 ? 79   LEU A CA  1 
ATOM   621  C  C   . LEU A 1 79  ? -2.495  -8.423  7.473   1.00   14.95 ? 79   LEU A C   1 
ATOM   622  O  O   . LEU A 1 79  ? -2.776  -8.563  8.665   1.00   15.39 ? 79   LEU A O   1 
ATOM   623  C  CB  . LEU A 1 79  ? -3.591  -6.756  5.958   1.00   15.90 ? 79   LEU A CB  1 
ATOM   624  C  CG  . LEU A 1 79  ? -4.514  -5.631  6.393   1.00   19.54 ? 79   LEU A CG  1 
ATOM   625  C  CD1 . LEU A 1 79  ? -5.481  -5.307  5.247   1.00   20.78 ? 79   LEU A CD1 1 
ATOM   626  C  CD2 . LEU A 1 79  ? -5.256  -6.007  7.671   1.00   22.38 ? 79   LEU A CD2 1 
ATOM   627  N  N   . LYS A 1 80  ? -2.274  -9.459  6.673   1.00   14.77 ? 80   LYS A N   1 
ATOM   628  C  CA  . LYS A 1 80  ? -2.355  -10.828 7.176   1.00   14.52 ? 80   LYS A CA  1 
ATOM   629  C  C   . LYS A 1 80  ? -1.320  -11.103 8.262   1.00   14.75 ? 80   LYS A C   1 
ATOM   630  O  O   . LYS A 1 80  ? -1.565  -11.905 9.160   1.00   15.44 ? 80   LYS A O   1 
ATOM   631  C  CB  . LYS A 1 80  ? -2.194  -11.831 6.030   1.00   14.10 ? 80   LYS A CB  1 
ATOM   632  C  CG  . LYS A 1 80  ? -3.410  -11.919 5.139   1.00   14.96 ? 80   LYS A CG  1 
ATOM   633  C  CD  . LYS A 1 80  ? -3.168  -12.915 4.011   1.00   16.89 ? 80   LYS A CD  1 
ATOM   634  C  CE  . LYS A 1 80  ? -4.403  -13.043 3.154   1.00   18.89 ? 80   LYS A CE  1 
ATOM   635  N  NZ  . LYS A 1 80  ? -4.047  -13.762 1.900   1.00   21.55 ? 80   LYS A NZ  1 
ATOM   636  N  N   . ALA A 1 81  ? -0.184  -10.418 8.187   1.00   15.32 ? 81   ALA A N   1 
ATOM   637  C  CA  . ALA A 1 81  ? 0.918   -10.557 9.144   1.00   15.46 ? 81   ALA A CA  1 
ATOM   638  C  C   . ALA A 1 81  ? 0.750   -9.705  10.409  1.00   16.04 ? 81   ALA A C   1 
ATOM   639  O  O   . ALA A 1 81  ? 1.556   -9.818  11.322  1.00   16.09 ? 81   ALA A O   1 
ATOM   640  C  CB  . ALA A 1 81  ? 2.264   -10.209 8.462   1.00   15.63 ? 81   ALA A CB  1 
ATOM   641  N  N   . ALA A 1 82  ? -0.293  -8.869  10.462  1.00   16.54 ? 82   ALA A N   1 
ATOM   642  C  CA  . ALA A 1 82  ? -0.443  -7.844  11.515  1.00   17.05 ? 82   ALA A CA  1 
ATOM   643  C  C   . ALA A 1 82  ? -0.593  -8.357  12.959  1.00   17.92 ? 82   ALA A C   1 
ATOM   644  O  O   . ALA A 1 82  ? -0.409  -7.587  13.916  1.00   17.64 ? 82   ALA A O   1 
ATOM   645  C  CB  . ALA A 1 82  ? -1.603  -6.924  11.180  1.00   17.20 ? 82   ALA A CB  1 
ATOM   646  N  N   . SER A 1 83  ? -0.966  -9.626  13.121  1.00   18.44 ? 83   SER A N   1 
ATOM   647  C  CA  . SER A 1 83  ? -1.093  -10.207 14.458  1.00   19.55 ? 83   SER A CA  1 
ATOM   648  C  C   . SER A 1 83  ? 0.078   -11.124 14.821  1.00   20.02 ? 83   SER A C   1 
ATOM   649  O  O   . SER A 1 83  ? 0.084   -11.699 15.906  1.00   20.93 ? 83   SER A O   1 
ATOM   650  C  CB  . SER A 1 83  ? -2.408  -10.975 14.600  1.00   19.37 ? 83   SER A CB  1 
ATOM   651  O  OG  . SER A 1 83  ? -2.384  -12.101 13.757  1.00   20.52 ? 83   SER A OG  1 
ATOM   652  N  N   . ASN A 1 84  ? 1.061   -11.246 13.930  1.00   20.70 ? 84   ASN A N   1 
ATOM   653  C  CA  . ASN A 1 84  ? 2.234   -12.082 14.184  1.00   21.80 ? 84   ASN A CA  1 
ATOM   654  C  C   . ASN A 1 84  ? 3.510   -11.248 14.173  1.00   21.78 ? 84   ASN A C   1 
ATOM   655  O  O   . ASN A 1 84  ? 4.031   -10.941 13.105  1.00   21.70 ? 84   ASN A O   1 
ATOM   656  C  CB  . ASN A 1 84  ? 2.304   -13.202 13.140  1.00   22.28 ? 84   ASN A CB  1 
ATOM   657  C  CG  . ASN A 1 84  ? 3.435   -14.180 13.390  1.00   23.91 ? 84   ASN A CG  1 
ATOM   658  O  OD1 . ASN A 1 84  ? 4.522   -13.806 13.822  1.00   25.36 ? 84   ASN A OD1 1 
ATOM   659  N  ND2 . ASN A 1 84  ? 3.183   -15.453 13.084  1.00   26.87 ? 84   ASN A ND2 1 
ATOM   660  N  N   . PRO A 1 85  ? 4.019   -10.885 15.364  1.00   22.46 ? 85   PRO A N   1 
ATOM   661  C  CA  . PRO A 1 85  ? 5.162   -9.978  15.479  1.00   22.59 ? 85   PRO A CA  1 
ATOM   662  C  C   . PRO A 1 85  ? 6.355   -10.320 14.575  1.00   22.37 ? 85   PRO A C   1 
ATOM   663  O  O   . PRO A 1 85  ? 6.916   -9.419  13.950  1.00   22.50 ? 85   PRO A O   1 
ATOM   664  C  CB  . PRO A 1 85  ? 5.529   -10.069 16.959  1.00   22.75 ? 85   PRO A CB  1 
ATOM   665  C  CG  . PRO A 1 85  ? 4.225   -10.358 17.636  1.00   23.24 ? 85   PRO A CG  1 
ATOM   666  C  CD  . PRO A 1 85  ? 3.518   -11.294 16.690  1.00   22.92 ? 85   PRO A CD  1 
ATOM   667  N  N   . SER A 1 86  ? 6.723   -11.598 14.477  1.00   22.49 ? 86   SER A N   1 
ATOM   668  C  CA  . SER A 1 86  ? 7.907   -11.982 13.691  1.00   22.22 ? 86   SER A CA  1 
ATOM   669  C  C   . SER A 1 86  ? 7.686   -11.920 12.178  1.00   21.38 ? 86   SER A C   1 
ATOM   670  O  O   . SER A 1 86  ? 8.585   -11.530 11.430  1.00   20.85 ? 86   SER A O   1 
ATOM   671  C  CB  . SER A 1 86  ? 8.444   -13.358 14.120  1.00   22.77 ? 86   SER A CB  1 
ATOM   672  O  OG  . SER A 1 86  ? 7.683   -14.416 13.567  1.00   25.33 ? 86   SER A OG  1 
ATOM   673  N  N   . VAL A 1 87  ? 6.496   -12.313 11.730  1.00   21.02 ? 87   VAL A N   1 
ATOM   674  C  CA  . VAL A 1 87  ? 6.163   -12.253 10.305  1.00   20.74 ? 87   VAL A CA  1 
ATOM   675  C  C   . VAL A 1 87  ? 5.982   -10.793 9.864   1.00   20.15 ? 87   VAL A C   1 
ATOM   676  O  O   . VAL A 1 87  ? 6.418   -10.413 8.781   1.00   20.27 ? 87   VAL A O   1 
ATOM   677  C  CB  . VAL A 1 87  ? 4.923   -13.119 9.956   1.00   20.79 ? 87   VAL A CB  1 
ATOM   678  C  CG1 . VAL A 1 87  ? 4.598   -13.037 8.472   1.00   21.25 ? 87   VAL A CG1 1 
ATOM   679  C  CG2 . VAL A 1 87  ? 5.179   -14.585 10.337  1.00   21.62 ? 87   VAL A CG2 1 
ATOM   680  N  N   . LEU A 1 88  ? 5.340   -9.983  10.702  1.00   19.64 ? 88   LEU A N   1 
ATOM   681  C  CA  . LEU A 1 88  ? 5.192   -8.561  10.395  1.00   18.87 ? 88   LEU A CA  1 
ATOM   682  C  C   . LEU A 1 88  ? 6.565   -7.894  10.257  1.00   18.86 ? 88   LEU A C   1 
ATOM   683  O  O   . LEU A 1 88  ? 6.804   -7.145  9.309   1.00   18.92 ? 88   LEU A O   1 
ATOM   684  C  CB  . LEU A 1 88  ? 4.340   -7.843  11.443  1.00   18.50 ? 88   LEU A CB  1 
ATOM   685  C  CG  . LEU A 1 88  ? 4.071   -6.359  11.147  1.00   18.88 ? 88   LEU A CG  1 
ATOM   686  C  CD1 . LEU A 1 88  ? 3.274   -6.186  9.851   1.00   19.06 ? 88   LEU A CD1 1 
ATOM   687  C  CD2 . LEU A 1 88  ? 3.317   -5.737  12.308  1.00   19.29 ? 88   LEU A CD2 1 
ATOM   688  N  N   . GLU A 1 89  ? 7.476   -8.195  11.183  1.00   19.07 ? 89   GLU A N   1 
ATOM   689  C  CA  . GLU A 1 89  ? 8.829   -7.666  11.096  1.00   19.31 ? 89   GLU A CA  1 
ATOM   690  C  C   . GLU A 1 89  ? 9.537   -8.119  9.806   1.00   19.11 ? 89   GLU A C   1 
ATOM   691  O  O   . GLU A 1 89  ? 10.259  -7.339  9.203   1.00   18.76 ? 89   GLU A O   1 
ATOM   692  C  CB  . GLU A 1 89  ? 9.645   -8.020  12.352  1.00   19.72 ? 89   GLU A CB  1 
ATOM   693  C  CG  . GLU A 1 89  ? 11.125  -7.604  12.294  1.00   21.61 ? 89   GLU A CG  1 
ATOM   694  C  CD  . GLU A 1 89  ? 11.366  -6.093  12.404  1.00   26.29 ? 89   GLU A CD  1 
ATOM   695  O  OE1 . GLU A 1 89  ? 10.412  -5.321  12.662  1.00   28.84 ? 89   GLU A OE1 1 
ATOM   696  O  OE2 . GLU A 1 89  ? 12.532  -5.676  12.228  1.00   27.19 ? 89   GLU A OE2 1 
ATOM   697  N  N   . GLU A 1 90  ? 9.330   -9.371  9.391   1.00   19.30 ? 90   GLU A N   1 
ATOM   698  C  CA  . GLU A 1 90  ? 9.812   -9.848  8.085   1.00   19.91 ? 90   GLU A CA  1 
ATOM   699  C  C   . GLU A 1 90  ? 9.312   -8.954  6.932   1.00   19.02 ? 90   GLU A C   1 
ATOM   700  O  O   . GLU A 1 90  ? 10.067  -8.635  6.008   1.00   17.65 ? 90   GLU A O   1 
ATOM   701  C  CB  . GLU A 1 90  ? 9.363   -11.291 7.823   1.00   20.10 ? 90   GLU A CB  1 
ATOM   702  C  CG  . GLU A 1 90  ? 10.139  -12.357 8.588   1.00   22.15 ? 90   GLU A CG  1 
ATOM   703  C  CD  . GLU A 1 90  ? 9.454   -13.728 8.575   1.00   22.73 ? 90   GLU A CD  1 
ATOM   704  O  OE1 . GLU A 1 90  ? 8.548   -13.967 7.737   1.00   25.81 ? 90   GLU A OE1 1 
ATOM   705  O  OE2 . GLU A 1 90  ? 9.829   -14.572 9.417   1.00   27.72 ? 90   GLU A OE2 1 
ATOM   706  N  N   . ARG A 1 91  ? 8.043   -8.558  6.998   1.00   17.98 ? 91   ARG A N   1 
ATOM   707  C  CA  . ARG A 1 91  ? 7.456   -7.724  5.948   1.00   17.78 ? 91   ARG A CA  1 
ATOM   708  C  C   . ARG A 1 91  ? 7.999   -6.303  5.998   1.00   17.54 ? 91   ARG A C   1 
ATOM   709  O  O   . ARG A 1 91  ? 8.174   -5.660  4.959   1.00   17.33 ? 91   ARG A O   1 
ATOM   710  C  CB  . ARG A 1 91  ? 5.926   -7.700  6.040   1.00   17.88 ? 91   ARG A CB  1 
ATOM   711  C  CG  . ARG A 1 91  ? 5.226   -9.053  5.900   1.00   18.91 ? 91   ARG A CG  1 
ATOM   712  C  CD  . ARG A 1 91  ? 5.932   -10.002 4.929   1.00   22.30 ? 91   ARG A CD  1 
ATOM   713  N  NE  . ARG A 1 91  ? 5.993   -9.525  3.545   1.00   24.19 ? 91   ARG A NE  1 
ATOM   714  C  CZ  . ARG A 1 91  ? 6.879   -9.970  2.653   1.00   25.44 ? 91   ARG A CZ  1 
ATOM   715  N  NH1 . ARG A 1 91  ? 7.771   -10.890 3.000   1.00   27.76 ? 91   ARG A NH1 1 
ATOM   716  N  NH2 . ARG A 1 91  ? 6.881   -9.507  1.419   1.00   25.81 ? 91   ARG A NH2 1 
ATOM   717  N  N   . ILE A 1 92  ? 8.225   -5.808  7.213   1.00   17.66 ? 92   ILE A N   1 
ATOM   718  C  CA  . ILE A 1 92  ? 8.780   -4.479  7.406   1.00   17.01 ? 92   ILE A CA  1 
ATOM   719  C  C   . ILE A 1 92  ? 10.210  -4.465  6.840   1.00   17.74 ? 92   ILE A C   1 
ATOM   720  O  O   . ILE A 1 92  ? 10.592  -3.514  6.148   1.00   17.31 ? 92   ILE A O   1 
ATOM   721  C  CB  . ILE A 1 92  ? 8.691   -4.041  8.899   1.00   17.44 ? 92   ILE A CB  1 
ATOM   722  C  CG1 . ILE A 1 92  ? 7.218   -3.820  9.297   1.00   16.97 ? 92   ILE A CG1 1 
ATOM   723  C  CG2 . ILE A 1 92  ? 9.490   -2.781  9.145   1.00   15.54 ? 92   ILE A CG2 1 
ATOM   724  C  CD1 . ILE A 1 92  ? 6.972   -3.809  10.790  1.00   19.18 ? 92   ILE A CD1 1 
ATOM   725  N  N   . VAL A 1 93  ? 10.973  -5.539  7.097   1.00   18.27 ? 93   VAL A N   1 
ATOM   726  C  CA  . VAL A 1 93  ? 12.317  -5.697  6.518   1.00   18.67 ? 93   VAL A CA  1 
ATOM   727  C  C   . VAL A 1 93  ? 12.272  -5.730  4.986   1.00   19.13 ? 93   VAL A C   1 
ATOM   728  O  O   . VAL A 1 93  ? 13.060  -5.054  4.321   1.00   19.45 ? 93   VAL A O   1 
ATOM   729  C  CB  . VAL A 1 93  ? 13.065  -6.951  7.086   1.00   19.02 ? 93   VAL A CB  1 
ATOM   730  C  CG1 . VAL A 1 93  ? 14.338  -7.246  6.289   1.00   18.33 ? 93   VAL A CG1 1 
ATOM   731  C  CG2 . VAL A 1 93  ? 13.415  -6.736  8.546   1.00   18.44 ? 93   VAL A CG2 1 
ATOM   732  N  N   . GLN A 1 94  ? 11.330  -6.495  4.437   1.00   19.39 ? 94   GLN A N   1 
ATOM   733  C  CA  . GLN A 1 94  ? 11.140  -6.543  2.987   1.00   20.27 ? 94   GLN A CA  1 
ATOM   734  C  C   . GLN A 1 94  ? 10.754  -5.167  2.459   1.00   20.06 ? 94   GLN A C   1 
ATOM   735  O  O   . GLN A 1 94  ? 11.235  -4.748  1.411   1.00   21.10 ? 94   GLN A O   1 
ATOM   736  C  CB  . GLN A 1 94  ? 10.105  -7.602  2.588   1.00   20.43 ? 94   GLN A CB  1 
ATOM   737  C  CG  . GLN A 1 94  ? 10.030  -7.834  1.070   1.00   22.85 ? 94   GLN A CG  1 
ATOM   738  C  CD  . GLN A 1 94  ? 11.333  -8.360  0.497   1.00   26.40 ? 94   GLN A CD  1 
ATOM   739  O  OE1 . GLN A 1 94  ? 11.838  -9.392  0.945   1.00   27.40 ? 94   GLN A OE1 1 
ATOM   740  N  NE2 . GLN A 1 94  ? 11.885  -7.659  -0.495  1.00   24.62 ? 94   GLN A NE2 1 
ATOM   741  N  N   . GLY A 1 95  ? 9.919   -4.453  3.214   1.00   19.69 ? 95   GLY A N   1 
ATOM   742  C  CA  . GLY A 1 95  ? 9.536   -3.093  2.861   1.00   19.17 ? 95   GLY A CA  1 
ATOM   743  C  C   . GLY A 1 95  ? 10.742  -2.194  2.681   1.00   19.39 ? 95   GLY A C   1 
ATOM   744  O  O   . GLY A 1 95  ? 10.859  -1.491  1.681   1.00   18.80 ? 95   GLY A O   1 
ATOM   745  N  N   . ALA A 1 96  ? 11.643  -2.224  3.662   1.00   19.33 ? 96   ALA A N   1 
ATOM   746  C  CA  . ALA A 1 96  ? 12.848  -1.422  3.626   1.00   19.87 ? 96   ALA A CA  1 
ATOM   747  C  C   . ALA A 1 96  ? 13.730  -1.798  2.438   1.00   19.90 ? 96   ALA A C   1 
ATOM   748  O  O   . ALA A 1 96  ? 14.262  -0.932  1.776   1.00   20.55 ? 96   ALA A O   1 
ATOM   749  C  CB  . ALA A 1 96  ? 13.608  -1.553  4.940   1.00   19.85 ? 96   ALA A CB  1 
ATOM   750  N  N   . LYS A 1 97  ? 13.869  -3.091  2.175   1.00   21.02 ? 97   LYS A N   1 
ATOM   751  C  CA  . LYS A 1 97  ? 14.624  -3.572  1.017   1.00   21.62 ? 97   LYS A CA  1 
ATOM   752  C  C   . LYS A 1 97  ? 13.995  -3.079  -0.282  1.00   21.37 ? 97   LYS A C   1 
ATOM   753  O  O   . LYS A 1 97  ? 14.711  -2.643  -1.190  1.00   21.61 ? 97   LYS A O   1 
ATOM   754  C  CB  . LYS A 1 97  ? 14.679  -5.092  1.024   1.00   21.93 ? 97   LYS A CB  1 
ATOM   755  C  CG  . LYS A 1 97  ? 15.565  -5.660  2.120   1.00   24.07 ? 97   LYS A CG  1 
ATOM   756  C  CD  . LYS A 1 97  ? 15.402  -7.167  2.181   1.00   27.51 ? 97   LYS A CD  1 
ATOM   757  C  CE  . LYS A 1 97  ? 16.457  -7.794  3.057   1.00   27.59 ? 97   LYS A CE  1 
ATOM   758  N  NZ  . LYS A 1 97  ? 16.381  -9.274  2.932   1.00   30.74 ? 97   LYS A NZ  1 
ATOM   759  N  N   . ASP A 1 98  ? 12.666  -3.150  -0.356  1.00   20.79 ? 98   ASP A N   1 
ATOM   760  C  CA  . ASP A 1 98  ? 11.926  -2.682  -1.531  1.00   20.69 ? 98   ASP A CA  1 
ATOM   761  C  C   . ASP A 1 98  ? 12.099  -1.189  -1.866  1.00   20.57 ? 98   ASP A C   1 
ATOM   762  O  O   . ASP A 1 98  ? 11.977  -0.805  -3.040  1.00   20.36 ? 98   ASP A O   1 
ATOM   763  C  CB  . ASP A 1 98  ? 10.444  -3.028  -1.409  1.00   20.42 ? 98   ASP A CB  1 
ATOM   764  C  CG  . ASP A 1 98  ? 10.176  -4.509  -1.631  1.00   20.93 ? 98   ASP A CG  1 
ATOM   765  O  OD1 . ASP A 1 98  ? 11.068  -5.199  -2.164  1.00   22.10 ? 98   ASP A OD1 1 
ATOM   766  O  OD2 . ASP A 1 98  ? 9.079   -4.977  -1.279  1.00   20.52 ? 98   ASP A OD2 1 
ATOM   767  N  N   . HIS A 1 99  ? 12.381  -0.374  -0.843  1.00   20.15 ? 99   HIS A N   1 
ATOM   768  C  CA  . HIS A 1 99  ? 12.381  1.093   -0.963  1.00   19.93 ? 99   HIS A CA  1 
ATOM   769  C  C   . HIS A 1 99  ? 13.717  1.784   -0.694  1.00   20.52 ? 99   HIS A C   1 
ATOM   770  O  O   . HIS A 1 99  ? 13.889  2.949   -1.031  1.00   21.06 ? 99   HIS A O   1 
ATOM   771  C  CB  . HIS A 1 99  ? 11.277  1.703   -0.093  1.00   19.37 ? 99   HIS A CB  1 
ATOM   772  C  CG  . HIS A 1 99  ? 9.907   1.251   -0.480  1.00   17.51 ? 99   HIS A CG  1 
ATOM   773  N  ND1 . HIS A 1 99  ? 9.312   0.133   0.065   1.00   15.91 ? 99   HIS A ND1 1 
ATOM   774  C  CD2 . HIS A 1 99  ? 9.041   1.727   -1.403  1.00   16.84 ? 99   HIS A CD2 1 
ATOM   775  C  CE1 . HIS A 1 99  ? 8.122   -0.038  -0.481  1.00   15.33 ? 99   HIS A CE1 1 
ATOM   776  N  NE2 . HIS A 1 99  ? 7.935   0.909   -1.381  1.00   13.38 ? 99   HIS A NE2 1 
ATOM   777  N  N   . LYS A 1 100 ? 14.653  1.066   -0.087  1.00   21.46 ? 100  LYS A N   1 
ATOM   778  C  CA  . LYS A 1 100 ? 16.017  1.565   0.096   1.00   21.74 ? 100  LYS A CA  1 
ATOM   779  C  C   . LYS A 1 100 ? 16.676  1.721   -1.284  1.00   21.34 ? 100  LYS A C   1 
ATOM   780  O  O   . LYS A 1 100 ? 16.397  0.946   -2.209  1.00   20.79 ? 100  LYS A O   1 
ATOM   781  C  CB  . LYS A 1 100 ? 16.785  0.576   0.985   1.00   22.73 ? 100  LYS A CB  1 
ATOM   782  C  CG  . LYS A 1 100 ? 18.256  0.825   1.208   1.00   25.51 ? 100  LYS A CG  1 
ATOM   783  C  CD  . LYS A 1 100 ? 18.921  -0.454  1.732   1.00   29.91 ? 100  LYS A CD  1 
ATOM   784  C  CE  . LYS A 1 100 ? 18.899  -1.596  0.698   1.00   31.98 ? 100  LYS A CE  1 
ATOM   785  N  NZ  . LYS A 1 100 ? 20.057  -1.529  -0.253  1.00   32.52 ? 100  LYS A NZ  1 
ATOM   786  N  N   . ALA A 1 101 ? 17.530  2.737   -1.411  1.00   20.42 ? 101  ALA A N   1 
ATOM   787  C  CA  . ALA A 1 101 ? 18.275  3.004   -2.641  1.00   20.02 ? 101  ALA A CA  1 
ATOM   788  C  C   . ALA A 1 101 ? 17.316  3.192   -3.817  1.00   19.91 ? 101  ALA A C   1 
ATOM   789  O  O   . ALA A 1 101 ? 17.515  2.623   -4.890  1.00   19.88 ? 101  ALA A O   1 
ATOM   790  C  CB  . ALA A 1 101 ? 19.292  1.883   -2.927  1.00   19.84 ? 101  ALA A CB  1 
ATOM   791  N  N   . ARG A 1 102 ? 16.266  3.976   -3.583  1.00   19.53 ? 102  ARG A N   1 
ATOM   792  C  CA  . ARG A 1 102 ? 15.266  4.280   -4.595  1.00   19.43 ? 102  ARG A CA  1 
ATOM   793  C  C   . ARG A 1 102 ? 15.035  5.779   -4.638  1.00   18.61 ? 102  ARG A C   1 
ATOM   794  O  O   . ARG A 1 102 ? 15.462  6.499   -3.723  1.00   18.30 ? 102  ARG A O   1 
ATOM   795  C  CB  . ARG A 1 102 ? 13.975  3.501   -4.312  1.00   19.72 ? 102  ARG A CB  1 
ATOM   796  C  CG  . ARG A 1 102 ? 14.069  2.038   -4.712  1.00   22.46 ? 102  ARG A CG  1 
ATOM   797  C  CD  . ARG A 1 102 ? 13.967  1.932   -6.229  1.00   27.13 ? 102  ARG A CD  1 
ATOM   798  N  NE  . ARG A 1 102 ? 14.785  0.888   -6.833  1.00   31.78 ? 102  ARG A NE  1 
ATOM   799  C  CZ  . ARG A 1 102 ? 14.571  -0.419  -6.725  1.00   33.17 ? 102  ARG A CZ  1 
ATOM   800  N  NH1 . ARG A 1 102 ? 13.572  -0.888  -5.989  1.00   35.37 ? 102  ARG A NH1 1 
ATOM   801  N  NH2 . ARG A 1 102 ? 15.382  -1.263  -7.340  1.00   34.36 ? 102  ARG A NH2 1 
ATOM   802  N  N   . PRO A 1 103 ? 14.408  6.279   -5.720  1.00   18.06 ? 103  PRO A N   1 
ATOM   803  C  CA  . PRO A 1 103 ? 14.242  7.721   -5.772  1.00   17.90 ? 103  PRO A CA  1 
ATOM   804  C  C   . PRO A 1 103 ? 13.353  8.269   -4.651  1.00   17.70 ? 103  PRO A C   1 
ATOM   805  O  O   . PRO A 1 103 ? 13.433  9.457   -4.345  1.00   18.48 ? 103  PRO A O   1 
ATOM   806  C  CB  . PRO A 1 103 ? 13.633  7.952   -7.168  1.00   17.91 ? 103  PRO A CB  1 
ATOM   807  C  CG  . PRO A 1 103 ? 14.046  6.726   -7.953  1.00   17.91 ? 103  PRO A CG  1 
ATOM   808  C  CD  . PRO A 1 103 ? 13.894  5.635   -6.941  1.00   17.72 ? 103  PRO A CD  1 
ATOM   809  N  N   . VAL A 1 104 ? 12.541  7.417   -4.020  1.00   17.26 ? 104  VAL A N   1 
ATOM   810  C  CA  . VAL A 1 104 ? 11.698  7.859   -2.897  1.00   16.23 ? 104  VAL A CA  1 
ATOM   811  C  C   . VAL A 1 104 ? 12.492  8.029   -1.589  1.00   16.80 ? 104  VAL A C   1 
ATOM   812  O  O   . VAL A 1 104 ? 13.331  7.189   -1.244  1.00   17.35 ? 104  VAL A O   1 
ATOM   813  C  CB  . VAL A 1 104 ? 10.466  6.941   -2.698  1.00   16.10 ? 104  VAL A CB  1 
ATOM   814  C  CG1 . VAL A 1 104 ? 10.876  5.499   -2.347  1.00   14.43 ? 104  VAL A CG1 1 
ATOM   815  C  CG2 . VAL A 1 104 ? 9.532   7.521   -1.653  1.00   14.91 ? 104  VAL A CG2 1 
ATOM   816  N  N   . THR A 1 105 ? 12.241  9.129   -0.884  1.00   16.35 ? 105  THR A N   1 
ATOM   817  C  CA  . THR A 1 105 ? 12.924  9.407   0.377   1.00   17.07 ? 105  THR A CA  1 
ATOM   818  C  C   . THR A 1 105 ? 12.070  8.955   1.561   1.00   16.88 ? 105  THR A C   1 
ATOM   819  O  O   . THR A 1 105 ? 10.868  8.729   1.427   1.00   17.27 ? 105  THR A O   1 
ATOM   820  C  CB  . THR A 1 105 ? 13.220  10.909  0.545   1.00   16.40 ? 105  THR A CB  1 
ATOM   821  O  OG1 . THR A 1 105 ? 11.981  11.611  0.693   1.00   16.37 ? 105  THR A OG1 1 
ATOM   822  C  CG2 . THR A 1 105 ? 13.986  11.462  -0.653  1.00   18.20 ? 105  THR A CG2 1 
ATOM   823  N  N   . LYS A 1 106 ? 12.712  8.820   2.722   1.00   17.29 ? 106  LYS A N   1 
ATOM   824  C  CA  . LYS A 1 106 ? 12.038  8.555   3.992   1.00   18.07 ? 106  LYS A CA  1 
ATOM   825  C  C   . LYS A 1 106 ? 10.820  9.463   4.243   1.00   17.79 ? 106  LYS A C   1 
ATOM   826  O  O   . LYS A 1 106 ? 9.751   8.970   4.614   1.00   17.26 ? 106  LYS A O   1 
ATOM   827  C  CB  . LYS A 1 106 ? 13.049  8.684   5.149   1.00   18.26 ? 106  LYS A CB  1 
ATOM   828  C  CG  . LYS A 1 106 ? 14.140  7.593   5.113   1.00   19.69 ? 106  LYS A CG  1 
ATOM   829  C  CD  . LYS A 1 106 ? 15.437  8.010   5.825   1.00   20.23 ? 106  LYS A CD  1 
ATOM   830  C  CE  . LYS A 1 106 ? 15.232  8.116   7.319   1.00   23.59 ? 106  LYS A CE  1 
ATOM   831  N  NZ  . LYS A 1 106 ? 14.906  6.789   7.923   1.00   25.58 ? 106  LYS A NZ  1 
ATOM   832  N  N   . ASP A 1 107 ? 10.985  10.773  4.031   1.00   17.70 ? 107  ASP A N   1 
ATOM   833  C  CA  . ASP A 1 107 ? 9.914   11.754  4.294   1.00   18.39 ? 107  ASP A CA  1 
ATOM   834  C  C   . ASP A 1 107 ? 8.744   11.646  3.318   1.00   17.81 ? 107  ASP A C   1 
ATOM   835  O  O   . ASP A 1 107 ? 7.563   11.806  3.707   1.00   17.42 ? 107  ASP A O   1 
ATOM   836  C  CB  . ASP A 1 107 ? 10.465  13.192  4.268   1.00   18.87 ? 107  ASP A CB  1 
ATOM   837  C  CG  . ASP A 1 107 ? 11.254  13.547  5.527   1.00   21.00 ? 107  ASP A CG  1 
ATOM   838  O  OD1 . ASP A 1 107 ? 11.279  12.747  6.485   1.00   21.74 ? 107  ASP A OD1 1 
ATOM   839  O  OD2 . ASP A 1 107 ? 11.853  14.643  5.545   1.00   24.11 ? 107  ASP A OD2 1 
ATOM   840  N  N   . GLN A 1 108 ? 9.073   11.391  2.051   1.00   16.81 ? 108  GLN A N   1 
ATOM   841  C  CA  . GLN A 1 108 ? 8.060   11.199  1.017   1.00   16.27 ? 108  GLN A CA  1 
ATOM   842  C  C   . GLN A 1 108 ? 7.269   9.917   1.283   1.00   15.95 ? 108  GLN A C   1 
ATOM   843  O  O   . GLN A 1 108 ? 6.051   9.869   1.062   1.00   15.99 ? 108  GLN A O   1 
ATOM   844  C  CB  . GLN A 1 108 ? 8.707   11.154  -0.358  1.00   16.52 ? 108  GLN A CB  1 
ATOM   845  C  CG  . GLN A 1 108 ? 9.231   12.507  -0.820  1.00   17.53 ? 108  GLN A CG  1 
ATOM   846  C  CD  . GLN A 1 108 ? 10.089  12.413  -2.052  1.00   19.21 ? 108  GLN A CD  1 
ATOM   847  O  OE1 . GLN A 1 108 ? 10.658  11.365  -2.361  1.00   21.02 ? 108  GLN A OE1 1 
ATOM   848  N  NE2 . GLN A 1 108 ? 10.201  13.522  -2.767  1.00   20.77 ? 108  GLN A NE2 1 
ATOM   849  N  N   . PHE A 1 109 ? 7.962   8.895   1.787   1.00   15.15 ? 109  PHE A N   1 
ATOM   850  C  CA  . PHE A 1 109 ? 7.333   7.613   2.083   1.00   14.81 ? 109  PHE A CA  1 
ATOM   851  C  C   . PHE A 1 109 ? 6.292   7.773   3.193   1.00   14.97 ? 109  PHE A C   1 
ATOM   852  O  O   . PHE A 1 109 ? 5.113   7.470   3.000   1.00   15.23 ? 109  PHE A O   1 
ATOM   853  C  CB  . PHE A 1 109 ? 8.382   6.560   2.457   1.00   14.68 ? 109  PHE A CB  1 
ATOM   854  C  CG  . PHE A 1 109 ? 7.842   5.154   2.480   1.00   14.53 ? 109  PHE A CG  1 
ATOM   855  C  CD1 . PHE A 1 109 ? 7.801   4.398   1.314   1.00   13.77 ? 109  PHE A CD1 1 
ATOM   856  C  CD2 . PHE A 1 109 ? 7.369   4.597   3.665   1.00   15.21 ? 109  PHE A CD2 1 
ATOM   857  C  CE1 . PHE A 1 109 ? 7.286   3.114   1.320   1.00   13.91 ? 109  PHE A CE1 1 
ATOM   858  C  CE2 . PHE A 1 109 ? 6.858   3.305   3.697   1.00   15.55 ? 109  PHE A CE2 1 
ATOM   859  C  CZ  . PHE A 1 109 ? 6.811   2.558   2.517   1.00   15.10 ? 109  PHE A CZ  1 
ATOM   860  N  N   . THR A 1 110 ? 6.716   8.290   4.344   1.00   15.25 ? 110  THR A N   1 
ATOM   861  C  CA  . THR A 1 110 ? 5.797   8.459   5.473   1.00   15.43 ? 110  THR A CA  1 
ATOM   862  C  C   . THR A 1 110 ? 4.748   9.519   5.139   1.00   15.45 ? 110  THR A C   1 
ATOM   863  O  O   . THR A 1 110 ? 3.607   9.451   5.612   1.00   15.08 ? 110  THR A O   1 
ATOM   864  C  CB  . THR A 1 110 ? 6.537   8.838   6.770   1.00   15.94 ? 110  THR A CB  1 
ATOM   865  O  OG1 . THR A 1 110 ? 7.307   10.029  6.545   1.00   16.95 ? 110  THR A OG1 1 
ATOM   866  C  CG2 . THR A 1 110 ? 7.462   7.700   7.218   1.00   16.34 ? 110  THR A CG2 1 
ATOM   867  N  N   . GLY A 1 111 ? 5.131   10.481  4.305   1.00   15.35 ? 111  GLY A N   1 
ATOM   868  C  CA  . GLY A 1 111 ? 4.230   11.574  3.918   1.00   15.18 ? 111  GLY A CA  1 
ATOM   869  C  C   . GLY A 1 111 ? 3.081   11.111  3.046   1.00   15.43 ? 111  GLY A C   1 
ATOM   870  O  O   . GLY A 1 111 ? 2.039   11.777  2.960   1.00   15.38 ? 111  GLY A O   1 
ATOM   871  N  N   . ALA A 1 112 ? 3.250   9.942   2.427   1.00   14.25 ? 112  ALA A N   1 
ATOM   872  C  CA  . ALA A 1 112 ? 2.231   9.389   1.548   1.00   14.76 ? 112  ALA A CA  1 
ATOM   873  C  C   . ALA A 1 112 ? 1.236   8.520   2.305   1.00   14.87 ? 112  ALA A C   1 
ATOM   874  O  O   . ALA A 1 112 ? 0.210   8.125   1.744   1.00   15.26 ? 112  ALA A O   1 
ATOM   875  C  CB  . ALA A 1 112 ? 2.876   8.608   0.410   1.00   14.15 ? 112  ALA A CB  1 
ATOM   876  N  N   . ALA A 1 113 ? 1.525   8.245   3.579   1.00   15.30 ? 113  ALA A N   1 
ATOM   877  C  CA  . ALA A 1 113 ? 0.662   7.400   4.409   1.00   14.68 ? 113  ALA A CA  1 
ATOM   878  C  C   . ALA A 1 113 ? -0.817  7.822   4.375   1.00   14.60 ? 113  ALA A C   1 
ATOM   879  O  O   . ALA A 1 113 ? -1.681  6.974   4.173   1.00   14.11 ? 113  ALA A O   1 
ATOM   880  C  CB  . ALA A 1 113 ? 1.183   7.292   5.842   1.00   14.93 ? 113  ALA A CB  1 
ATOM   881  N  N   . PRO A 1 114 ? -1.120  9.131   4.540   1.00   14.79 ? 114  PRO A N   1 
ATOM   882  C  CA  . PRO A 1 114 ? -2.531  9.524   4.477   1.00   14.67 ? 114  PRO A CA  1 
ATOM   883  C  C   . PRO A 1 114 ? -3.231  9.123   3.187   1.00   14.81 ? 114  PRO A C   1 
ATOM   884  O  O   . PRO A 1 114 ? -4.430  8.845   3.224   1.00   15.14 ? 114  PRO A O   1 
ATOM   885  C  CB  . PRO A 1 114 ? -2.482  11.050  4.616   1.00   15.09 ? 114  PRO A CB  1 
ATOM   886  C  CG  . PRO A 1 114 ? -1.192  11.317  5.332   1.00   14.98 ? 114  PRO A CG  1 
ATOM   887  C  CD  . PRO A 1 114 ? -0.244  10.292  4.801   1.00   14.81 ? 114  PRO A CD  1 
ATOM   888  N  N   . ILE A 1 115 ? -2.504  9.072   2.065   1.00   14.16 ? 115  ILE A N   1 
ATOM   889  C  CA  . ILE A 1 115 ? -3.117  8.672   0.782   1.00   14.64 ? 115  ILE A CA  1 
ATOM   890  C  C   . ILE A 1 115 ? -3.555  7.205   0.843   1.00   13.81 ? 115  ILE A C   1 
ATOM   891  O  O   . ILE A 1 115 ? -4.671  6.857   0.440   1.00   12.32 ? 115  ILE A O   1 
ATOM   892  C  CB  . ILE A 1 115 ? -2.201  8.983   -0.443  1.00   14.63 ? 115  ILE A CB  1 
ATOM   893  C  CG1 . ILE A 1 115 ? -2.082  10.513  -0.621  1.00   15.38 ? 115  ILE A CG1 1 
ATOM   894  C  CG2 . ILE A 1 115 ? -2.776  8.380   -1.733  1.00   15.92 ? 115  ILE A CG2 1 
ATOM   895  C  CD1 . ILE A 1 115 ? -0.979  10.952  -1.601  1.00   16.15 ? 115  ILE A CD1 1 
ATOM   896  N  N   . PHE A 1 116 ? -2.690  6.356   1.387   1.00   13.40 ? 116  PHE A N   1 
ATOM   897  C  CA  . PHE A 1 116 ? -3.008  4.932   1.500   1.00   13.50 ? 116  PHE A CA  1 
ATOM   898  C  C   . PHE A 1 116 ? -4.112  4.700   2.505   1.00   13.42 ? 116  PHE A C   1 
ATOM   899  O  O   . PHE A 1 116 ? -5.025  3.902   2.273   1.00   13.97 ? 116  PHE A O   1 
ATOM   900  C  CB  . PHE A 1 116 ? -1.775  4.146   1.939   1.00   13.88 ? 116  PHE A CB  1 
ATOM   901  C  CG  . PHE A 1 116 ? -0.778  3.944   0.853   1.00   15.05 ? 116  PHE A CG  1 
ATOM   902  C  CD1 . PHE A 1 116 ? -0.053  5.014   0.347   1.00   17.00 ? 116  PHE A CD1 1 
ATOM   903  C  CD2 . PHE A 1 116 ? -0.560  2.675   0.326   1.00   16.47 ? 116  PHE A CD2 1 
ATOM   904  C  CE1 . PHE A 1 116 ? 0.877   4.823   -0.677  1.00   18.86 ? 116  PHE A CE1 1 
ATOM   905  C  CE2 . PHE A 1 116 ? 0.368   2.477   -0.688  1.00   16.08 ? 116  PHE A CE2 1 
ATOM   906  C  CZ  . PHE A 1 116 ? 1.080   3.531   -1.195  1.00   15.87 ? 116  PHE A CZ  1 
ATOM   907  N  N   . ILE A 1 117 ? -4.015  5.382   3.642   1.00   12.85 ? 117  ILE A N   1 
ATOM   908  C  CA  . ILE A 1 117 ? -5.004  5.237   4.714   1.00   12.62 ? 117  ILE A CA  1 
ATOM   909  C  C   . ILE A 1 117 ? -6.403  5.657   4.244   1.00   12.34 ? 117  ILE A C   1 
ATOM   910  O  O   . ILE A 1 117 ? -7.372  4.934   4.443   1.00   12.64 ? 117  ILE A O   1 
ATOM   911  C  CB  . ILE A 1 117 ? -4.626  6.062   5.972   1.00   12.46 ? 117  ILE A CB  1 
ATOM   912  C  CG1 . ILE A 1 117 ? -3.347  5.489   6.614   1.00   14.21 ? 117  ILE A CG1 1 
ATOM   913  C  CG2 . ILE A 1 117 ? -5.782  6.052   6.969   1.00   11.72 ? 117  ILE A CG2 1 
ATOM   914  C  CD1 . ILE A 1 117 ? -2.632  6.488   7.524   1.00   15.16 ? 117  ILE A CD1 1 
ATOM   915  N  N   . LYS A 1 118 ? -6.508  6.822   3.624   1.00   12.12 ? 118  LYS A N   1 
ATOM   916  C  CA  . LYS A 1 118 ? -7.816  7.313   3.215   1.00   12.51 ? 118  LYS A CA  1 
ATOM   917  C  C   . LYS A 1 118 ? -8.430  6.414   2.147   1.00   12.44 ? 118  LYS A C   1 
ATOM   918  O  O   . LYS A 1 118 ? -9.640  6.170   2.153   1.00   12.26 ? 118  LYS A O   1 
ATOM   919  C  CB  . LYS A 1 118 ? -7.744  8.769   2.767   1.00   12.81 ? 118  LYS A CB  1 
ATOM   920  C  CG  . LYS A 1 118 ? -7.592  9.723   3.932   1.00   14.94 ? 118  LYS A CG  1 
ATOM   921  C  CD  . LYS A 1 118 ? -7.368  11.133  3.423   1.00   19.61 ? 118  LYS A CD  1 
ATOM   922  C  CE  . LYS A 1 118 ? -7.402  12.142  4.553   1.00   22.06 ? 118  LYS A CE  1 
ATOM   923  N  NZ  . LYS A 1 118 ? -6.121  12.164  5.272   1.00   24.21 ? 118  LYS A NZ  1 
ATOM   924  N  N   . PHE A 1 119 ? -7.586  5.875   1.271   1.00   12.83 ? 119  PHE A N   1 
ATOM   925  C  CA  . PHE A 1 119 ? -8.051  4.890   0.292   1.00   12.99 ? 119  PHE A CA  1 
ATOM   926  C  C   . PHE A 1 119 ? -8.699  3.680   0.999   1.00   12.80 ? 119  PHE A C   1 
ATOM   927  O  O   . PHE A 1 119 ? -9.865  3.342   0.744   1.00   12.69 ? 119  PHE A O   1 
ATOM   928  C  CB  . PHE A 1 119 ? -6.917  4.441   -0.649  1.00   12.91 ? 119  PHE A CB  1 
ATOM   929  C  CG  . PHE A 1 119 ? -7.348  3.372   -1.618  1.00   14.12 ? 119  PHE A CG  1 
ATOM   930  C  CD1 . PHE A 1 119 ? -7.941  3.718   -2.828  1.00   14.84 ? 119  PHE A CD1 1 
ATOM   931  C  CD2 . PHE A 1 119 ? -7.215  2.027   -1.297  1.00   14.91 ? 119  PHE A CD2 1 
ATOM   932  C  CE1 . PHE A 1 119 ? -8.365  2.729   -3.719  1.00   16.48 ? 119  PHE A CE1 1 
ATOM   933  C  CE2 . PHE A 1 119 ? -7.638  1.033   -2.187  1.00   16.97 ? 119  PHE A CE2 1 
ATOM   934  C  CZ  . PHE A 1 119 ? -8.219  1.390   -3.391  1.00   15.49 ? 119  PHE A CZ  1 
ATOM   935  N  N   . PHE A 1 120 ? -7.961  3.041   1.903   1.00   13.35 ? 120  PHE A N   1 
ATOM   936  C  CA  . PHE A 1 120 ? -8.494  1.883   2.622   1.00   13.84 ? 120  PHE A CA  1 
ATOM   937  C  C   . PHE A 1 120 ? -9.675  2.211   3.528   1.00   14.76 ? 120  PHE A C   1 
ATOM   938  O  O   . PHE A 1 120 ? -10.606 1.427   3.629   1.00   14.77 ? 120  PHE A O   1 
ATOM   939  C  CB  . PHE A 1 120 ? -7.388  1.146   3.376   1.00   14.36 ? 120  PHE A CB  1 
ATOM   940  C  CG  . PHE A 1 120 ? -6.562  0.280   2.478   1.00   14.90 ? 120  PHE A CG  1 
ATOM   941  C  CD1 . PHE A 1 120 ? -7.104  -0.890  1.946   1.00   15.83 ? 120  PHE A CD1 1 
ATOM   942  C  CD2 . PHE A 1 120 ? -5.281  0.654   2.111   1.00   16.06 ? 120  PHE A CD2 1 
ATOM   943  C  CE1 . PHE A 1 120 ? -6.362  -1.705  1.086   1.00   15.80 ? 120  PHE A CE1 1 
ATOM   944  C  CE2 . PHE A 1 120 ? -4.527  -0.155  1.255   1.00   16.13 ? 120  PHE A CE2 1 
ATOM   945  C  CZ  . PHE A 1 120 ? -5.078  -1.333  0.737   1.00   15.63 ? 120  PHE A CZ  1 
ATOM   946  N  N   . GLN A 1 121 ? -9.673  3.390   4.146   1.00   15.22 ? 121  GLN A N   1 
ATOM   947  C  CA  . GLN A 1 121 ? -10.825 3.778   4.967   1.00   16.12 ? 121  GLN A CA  1 
ATOM   948  C  C   . GLN A 1 121 ? -12.100 3.816   4.129   1.00   17.21 ? 121  GLN A C   1 
ATOM   949  O  O   . GLN A 1 121 ? -13.192 3.454   4.607   1.00   17.70 ? 121  GLN A O   1 
ATOM   950  C  CB  . GLN A 1 121 ? -10.563 5.107   5.669   1.00   16.03 ? 121  GLN A CB  1 
ATOM   951  C  CG  . GLN A 1 121 ? -9.579  4.929   6.804   1.00   15.67 ? 121  GLN A CG  1 
ATOM   952  C  CD  . GLN A 1 121 ? -9.212  6.230   7.477   1.00   14.94 ? 121  GLN A CD  1 
ATOM   953  O  OE1 . GLN A 1 121 ? -9.092  7.266   6.825   1.00   15.48 ? 121  GLN A OE1 1 
ATOM   954  N  NE2 . GLN A 1 121 ? -8.981  6.171   8.780   1.00   13.17 ? 121  GLN A NE2 1 
ATOM   955  N  N   . GLY A 1 122 ? -11.946 4.214   2.874   1.00   16.98 ? 122  GLY A N   1 
ATOM   956  C  CA  . GLY A 1 122 ? -13.045 4.222   1.919   1.00   18.66 ? 122  GLY A CA  1 
ATOM   957  C  C   . GLY A 1 122 ? -13.644 2.859   1.616   1.00   18.68 ? 122  GLY A C   1 
ATOM   958  O  O   . GLY A 1 122 ? -14.849 2.757   1.387   1.00   19.00 ? 122  GLY A O   1 
ATOM   959  N  N   . LEU A 1 123 ? -12.817 1.813   1.620   1.00   18.97 ? 123  LEU A N   1 
ATOM   960  C  CA  . LEU A 1 123 ? -13.272 0.456   1.308   1.00   19.53 ? 123  LEU A CA  1 
ATOM   961  C  C   . LEU A 1 123 ? -13.877 -0.265  2.508   1.00   20.11 ? 123  LEU A C   1 
ATOM   962  O  O   . LEU A 1 123 ? -14.595 -1.244  2.343   1.00   20.42 ? 123  LEU A O   1 
ATOM   963  C  CB  . LEU A 1 123 ? -12.115 -0.390  0.770   1.00   19.42 ? 123  LEU A CB  1 
ATOM   964  C  CG  . LEU A 1 123 ? -11.167 0.191   -0.282  1.00   21.07 ? 123  LEU A CG  1 
ATOM   965  C  CD1 . LEU A 1 123 ? -10.208 -0.887  -0.804  1.00   19.86 ? 123  LEU A CD1 1 
ATOM   966  C  CD2 . LEU A 1 123 ? -11.906 0.811   -1.424  1.00   21.57 ? 123  LEU A CD2 1 
ATOM   967  N  N   . LEU A 1 124 ? -13.571 0.200   3.717   1.00   20.75 ? 124  LEU A N   1 
ATOM   968  C  CA  . LEU A 1 124 ? -14.006 -0.497  4.923   1.00   21.12 ? 124  LEU A CA  1 
ATOM   969  C  C   . LEU A 1 124 ? -15.314 0.062   5.462   1.00   22.08 ? 124  LEU A C   1 
ATOM   970  O  O   . LEU A 1 124 ? -15.534 1.276   5.438   1.00   22.28 ? 124  LEU A O   1 
ATOM   971  C  CB  . LEU A 1 124 ? -12.915 -0.458  5.996   1.00   20.77 ? 124  LEU A CB  1 
ATOM   972  C  CG  . LEU A 1 124 ? -11.535 -1.011  5.613   1.00   20.48 ? 124  LEU A CG  1 
ATOM   973  C  CD1 . LEU A 1 124 ? -10.562 -0.763  6.752   1.00   19.74 ? 124  LEU A CD1 1 
ATOM   974  C  CD2 . LEU A 1 124 ? -11.577 -2.496  5.241   1.00   21.36 ? 124  LEU A CD2 1 
ATOM   975  N  N   . LYS A 1 125 ? -16.152 -0.836  5.972   1.00   22.64 ? 125  LYS A N   1 
ATOM   976  C  CA  . LYS A 1 125 ? -17.510 -0.494  6.393   1.00   23.50 ? 125  LYS A CA  1 
ATOM   977  C  C   . LYS A 1 125 ? -17.600 -0.001  7.840   1.00   23.61 ? 125  LYS A C   1 
ATOM   978  O  O   . LYS A 1 125 ? -18.260 1.004   8.112   1.00   23.81 ? 125  LYS A O   1 
ATOM   979  C  CB  . LYS A 1 125 ? -18.443 -1.687  6.178   1.00   23.63 ? 125  LYS A CB  1 
ATOM   980  C  CG  . LYS A 1 125 ? -18.511 -2.186  4.737   1.00   24.80 ? 125  LYS A CG  1 
ATOM   981  C  CD  . LYS A 1 125 ? -19.315 -3.479  4.663   1.00   26.09 ? 125  LYS A CD  1 
ATOM   982  C  CE  . LYS A 1 125 ? -19.220 -4.119  3.295   1.00   28.54 ? 125  LYS A CE  1 
ATOM   983  N  NZ  . LYS A 1 125 ? -20.091 -5.340  3.272   1.00   29.87 ? 125  LYS A NZ  1 
ATOM   984  N  N   . LYS A 1 126 ? -16.943 -0.703  8.759   1.00   23.40 ? 126  LYS A N   1 
ATOM   985  C  CA  . LYS A 1 126 ? -17.029 -0.371  10.184  1.00   23.71 ? 126  LYS A CA  1 
ATOM   986  C  C   . LYS A 1 126 ? -16.050 0.744   10.543  1.00   23.36 ? 126  LYS A C   1 
ATOM   987  O  O   . LYS A 1 126 ? -14.872 0.685   10.179  1.00   23.14 ? 126  LYS A O   1 
ATOM   988  C  CB  . LYS A 1 126 ? -16.772 -1.610  11.057  1.00   23.78 ? 126  LYS A CB  1 
ATOM   989  C  CG  . LYS A 1 126 ? -17.909 -2.649  11.044  1.00   25.90 ? 126  LYS A CG  1 
ATOM   990  C  CD  . LYS A 1 126 ? -17.863 -3.732  11.819  0.0000 33.89 ? 126  LYS A CD  1 
ATOM   991  C  CE  . LYS A 1 126 ? -18.894 -4.817  11.563  0.0000 35.91 ? 126  LYS A CE  1 
ATOM   992  N  NZ  . LYS A 1 126 ? -18.839 -5.892  12.591  0.0000 37.71 ? 126  LYS A NZ  1 
ATOM   993  N  N   . GLN A 1 127 ? -16.533 1.756   11.264  1.00   23.01 ? 127  GLN A N   1 
ATOM   994  C  CA  . GLN A 1 127 ? -15.662 2.825   11.767  1.00   22.72 ? 127  GLN A CA  1 
ATOM   995  C  C   . GLN A 1 127 ? -14.461 2.300   12.572  1.00   22.37 ? 127  GLN A C   1 
ATOM   996  O  O   . GLN A 1 127 ? -13.359 2.868   12.505  1.00   22.06 ? 127  GLN A O   1 
ATOM   997  C  CB  . GLN A 1 127 ? -16.452 3.820   12.623  1.00   22.90 ? 127  GLN A CB  1 
ATOM   998  C  CG  . GLN A 1 127 ? -15.618 4.992   13.110  1.00   22.88 ? 127  GLN A CG  1 
ATOM   999  C  CD  . GLN A 1 127 ? -15.067 5.826   11.980  1.00   24.40 ? 127  GLN A CD  1 
ATOM   1000 O  OE1 . GLN A 1 127 ? -15.813 6.269   11.104  1.00   26.57 ? 127  GLN A OE1 1 
ATOM   1001 N  NE2 . GLN A 1 127 ? -13.758 6.047   11.987  1.00   24.00 ? 127  GLN A NE2 1 
ATOM   1002 N  N   . GLU A 1 128 ? -14.676 1.232   13.338  1.00   21.69 ? 128  GLU A N   1 
ATOM   1003 C  CA  . GLU A 1 128 ? -13.589 0.659   14.134  1.00   21.43 ? 128  GLU A CA  1 
ATOM   1004 C  C   . GLU A 1 128 ? -12.467 0.138   13.224  1.00   20.80 ? 128  GLU A C   1 
ATOM   1005 O  O   . GLU A 1 128 ? -11.278 0.263   13.556  1.00   20.37 ? 128  GLU A O   1 
ATOM   1006 C  CB  . GLU A 1 128 ? -14.106 -0.460  15.045  1.00   21.91 ? 128  GLU A CB  1 
ATOM   1007 C  CG  . GLU A 1 128 ? -14.448 -1.772  14.348  0.0000 28.85 ? 128  GLU A CG  1 
ATOM   1008 C  CD  . GLU A 1 128 ? -15.838 -2.335  14.688  0.0000 34.98 ? 128  GLU A CD  1 
ATOM   1009 O  OE1 . GLU A 1 128 ? -16.369 -3.112  13.864  0.0000 37.38 ? 128  GLU A OE1 1 
ATOM   1010 O  OE2 . GLU A 1 128 ? -16.407 -2.005  15.758  0.0000 37.42 ? 128  GLU A OE2 1 
ATOM   1011 N  N   . ASP A 1 129 ? -12.852 -0.420  12.075  1.00   19.96 ? 129  ASP A N   1 
ATOM   1012 C  CA  . ASP A 1 129 ? -11.886 -0.897  11.069  1.00   19.46 ? 129  ASP A CA  1 
ATOM   1013 C  C   . ASP A 1 129 ? -11.167 0.228   10.317  1.00   19.10 ? 129  ASP A C   1 
ATOM   1014 O  O   . ASP A 1 129 ? -9.973  0.122   10.018  1.00   18.12 ? 129  ASP A O   1 
ATOM   1015 C  CB  . ASP A 1 129 ? -12.563 -1.847  10.093  1.00   19.74 ? 129  ASP A CB  1 
ATOM   1016 C  CG  . ASP A 1 129 ? -12.918 -3.175  10.736  1.00   20.36 ? 129  ASP A CG  1 
ATOM   1017 O  OD1 . ASP A 1 129 ? -12.419 -3.465  11.851  1.00   22.57 ? 129  ASP A OD1 1 
ATOM   1018 O  OD2 . ASP A 1 129 ? -13.692 -3.933  10.121  1.00   21.75 ? 129  ASP A OD2 1 
ATOM   1019 N  N   . LYS A 1 130 ? -11.906 1.294   10.015  1.00   18.13 ? 130  LYS A N   1 
ATOM   1020 C  CA  . LYS A 1 130 ? -11.321 2.527   9.495   1.00   17.98 ? 130  LYS A CA  1 
ATOM   1021 C  C   . LYS A 1 130 ? -10.243 3.038   10.457  1.00   17.66 ? 130  LYS A C   1 
ATOM   1022 O  O   . LYS A 1 130 ? -9.149  3.420   10.030  1.00   17.30 ? 130  LYS A O   1 
ATOM   1023 C  CB  . LYS A 1 130 ? -12.396 3.594   9.318   1.00   18.15 ? 130  LYS A CB  1 
ATOM   1024 C  CG  . LYS A 1 130 ? -13.390 3.354   8.187   1.00   18.01 ? 130  LYS A CG  1 
ATOM   1025 C  CD  . LYS A 1 130 ? -14.455 4.459   8.225   1.00   20.75 ? 130  LYS A CD  1 
ATOM   1026 C  CE  . LYS A 1 130 ? -15.700 4.084   7.440   1.00   22.06 ? 130  LYS A CE  1 
ATOM   1027 N  NZ  . LYS A 1 130 ? -15.435 4.095   5.983   1.00   23.63 ? 130  LYS A NZ  1 
ATOM   1028 N  N   . ASP A 1 131 ? -10.555 3.043   11.753  1.00   17.75 ? 131  ASP A N   1 
ATOM   1029 C  CA  . ASP A 1 131 ? -9.607  3.496   12.772  1.00   18.06 ? 131  ASP A CA  1 
ATOM   1030 C  C   . ASP A 1 131 ? -8.413  2.564   12.826  1.00   17.87 ? 131  ASP A C   1 
ATOM   1031 O  O   . ASP A 1 131 ? -7.270  3.014   12.937  1.00   17.63 ? 131  ASP A O   1 
ATOM   1032 C  CB  . ASP A 1 131 ? -10.241 3.517   14.169  1.00   19.26 ? 131  ASP A CB  1 
ATOM   1033 C  CG  . ASP A 1 131 ? -11.333 4.545   14.311  1.00   21.41 ? 131  ASP A CG  1 
ATOM   1034 O  OD1 . ASP A 1 131 ? -11.399 5.494   13.489  1.00   23.66 ? 131  ASP A OD1 1 
ATOM   1035 O  OD2 . ASP A 1 131 ? -12.130 4.393   15.270  1.00   24.71 ? 131  ASP A OD2 1 
ATOM   1036 N  N   . ALA A 1 132 ? -8.698  1.264   12.766  1.00   17.13 ? 132  ALA A N   1 
ATOM   1037 C  CA  . ALA A 1 132 ? -7.673  0.221   12.856  1.00   16.75 ? 132  ALA A CA  1 
ATOM   1038 C  C   . ALA A 1 132 ? -6.664  0.294   11.706  1.00   16.00 ? 132  ALA A C   1 
ATOM   1039 O  O   . ALA A 1 132 ? -5.443  0.310   11.936  1.00   16.30 ? 132  ALA A O   1 
ATOM   1040 C  CB  . ALA A 1 132 ? -8.329  -1.165  12.918  1.00   16.53 ? 132  ALA A CB  1 
ATOM   1041 N  N   . ILE A 1 133 ? -7.165  0.379   10.478  1.00   15.47 ? 133  ILE A N   1 
ATOM   1042 C  CA  . ILE A 1 133 ? -6.277  0.437   9.317   1.00   15.02 ? 133  ILE A CA  1 
ATOM   1043 C  C   . ILE A 1 133 ? -5.378  1.679   9.343   1.00   14.62 ? 133  ILE A C   1 
ATOM   1044 O  O   . ILE A 1 133 ? -4.239  1.633   8.880   1.00   13.92 ? 133  ILE A O   1 
ATOM   1045 C  CB  . ILE A 1 133 ? -7.041  0.304   7.970   1.00   15.02 ? 133  ILE A CB  1 
ATOM   1046 C  CG1 . ILE A 1 133 ? -6.126  -0.270  6.868   1.00   15.52 ? 133  ILE A CG1 1 
ATOM   1047 C  CG2 . ILE A 1 133 ? -7.644  1.633   7.526   1.00   14.61 ? 133  ILE A CG2 1 
ATOM   1048 C  CD1 . ILE A 1 133 ? -5.859  -1.728  6.957   1.00   16.64 ? 133  ILE A CD1 1 
ATOM   1049 N  N   . GLU A 1 134 ? -5.891  2.773   9.911   1.00   14.37 ? 134  GLU A N   1 
ATOM   1050 C  CA  . GLU A 1 134 ? -5.114  4.008   10.043  1.00   14.80 ? 134  GLU A CA  1 
ATOM   1051 C  C   . GLU A 1 134 ? -3.909  3.800   10.973  1.00   15.45 ? 134  GLU A C   1 
ATOM   1052 O  O   . GLU A 1 134 ? -2.761  4.103   10.609  1.00   14.61 ? 134  GLU A O   1 
ATOM   1053 C  CB  . GLU A 1 134 ? -6.010  5.146   10.554  1.00   14.68 ? 134  GLU A CB  1 
ATOM   1054 C  CG  . GLU A 1 134 ? -5.231  6.400   10.923  1.00   14.99 ? 134  GLU A CG  1 
ATOM   1055 C  CD  . GLU A 1 134 ? -6.119  7.573   11.228  1.00   18.76 ? 134  GLU A CD  1 
ATOM   1056 O  OE1 . GLU A 1 134 ? -7.284  7.572   10.778  1.00   19.84 ? 134  GLU A OE1 1 
ATOM   1057 O  OE2 . GLU A 1 134 ? -5.644  8.499   11.915  1.00   19.53 ? 134  GLU A OE2 1 
ATOM   1058 N  N   . LYS A 1 135 ? -4.188  3.290   12.170  1.00   16.21 ? 135  LYS A N   1 
ATOM   1059 C  CA  . LYS A 1 135 ? -3.153  2.960   13.158  1.00   17.72 ? 135  LYS A CA  1 
ATOM   1060 C  C   . LYS A 1 135 ? -2.110  2.021   12.543  1.00   16.80 ? 135  LYS A C   1 
ATOM   1061 O  O   . LYS A 1 135 ? -0.896  2.241   12.680  1.00   17.28 ? 135  LYS A O   1 
ATOM   1062 C  CB  . LYS A 1 135 ? -3.806  2.306   14.395  1.00   18.03 ? 135  LYS A CB  1 
ATOM   1063 C  CG  . LYS A 1 135 ? -3.059  1.051   14.932  1.00   21.24 ? 135  LYS A CG  1 
ATOM   1064 C  CD  . LYS A 1 135 ? -3.944  0.157   15.834  1.00   21.34 ? 135  LYS A CD  1 
ATOM   1065 C  CE  . LYS A 1 135 ? -3.851  0.598   17.304  1.00   22.12 ? 135  LYS A CE  1 
ATOM   1066 N  NZ  . LYS A 1 135 ? -4.614  -0.304  18.244  1.00   23.17 ? 135  LYS A NZ  1 
ATOM   1067 N  N   . PHE A 1 136 ? -2.597  0.978   11.870  1.00   15.98 ? 136  PHE A N   1 
ATOM   1068 C  CA  . PHE A 1 136 ? -1.728  -0.063  11.330  1.00   15.49 ? 136  PHE A CA  1 
ATOM   1069 C  C   . PHE A 1 136 ? -0.822  0.452   10.222  1.00   14.62 ? 136  PHE A C   1 
ATOM   1070 O  O   . PHE A 1 136 ? 0.389   0.273   10.281  1.00   14.60 ? 136  PHE A O   1 
ATOM   1071 C  CB  . PHE A 1 136 ? -2.541  -1.260  10.837  1.00   16.28 ? 136  PHE A CB  1 
ATOM   1072 C  CG  . PHE A 1 136 ? -1.694  -2.342  10.229  1.00   17.04 ? 136  PHE A CG  1 
ATOM   1073 C  CD1 . PHE A 1 136 ? -0.827  -3.085  11.026  1.00   19.13 ? 136  PHE A CD1 1 
ATOM   1074 C  CD2 . PHE A 1 136 ? -1.730  -2.589  8.872   1.00   18.13 ? 136  PHE A CD2 1 
ATOM   1075 C  CE1 . PHE A 1 136 ? -0.032  -4.074  10.471  1.00   18.74 ? 136  PHE A CE1 1 
ATOM   1076 C  CE2 . PHE A 1 136 ? -0.933  -3.585  8.311   1.00   17.51 ? 136  PHE A CE2 1 
ATOM   1077 C  CZ  . PHE A 1 136 ? -0.092  -4.321  9.119   1.00   18.11 ? 136  PHE A CZ  1 
ATOM   1078 N  N   . LEU A 1 137 ? -1.400  1.091   9.205   1.00   13.81 ? 137  LEU A N   1 
ATOM   1079 C  CA  . LEU A 1 137 ? -0.590  1.595   8.103   1.00   13.11 ? 137  LEU A CA  1 
ATOM   1080 C  C   . LEU A 1 137 ? 0.386   2.686   8.541   1.00   13.42 ? 137  LEU A C   1 
ATOM   1081 O  O   . LEU A 1 137 ? 1.504   2.740   8.044   1.00   12.51 ? 137  LEU A O   1 
ATOM   1082 C  CB  . LEU A 1 137 ? -1.459  2.079   6.942   1.00   12.94 ? 137  LEU A CB  1 
ATOM   1083 C  CG  . LEU A 1 137 ? -2.157  0.989   6.120   1.00   13.68 ? 137  LEU A CG  1 
ATOM   1084 C  CD1 . LEU A 1 137 ? -3.075  1.652   5.104   1.00   13.79 ? 137  LEU A CD1 1 
ATOM   1085 C  CD2 . LEU A 1 137 ? -1.169  0.010   5.428   1.00   12.57 ? 137  LEU A CD2 1 
ATOM   1086 N  N   . LEU A 1 138 ? -0.034  3.573   9.448   1.00   13.24 ? 138  LEU A N   1 
ATOM   1087 C  CA  . LEU A 1 138 ? 0.904   4.587   9.955   1.00   14.85 ? 138  LEU A CA  1 
ATOM   1088 C  C   . LEU A 1 138 ? 2.111   3.911   10.601  1.00   14.85 ? 138  LEU A C   1 
ATOM   1089 O  O   . LEU A 1 138 ? 3.251   4.280   10.317  1.00   15.49 ? 138  LEU A O   1 
ATOM   1090 C  CB  . LEU A 1 138 ? 0.238   5.502   10.978  1.00   14.96 ? 138  LEU A CB  1 
ATOM   1091 C  CG  . LEU A 1 138 ? -0.695  6.559   10.418  1.00   18.45 ? 138  LEU A CG  1 
ATOM   1092 C  CD1 . LEU A 1 138 ? -1.508  7.184   11.557  1.00   21.85 ? 138  LEU A CD1 1 
ATOM   1093 C  CD2 . LEU A 1 138 ? 0.107   7.611   9.625   1.00   20.79 ? 138  LEU A CD2 1 
ATOM   1094 N  N   . HIS A 1 139 ? 1.839   2.906   11.429  1.00   15.21 ? 139  HIS A N   1 
ATOM   1095 C  CA  . HIS A 1 139 ? 2.874   2.150   12.153  1.00   15.97 ? 139  HIS A CA  1 
ATOM   1096 C  C   . HIS A 1 139 ? 3.834   1.478   11.169  1.00   15.56 ? 139  HIS A C   1 
ATOM   1097 O  O   . HIS A 1 139 ? 5.061   1.593   11.292  1.00   15.55 ? 139  HIS A O   1 
ATOM   1098 C  CB  . HIS A 1 139 ? 2.232   1.092   13.065  1.00   16.92 ? 139  HIS A CB  1 
ATOM   1099 C  CG  . HIS A 1 139 ? 3.204   0.052   13.550  1.00   20.14 ? 139  HIS A CG  1 
ATOM   1100 N  ND1 . HIS A 1 139 ? 3.899   0.184   14.734  1.00   23.25 ? 139  HIS A ND1 1 
ATOM   1101 C  CD2 . HIS A 1 139 ? 3.632   -1.107  12.988  1.00   22.54 ? 139  HIS A CD2 1 
ATOM   1102 C  CE1 . HIS A 1 139 ? 4.697   -0.858  14.893  1.00   24.69 ? 139  HIS A CE1 1 
ATOM   1103 N  NE2 . HIS A 1 139 ? 4.558   -1.655  13.846  1.00   25.19 ? 139  HIS A NE2 1 
ATOM   1104 N  N   . VAL A 1 140 ? 3.259   0.770   10.204  1.00   14.90 ? 140  VAL A N   1 
ATOM   1105 C  CA  . VAL A 1 140 ? 4.023   0.015   9.218   1.00   15.00 ? 140  VAL A CA  1 
ATOM   1106 C  C   . VAL A 1 140 ? 4.910   0.929   8.387   1.00   13.72 ? 140  VAL A C   1 
ATOM   1107 O  O   . VAL A 1 140 ? 6.087   0.635   8.187   1.00   13.73 ? 140  VAL A O   1 
ATOM   1108 C  CB  . VAL A 1 140 ? 3.079   -0.845  8.315   1.00   15.27 ? 140  VAL A CB  1 
ATOM   1109 C  CG1 . VAL A 1 140 ? 3.715   -1.181  6.961   1.00   17.16 ? 140  VAL A CG1 1 
ATOM   1110 C  CG2 . VAL A 1 140 ? 2.663   -2.108  9.066   1.00   17.49 ? 140  VAL A CG2 1 
ATOM   1111 N  N   . MET A 1 141 ? 4.347   2.036   7.908   1.00   12.62 ? 141  MET A N   1 
ATOM   1112 C  CA  . MET A 1 141 ? 5.059   2.909   6.992   1.00   12.46 ? 141  MET A CA  1 
ATOM   1113 C  C   . MET A 1 141 ? 6.152   3.691   7.745   1.00   13.44 ? 141  MET A C   1 
ATOM   1114 O  O   . MET A 1 141 ? 7.228   3.940   7.215   1.00   13.03 ? 141  MET A O   1 
ATOM   1115 C  CB  . MET A 1 141 ? 4.083   3.803   6.225   1.00   12.20 ? 141  MET A CB  1 
ATOM   1116 C  CG  . MET A 1 141 ? 3.137   3.005   5.296   1.00   11.27 ? 141  MET A CG  1 
ATOM   1117 S  SD  . MET A 1 141 ? 2.044   4.010   4.261   1.00   12.93 ? 141  MET A SD  1 
ATOM   1118 C  CE  . MET A 1 141 ? 3.240   4.697   3.106   1.00   10.56 ? 141  MET A CE  1 
ATOM   1119 N  N   . GLN A 1 142 ? 5.889   4.031   9.004   1.00   14.23 ? 142  GLN A N   1 
ATOM   1120 C  CA  . GLN A 1 142 ? 6.942   4.621   9.844   1.00   16.08 ? 142  GLN A CA  1 
ATOM   1121 C  C   . GLN A 1 142 ? 8.077   3.620   10.098  1.00   15.72 ? 142  GLN A C   1 
ATOM   1122 O  O   . GLN A 1 142 ? 9.257   3.990   10.049  1.00   16.34 ? 142  GLN A O   1 
ATOM   1123 C  CB  . GLN A 1 142 ? 6.365   5.159   11.148  1.00   15.86 ? 142  GLN A CB  1 
ATOM   1124 C  CG  . GLN A 1 142 ? 5.516   6.429   10.973  1.00   18.70 ? 142  GLN A CG  1 
ATOM   1125 C  CD  . GLN A 1 142 ? 4.894   6.914   12.280  1.00   19.39 ? 142  GLN A CD  1 
ATOM   1126 O  OE1 . GLN A 1 142 ? 4.426   6.117   13.088  1.00   23.90 ? 142  GLN A OE1 1 
ATOM   1127 N  NE2 . GLN A 1 142 ? 4.896   8.236   12.492  1.00   25.91 ? 142  GLN A NE2 1 
ATOM   1128 N  N   . ALA A 1 143 ? 7.722   2.357   10.340  1.00   15.31 ? 143  ALA A N   1 
ATOM   1129 C  CA  . ALA A 1 143 ? 8.697   1.294   10.598  1.00   15.11 ? 143  ALA A CA  1 
ATOM   1130 C  C   . ALA A 1 143 ? 9.585   1.007   9.390   1.00   15.02 ? 143  ALA A C   1 
ATOM   1131 O  O   . ALA A 1 143 ? 10.801  0.785   9.534   1.00   15.56 ? 143  ALA A O   1 
ATOM   1132 C  CB  . ALA A 1 143 ? 7.988   0.033   11.024  1.00   14.89 ? 143  ALA A CB  1 
ATOM   1133 N  N   . ILE A 1 144 ? 8.966   0.964   8.212   1.00   14.45 ? 144  ILE A N   1 
ATOM   1134 C  CA  . ILE A 1 144 ? 9.683   0.801   6.949   1.00   14.87 ? 144  ILE A CA  1 
ATOM   1135 C  C   . ILE A 1 144 ? 10.626  1.986   6.721   1.00   15.15 ? 144  ILE A C   1 
ATOM   1136 O  O   . ILE A 1 144 ? 11.799  1.787   6.436   1.00   15.80 ? 144  ILE A O   1 
ATOM   1137 C  CB  . ILE A 1 144 ? 8.709   0.613   5.736   1.00   14.05 ? 144  ILE A CB  1 
ATOM   1138 C  CG1 . ILE A 1 144 ? 8.015   -0.758  5.813   1.00   15.09 ? 144  ILE A CG1 1 
ATOM   1139 C  CG2 . ILE A 1 144 ? 9.472   0.765   4.399   1.00   13.95 ? 144  ILE A CG2 1 
ATOM   1140 C  CD1 . ILE A 1 144 ? 6.918   -1.005  4.723   1.00   14.38 ? 144  ILE A CD1 1 
ATOM   1141 N  N   . ALA A 1 145 ? 10.119  3.212   6.866   1.00   15.71 ? 145  ALA A N   1 
ATOM   1142 C  CA  . ALA A 1 145 ? 10.933  4.417   6.654   1.00   16.49 ? 145  ALA A CA  1 
ATOM   1143 C  C   . ALA A 1 145 ? 12.163  4.461   7.578   1.00   16.94 ? 145  ALA A C   1 
ATOM   1144 O  O   . ALA A 1 145 ? 13.253  4.880   7.157   1.00   16.84 ? 145  ALA A O   1 
ATOM   1145 C  CB  . ALA A 1 145 ? 10.086  5.667   6.840   1.00   16.77 ? 145  ALA A CB  1 
ATOM   1146 N  N   . ALA A 1 146 ? 11.974  4.027   8.823   1.00   17.24 ? 146  ALA A N   1 
ATOM   1147 C  CA  . ALA A 1 146 ? 13.025  4.056   9.838   1.00   18.02 ? 146  ALA A CA  1 
ATOM   1148 C  C   . ALA A 1 146 ? 14.205  3.170   9.459   1.00   18.66 ? 146  ALA A C   1 
ATOM   1149 O  O   . ALA A 1 146 ? 15.343  3.472   9.806   1.00   19.04 ? 146  ALA A O   1 
ATOM   1150 C  CB  . ALA A 1 146 ? 12.470  3.642   11.200  1.00   18.52 ? 146  ALA A CB  1 
ATOM   1151 N  N   . LYS A 1 147 ? 13.925  2.072   8.763   1.00   17.89 ? 147  LYS A N   1 
ATOM   1152 C  CA  . LYS A 1 147 ? 14.970  1.153   8.335   1.00   18.68 ? 147  LYS A CA  1 
ATOM   1153 C  C   . LYS A 1 147 ? 15.705  1.625   7.085   1.00   18.62 ? 147  LYS A C   1 
ATOM   1154 O  O   . LYS A 1 147 ? 16.785  1.117   6.765   1.00   19.03 ? 147  LYS A O   1 
ATOM   1155 C  CB  . LYS A 1 147 ? 14.386  -0.226  8.072   1.00   18.72 ? 147  LYS A CB  1 
ATOM   1156 C  CG  . LYS A 1 147 ? 13.954  -1.013  9.302   1.00   20.45 ? 147  LYS A CG  1 
ATOM   1157 C  CD  . LYS A 1 147 ? 13.653  -2.448  8.873   1.00   22.25 ? 147  LYS A CD  1 
ATOM   1158 C  CE  . LYS A 1 147 ? 12.958  -3.261  9.966   1.00   23.48 ? 147  LYS A CE  1 
ATOM   1159 N  NZ  . LYS A 1 147 ? 13.868  -3.626  11.076  1.00   25.17 ? 147  LYS A NZ  1 
ATOM   1160 N  N   . MET A 1 148 ? 15.106  2.570   6.363   1.00   18.97 ? 148  MET A N   1 
ATOM   1161 C  CA  . MET A 1 148 ? 15.669  3.034   5.099   1.00   19.52 ? 148  MET A CA  1 
ATOM   1162 C  C   . MET A 1 148 ? 16.973  3.794   5.287   1.00   20.23 ? 148  MET A C   1 
ATOM   1163 O  O   . MET A 1 148 ? 17.220  4.433   6.315   1.00   19.85 ? 148  MET A O   1 
ATOM   1164 C  CB  . MET A 1 148 ? 14.659  3.876   4.328   1.00   19.69 ? 148  MET A CB  1 
ATOM   1165 C  CG  . MET A 1 148 ? 13.548  3.047   3.687   1.00   19.71 ? 148  MET A CG  1 
ATOM   1166 S  SD  . MET A 1 148 ? 12.214  4.074   3.021   1.00   19.60 ? 148  MET A SD  1 
ATOM   1167 C  CE  . MET A 1 148 ? 13.088  5.042   1.801   1.00   20.94 ? 148  MET A CE  1 
ATOM   1168 O  OXT . MET A 1 148 ? 17.804  3.759   4.385   1.00   21.03 ? 148  MET A OXT 1 
HETATM 1169 C  CHA . HEM B 2 .   ? 8.711   -0.738  -4.915  1.00   14.15 ? 149  HEM A CHA 1 
HETATM 1170 C  CHB . HEM B 2 .   ? 5.261   -1.972  -1.766  1.00   13.94 ? 149  HEM A CHB 1 
HETATM 1171 C  CHC . HEM B 2 .   ? 4.540   2.668   -0.578  1.00   12.52 ? 149  HEM A CHC 1 
HETATM 1172 C  CHD . HEM B 2 .   ? 7.595   3.933   -4.113  1.00   14.03 ? 149  HEM A CHD 1 
HETATM 1173 C  C1A . HEM B 2 .   ? 7.818   -1.474  -4.181  1.00   14.19 ? 149  HEM A C1A 1 
HETATM 1174 C  C2A . HEM B 2 .   ? 7.632   -2.909  -4.256  1.00   15.44 ? 149  HEM A C2A 1 
HETATM 1175 C  C3A . HEM B 2 .   ? 6.673   -3.250  -3.393  1.00   15.10 ? 149  HEM A C3A 1 
HETATM 1176 C  C4A . HEM B 2 .   ? 6.224   -2.039  -2.738  1.00   15.38 ? 149  HEM A C4A 1 
HETATM 1177 C  CMA . HEM B 2 .   ? 6.121   -4.668  -3.102  1.00   15.60 ? 149  HEM A CMA 1 
HETATM 1178 C  CAA . HEM B 2 .   ? 8.421   -3.863  -5.180  1.00   18.30 ? 149  HEM A CAA 1 
HETATM 1179 C  CBA . HEM B 2 .   ? 7.830   -3.813  -6.579  1.00   23.27 ? 149  HEM A CBA 1 
HETATM 1180 C  CGA . HEM B 2 .   ? 8.746   -4.536  -7.541  1.00   27.90 ? 149  HEM A CGA 1 
HETATM 1181 O  O1A . HEM B 2 .   ? 9.434   -3.865  -8.358  1.00   30.16 ? 149  HEM A O1A 1 
HETATM 1182 O  O2A . HEM B 2 .   ? 8.769   -5.791  -7.482  1.00   29.75 ? 149  HEM A O2A 1 
HETATM 1183 C  C1B . HEM B 2 .   ? 4.849   -0.832  -1.118  1.00   13.29 ? 149  HEM A C1B 1 
HETATM 1184 C  C2B . HEM B 2 .   ? 3.992   -0.803  0.044   1.00   13.79 ? 149  HEM A C2B 1 
HETATM 1185 C  C3B . HEM B 2 .   ? 3.798   0.480   0.389   1.00   13.41 ? 149  HEM A C3B 1 
HETATM 1186 C  C4B . HEM B 2 .   ? 4.509   1.296   -0.571  1.00   13.93 ? 149  HEM A C4B 1 
HETATM 1187 C  CMB . HEM B 2 .   ? 3.446   -2.061  0.747   1.00   15.17 ? 149  HEM A CMB 1 
HETATM 1188 C  CAB . HEM B 2 .   ? 2.950   1.041   1.553   1.00   13.00 ? 149  HEM A CAB 1 
HETATM 1189 C  CBB . HEM B 2 .   ? 2.869   0.425   2.751   1.00   15.29 ? 149  HEM A CBB 1 
HETATM 1190 C  C1C . HEM B 2 .   ? 5.258   3.422   -1.474  1.00   13.32 ? 149  HEM A C1C 1 
HETATM 1191 C  C2C . HEM B 2 .   ? 5.254   4.868   -1.569  1.00   12.93 ? 149  HEM A C2C 1 
HETATM 1192 C  C3C . HEM B 2 .   ? 6.074   5.224   -2.559  1.00   13.80 ? 149  HEM A C3C 1 
HETATM 1193 C  C4C . HEM B 2 .   ? 6.658   4.008   -3.110  1.00   14.68 ? 149  HEM A C4C 1 
HETATM 1194 C  CMC . HEM B 2 .   ? 4.413   5.817   -0.691  1.00   13.41 ? 149  HEM A CMC 1 
HETATM 1195 C  CAC . HEM B 2 .   ? 6.341   6.691   -2.981  1.00   14.08 ? 149  HEM A CAC 1 
HETATM 1196 C  CBC . HEM B 2 .   ? 6.639   7.021   -4.248  1.00   14.04 ? 149  HEM A CBC 1 
HETATM 1197 C  C1D . HEM B 2 .   ? 8.239   2.824   -4.601  1.00   13.65 ? 149  HEM A C1D 1 
HETATM 1198 C  C2D . HEM B 2 .   ? 9.320   2.860   -5.554  1.00   13.46 ? 149  HEM A C2D 1 
HETATM 1199 C  C3D . HEM B 2 .   ? 9.667   1.403   -5.806  1.00   16.00 ? 149  HEM A C3D 1 
HETATM 1200 C  C4D . HEM B 2 .   ? 8.747   0.634   -4.994  1.00   14.74 ? 149  HEM A C4D 1 
HETATM 1201 C  CMD . HEM B 2 .   ? 9.964   4.139   -6.153  1.00   13.70 ? 149  HEM A CMD 1 
HETATM 1202 C  CAD . HEM B 2 .   ? 10.738  0.839   -6.749  1.00   15.94 ? 149  HEM A CAD 1 
HETATM 1203 C  CBD . HEM B 2 .   ? 10.021  0.571   -8.064  1.00   20.94 ? 149  HEM A CBD 1 
HETATM 1204 C  CGD . HEM B 2 .   ? 10.958  0.150   -9.169  1.00   22.64 ? 149  HEM A CGD 1 
HETATM 1205 O  O1D . HEM B 2 .   ? 11.157  -1.067  -9.344  1.00   26.91 ? 149  HEM A O1D 1 
HETATM 1206 O  O2D . HEM B 2 .   ? 11.492  1.012   -9.903  1.00   22.26 ? 149  HEM A O2D 1 
HETATM 1207 N  NA  . HEM B 2 .   ? 6.939   -0.977  -3.259  1.00   11.47 ? 149  HEM A NA  1 
HETATM 1208 N  NB  . HEM B 2 .   ? 5.151   0.475   -1.481  1.00   12.79 ? 149  HEM A NB  1 
HETATM 1209 N  NC  . HEM B 2 .   ? 6.127   2.930   -2.420  1.00   11.86 ? 149  HEM A NC  1 
HETATM 1210 N  ND  . HEM B 2 .   ? 7.933   1.500   -4.295  1.00   14.01 ? 149  HEM A ND  1 
HETATM 1211 FE FE  . HEM B 2 .   ? 6.514   0.967   -2.884  1.00   13.43 ? 149  HEM A FE  1 
HETATM 1212 O  O1  . OXY C 3 .   ? 4.718   2.002   -4.721  1.00   13.00 ? 150  OXY A O1  1 
HETATM 1213 O  O2  . OXY C 3 .   ? 5.158   0.968   -4.296  1.00   8.87  ? 150  OXY A O2  1 
HETATM 1214 O  O   . HOH D 4 .   ? -13.671 -10.539 12.870  1.00   22.57 ? 2001 HOH A O   1 
HETATM 1215 O  O   . HOH D 4 .   ? -11.200 -2.565  14.675  1.00   25.31 ? 2002 HOH A O   1 
HETATM 1216 O  O   . HOH D 4 .   ? -11.821 -12.579 6.748   1.00   24.44 ? 2003 HOH A O   1 
HETATM 1217 O  O   . HOH D 4 .   ? -15.939 -7.345  7.971   1.00   31.67 ? 2004 HOH A O   1 
HETATM 1218 O  O   . HOH D 4 .   ? -14.857 -11.350 10.469  1.00   27.78 ? 2005 HOH A O   1 
HETATM 1219 O  O   . HOH D 4 .   ? -9.559  -10.231 1.611   1.00   38.61 ? 2006 HOH A O   1 
HETATM 1220 O  O   . HOH D 4 .   ? -12.241 -12.726 4.037   1.00   31.43 ? 2007 HOH A O   1 
HETATM 1221 O  O   . HOH D 4 .   ? -4.469  8.030   -13.709 1.00   24.53 ? 2008 HOH A O   1 
HETATM 1222 O  O   . HOH D 4 .   ? -5.075  14.872  -5.215  1.00   34.00 ? 2009 HOH A O   1 
HETATM 1223 O  O   . HOH D 4 .   ? -15.188 -3.149  0.480   1.00   20.16 ? 2010 HOH A O   1 
HETATM 1224 O  O   . HOH D 4 .   ? -15.505 -3.067  8.476   1.00   31.55 ? 2011 HOH A O   1 
HETATM 1225 O  O   . HOH D 4 .   ? 11.032  15.193  -7.765  1.00   34.47 ? 2012 HOH A O   1 
HETATM 1226 O  O   . HOH D 4 .   ? -10.731 -2.282  -5.783  1.00   28.65 ? 2013 HOH A O   1 
HETATM 1227 O  O   . HOH D 4 .   ? -11.131 -11.202 -11.835 1.00   27.90 ? 2014 HOH A O   1 
HETATM 1228 O  O   . HOH D 4 .   ? -6.874  -14.991 -10.104 1.00   20.96 ? 2015 HOH A O   1 
HETATM 1229 O  O   . HOH D 4 .   ? -9.347  -12.348 -14.081 1.00   38.52 ? 2016 HOH A O   1 
HETATM 1230 O  O   . HOH D 4 .   ? -7.135  -12.754 -12.490 1.00   22.12 ? 2017 HOH A O   1 
HETATM 1231 O  O   . HOH D 4 .   ? -10.539 -4.483  -7.140  1.00   19.63 ? 2018 HOH A O   1 
HETATM 1232 O  O   . HOH D 4 .   ? -1.705  -8.375  -12.947 1.00   23.93 ? 2019 HOH A O   1 
HETATM 1233 O  O   . HOH D 4 .   ? 4.204   -13.339 5.108   1.00   28.46 ? 2020 HOH A O   1 
HETATM 1234 O  O   . HOH D 4 .   ? -11.514 -4.060  -9.694  1.00   22.09 ? 2021 HOH A O   1 
HETATM 1235 O  O   . HOH D 4 .   ? 13.049  -9.939  10.375  1.00   26.05 ? 2022 HOH A O   1 
HETATM 1236 O  O   . HOH D 4 .   ? 13.710  -11.076 7.614   1.00   28.42 ? 2023 HOH A O   1 
HETATM 1237 O  O   . HOH D 4 .   ? -7.620  6.869   -15.140 1.00   20.77 ? 2024 HOH A O   1 
HETATM 1238 O  O   . HOH D 4 .   ? -4.961  12.283  -4.986  1.00   35.42 ? 2025 HOH A O   1 
HETATM 1239 O  O   . HOH D 4 .   ? -2.346  16.130  -10.685 1.00   33.92 ? 2026 HOH A O   1 
HETATM 1240 O  O   . HOH D 4 .   ? 7.038   12.040  -12.793 1.00   19.19 ? 2027 HOH A O   1 
HETATM 1241 O  O   . HOH D 4 .   ? 10.353  13.398  -10.087 1.00   31.44 ? 2028 HOH A O   1 
HETATM 1242 O  O   . HOH D 4 .   ? 6.923   15.143  -2.315  1.00   32.22 ? 2029 HOH A O   1 
HETATM 1243 O  O   . HOH D 4 .   ? -8.046  1.552   16.392  1.00   37.90 ? 2030 HOH A O   1 
HETATM 1244 O  O   . HOH D 4 .   ? -1.501  6.078   15.362  1.00   43.77 ? 2031 HOH A O   1 
HETATM 1245 O  O   . HOH D 4 .   ? 10.437  -2.628  -11.333 1.00   42.11 ? 2032 HOH A O   1 
HETATM 1246 O  O   . HOH D 4 .   ? 7.834   8.944   -15.672 1.00   26.96 ? 2033 HOH A O   1 
HETATM 1247 O  O   . HOH D 4 .   ? 7.912   0.337   15.102  1.00   39.82 ? 2034 HOH A O   1 
HETATM 1248 O  O   . HOH D 4 .   ? 14.521  7.218   -18.271 1.00   33.06 ? 2035 HOH A O   1 
HETATM 1249 O  O   . HOH D 4 .   ? 12.514  9.781   -15.505 1.00   27.41 ? 2036 HOH A O   1 
HETATM 1250 O  O   . HOH D 4 .   ? 10.541  1.208   14.021  1.00   30.62 ? 2037 HOH A O   1 
HETATM 1251 O  O   . HOH D 4 .   ? 10.076  9.769   -16.629 1.00   31.83 ? 2038 HOH A O   1 
HETATM 1252 O  O   . HOH D 4 .   ? 6.303   12.252  -15.061 1.00   34.14 ? 2039 HOH A O   1 
HETATM 1253 O  O   . HOH D 4 .   ? 16.458  -4.026  7.159   1.00   35.26 ? 2040 HOH A O   1 
HETATM 1254 O  O   . HOH D 4 .   ? 17.284  -7.279  9.916   1.00   42.24 ? 2041 HOH A O   1 
HETATM 1255 O  O   . HOH D 4 .   ? -3.416  8.733   -16.056 1.00   17.31 ? 2042 HOH A O   1 
HETATM 1256 O  O   . HOH D 4 .   ? -4.329  10.302  -22.251 1.00   29.62 ? 2043 HOH A O   1 
HETATM 1257 O  O   . HOH D 4 .   ? -3.614  0.566   -16.826 1.00   23.59 ? 2044 HOH A O   1 
HETATM 1258 O  O   . HOH D 4 .   ? -6.759  2.172   -15.475 1.00   33.03 ? 2045 HOH A O   1 
HETATM 1259 O  O   . HOH D 4 .   ? -5.578  8.307   -24.036 1.00   40.89 ? 2046 HOH A O   1 
HETATM 1260 O  O   . HOH D 4 .   ? 0.935   -7.262  -13.037 1.00   35.73 ? 2047 HOH A O   1 
HETATM 1261 O  O   . HOH D 4 .   ? 4.203   -7.987  -3.933  1.00   16.25 ? 2048 HOH A O   1 
HETATM 1262 O  O   . HOH D 4 .   ? 4.561   -1.751  -6.289  1.00   20.17 ? 2049 HOH A O   1 
HETATM 1263 O  O   . HOH D 4 .   ? -0.977  -11.048 -0.872  1.00   21.45 ? 2050 HOH A O   1 
HETATM 1264 O  O   . HOH D 4 .   ? -1.940  -12.201 -7.543  1.00   28.41 ? 2051 HOH A O   1 
HETATM 1265 O  O   . HOH D 4 .   ? 1.720   -12.336 5.529   1.00   20.94 ? 2052 HOH A O   1 
HETATM 1266 O  O   . HOH D 4 .   ? 3.613   -10.803 -5.056  1.00   35.04 ? 2053 HOH A O   1 
HETATM 1267 O  O   . HOH D 4 .   ? -3.730  -13.430 9.452   1.00   24.47 ? 2054 HOH A O   1 
HETATM 1268 O  O   . HOH D 4 .   ? -0.812  -12.281 11.632  1.00   33.14 ? 2055 HOH A O   1 
HETATM 1269 O  O   . HOH D 4 .   ? -1.200  -13.191 0.977   1.00   33.88 ? 2056 HOH A O   1 
HETATM 1270 O  O   . HOH D 4 .   ? 0.785   -14.249 7.680   1.00   25.25 ? 2057 HOH A O   1 
HETATM 1271 O  O   . HOH D 4 .   ? -1.031  -14.824 14.611  1.00   45.64 ? 2058 HOH A O   1 
HETATM 1272 O  O   . HOH D 4 .   ? 6.021   -13.974 16.453  1.00   30.62 ? 2059 HOH A O   1 
HETATM 1273 O  O   . HOH D 4 .   ? 11.266  -11.552 11.976  1.00   23.96 ? 2060 HOH A O   1 
HETATM 1274 O  O   . HOH D 4 .   ? 10.454  -2.651  13.099  1.00   41.86 ? 2061 HOH A O   1 
HETATM 1275 O  O   . HOH D 4 .   ? 12.224  -10.381 5.452   1.00   26.75 ? 2062 HOH A O   1 
HETATM 1276 O  O   . HOH D 4 .   ? 7.492   -13.142 5.207   1.00   32.84 ? 2063 HOH A O   1 
HETATM 1277 O  O   . HOH D 4 .   ? 6.534   -4.620  3.006   1.00   20.88 ? 2064 HOH A O   1 
HETATM 1278 O  O   . HOH D 4 .   ? 13.317  -9.807  3.127   1.00   27.42 ? 2065 HOH A O   1 
HETATM 1279 O  O   . HOH D 4 .   ? 10.477  -11.807 1.357   1.00   34.19 ? 2066 HOH A O   1 
HETATM 1280 O  O   . HOH D 4 .   ? 11.963  -5.241  -4.999  1.00   46.46 ? 2067 HOH A O   1 
HETATM 1281 O  O   . HOH D 4 .   ? 7.225   -3.386  0.425   1.00   25.73 ? 2068 HOH A O   1 
HETATM 1282 O  O   . HOH D 4 .   ? 15.080  5.243   -0.970  1.00   17.87 ? 2069 HOH A O   1 
HETATM 1283 O  O   . HOH D 4 .   ? 17.702  -1.916  -3.554  1.00   38.60 ? 2070 HOH A O   1 
HETATM 1284 O  O   . HOH D 4 .   ? 17.816  -0.267  -5.521  1.00   33.36 ? 2071 HOH A O   1 
HETATM 1285 O  O   . HOH D 4 .   ? 12.195  -2.563  -5.074  1.00   33.32 ? 2072 HOH A O   1 
HETATM 1286 O  O   . HOH D 4 .   ? 15.226  7.337   10.701  1.00   41.88 ? 2073 HOH A O   1 
HETATM 1287 O  O   . HOH D 4 .   ? 11.915  8.066   8.771   1.00   24.58 ? 2074 HOH A O   1 
HETATM 1288 O  O   . HOH D 4 .   ? 13.483  12.223  3.661   1.00   19.37 ? 2075 HOH A O   1 
HETATM 1289 O  O   . HOH D 4 .   ? 4.607   11.891  0.037   1.00   16.56 ? 2076 HOH A O   1 
HETATM 1290 O  O   . HOH D 4 .   ? 9.880   10.135  7.516   1.00   29.08 ? 2077 HOH A O   1 
HETATM 1291 O  O   . HOH D 4 .   ? 5.209   12.148  7.553   1.00   42.07 ? 2078 HOH A O   1 
HETATM 1292 O  O   . HOH D 4 .   ? -6.443  8.808   -0.654  1.00   24.22 ? 2079 HOH A O   1 
HETATM 1293 O  O   . HOH D 4 .   ? -5.351  9.853   6.901   1.00   24.07 ? 2080 HOH A O   1 
HETATM 1294 O  O   . HOH D 4 .   ? -7.854  9.463   7.669   1.00   28.98 ? 2081 HOH A O   1 
HETATM 1295 O  O   . HOH D 4 .   ? -11.111 9.106   5.928   1.00   29.20 ? 2082 HOH A O   1 
HETATM 1296 O  O   . HOH D 4 .   ? -16.906 4.249   2.195   1.00   24.79 ? 2083 HOH A O   1 
HETATM 1297 O  O   . HOH D 4 .   ? -16.337 -6.684  12.366  1.00   35.35 ? 2084 HOH A O   1 
HETATM 1298 O  O   . HOH D 4 .   ? -19.447 2.171   11.699  1.00   29.10 ? 2085 HOH A O   1 
HETATM 1299 O  O   . HOH D 4 .   ? -16.196 7.323   8.823   1.00   29.59 ? 2086 HOH A O   1 
HETATM 1300 O  O   . HOH D 4 .   ? -12.586 7.662   9.555   1.00   40.75 ? 2087 HOH A O   1 
HETATM 1301 O  O   . HOH D 4 .   ? -17.144 0.221   14.436  1.00   27.45 ? 2088 HOH A O   1 
HETATM 1302 O  O   . HOH D 4 .   ? -10.364 0.192   16.395  1.00   45.19 ? 2089 HOH A O   1 
HETATM 1303 O  O   . HOH D 4 .   ? -13.147 -5.180  13.821  1.00   26.86 ? 2090 HOH A O   1 
HETATM 1304 O  O   . HOH D 4 .   ? -6.779  5.346   14.275  1.00   36.28 ? 2091 HOH A O   1 
HETATM 1305 O  O   . HOH D 4 .   ? -11.348 2.523   17.533  1.00   29.78 ? 2092 HOH A O   1 
HETATM 1306 O  O   . HOH D 4 .   ? -10.308 6.879   11.528  1.00   26.91 ? 2093 HOH A O   1 
HETATM 1307 O  O   . HOH D 4 .   ? -0.020  4.398   14.217  1.00   32.52 ? 2094 HOH A O   1 
HETATM 1308 O  O   . HOH D 4 .   ? -6.981  -0.682  16.740  1.00   26.63 ? 2095 HOH A O   1 
HETATM 1309 O  O   . HOH D 4 .   ? -2.752  -2.062  18.319  1.00   22.37 ? 2096 HOH A O   1 
HETATM 1310 O  O   . HOH D 4 .   ? -4.078  5.849   14.694  1.00   32.10 ? 2097 HOH A O   1 
HETATM 1311 O  O   . HOH D 4 .   ? 6.340   1.996   13.617  1.00   23.60 ? 2098 HOH A O   1 
HETATM 1312 O  O   . HOH D 4 .   ? 10.151  6.550   10.467  1.00   29.84 ? 2099 HOH A O   1 
HETATM 1313 O  O   . HOH D 4 .   ? 2.407   5.171   14.567  1.00   33.65 ? 2100 HOH A O   1 
HETATM 1314 O  O   . HOH D 4 .   ? 4.553   10.469  9.967   1.00   30.18 ? 2101 HOH A O   1 
HETATM 1315 O  O   . HOH D 4 .   ? 11.635  -0.168  11.968  1.00   24.10 ? 2102 HOH A O   1 
HETATM 1316 O  O   . HOH D 4 .   ? 16.212  3.688   12.455  1.00   35.93 ? 2103 HOH A O   1 
HETATM 1317 O  O   . HOH D 4 .   ? 16.221  -4.454  9.787   1.00   37.79 ? 2104 HOH A O   1 
HETATM 1318 O  O   . HOH D 4 .   ? 18.923  6.726   6.503   1.00   22.08 ? 2105 HOH A O   1 
HETATM 1319 O  O   . HOH D 4 .   ? 7.105   -7.469  -4.991  1.00   31.15 ? 2106 HOH A O   1 
HETATM 1320 O  O   . HOH D 4 .   ? 12.874  2.954   -9.484  1.00   34.41 ? 2107 HOH A O   1 
# 
loop_
_pdbx_poly_seq_scheme.asym_id 
_pdbx_poly_seq_scheme.entity_id 
_pdbx_poly_seq_scheme.seq_id 
_pdbx_poly_seq_scheme.mon_id 
_pdbx_poly_seq_scheme.ndb_seq_num 
_pdbx_poly_seq_scheme.pdb_seq_num 
_pdbx_poly_seq_scheme.auth_seq_num 
_pdbx_poly_seq_scheme.pdb_mon_id 
_pdbx_poly_seq_scheme.auth_mon_id 
_pdbx_poly_seq_scheme.pdb_strand_id 
_pdbx_poly_seq_scheme.pdb_ins_code 
_pdbx_poly_seq_scheme.hetero 
A 1 1   ALA 1   1   1   ALA ALA A . n 
A 1 2   VAL 2   2   2   VAL VAL A . n 
A 1 3   LEU 3   3   3   LEU LEU A . n 
A 1 4   THR 4   4   4   THR THR A . n 
A 1 5   GLN 5   5   5   GLN GLN A . n 
A 1 6   THR 6   6   6   THR THR A . n 
A 1 7   GLN 7   7   7   GLN GLN A . n 
A 1 8   ILE 8   8   8   ILE ILE A . n 
A 1 9   ASP 9   9   9   ASP ASP A . n 
A 1 10  SER 10  10  10  SER SER A . n 
A 1 11  ILE 11  11  11  ILE ILE A . n 
A 1 12  LEU 12  12  12  LEU LEU A . n 
A 1 13  ALA 13  13  13  ALA ALA A . n 
A 1 14  ASP 14  14  14  ASP ASP A . n 
A 1 15  LEU 15  15  15  LEU LEU A . n 
A 1 16  ALA 16  16  16  ALA ALA A . n 
A 1 17  HIS 17  17  17  HIS HIS A . n 
A 1 18  HIS 18  18  18  HIS HIS A . n 
A 1 19  THR 19  19  19  THR THR A . n 
A 1 20  ASP 20  20  20  ASP ASP A . n 
A 1 21  THR 21  21  21  THR THR A . n 
A 1 22  THR 22  22  22  THR THR A . n 
A 1 23  GLU 23  23  23  GLU GLU A . n 
A 1 24  HIS 24  24  24  HIS HIS A . n 
A 1 25  ILE 25  25  25  ILE ILE A . n 
A 1 26  THR 26  26  26  THR THR A . n 
A 1 27  GLU 27  27  27  GLU GLU A . n 
A 1 28  MET 28  28  28  MET MET A . n 
A 1 29  GLY 29  29  29  GLY GLY A . n 
A 1 30  VAL 30  30  30  VAL VAL A . n 
A 1 31  SER 31  31  31  SER SER A . n 
A 1 32  ILE 32  32  32  ILE ILE A . n 
A 1 33  TYR 33  33  33  TYR TYR A . n 
A 1 34  LYS 34  34  34  LYS LYS A . n 
A 1 35  THR 35  35  35  THR THR A . n 
A 1 36  LEU 36  36  36  LEU LEU A . n 
A 1 37  PHE 37  37  37  PHE PHE A . n 
A 1 38  ALA 38  38  38  ALA ALA A . n 
A 1 39  ALA 39  39  39  ALA ALA A . n 
A 1 40  HIS 40  40  40  HIS HIS A . n 
A 1 41  PRO 41  41  41  PRO PRO A . n 
A 1 42  GLU 42  42  42  GLU GLU A . n 
A 1 43  TYR 43  43  43  TYR TYR A . n 
A 1 44  ILE 44  44  44  ILE ILE A . n 
A 1 45  SER 45  45  45  SER SER A . n 
A 1 46  TYR 46  46  46  TYR TYR A . n 
A 1 47  PHE 47  47  47  PHE PHE A . n 
A 1 48  SER 48  48  48  SER SER A . n 
A 1 49  LYS 49  49  49  LYS LYS A . n 
A 1 50  LEU 50  50  50  LEU LEU A . n 
A 1 51  GLN 51  51  51  GLN GLN A . n 
A 1 52  GLY 52  52  52  GLY GLY A . n 
A 1 53  LEU 53  53  53  LEU LEU A . n 
A 1 54  THR 54  54  54  THR THR A . n 
A 1 55  LYS 55  55  55  LYS LYS A . n 
A 1 56  ASP 56  56  56  ASP ASP A . n 
A 1 57  ASN 57  57  57  ASN ASN A . n 
A 1 58  VAL 58  58  58  VAL VAL A . n 
A 1 59  GLY 59  59  59  GLY GLY A . n 
A 1 60  GLN 60  60  60  GLN GLN A . n 
A 1 61  SER 61  61  61  SER SER A . n 
A 1 62  GLU 62  62  62  GLU GLU A . n 
A 1 63  GLY 63  63  63  GLY GLY A . n 
A 1 64  ILE 64  64  64  ILE ILE A . n 
A 1 65  ARG 65  65  65  ARG ARG A . n 
A 1 66  TYR 66  66  66  TYR TYR A . n 
A 1 67  TYR 67  67  67  TYR TYR A . n 
A 1 68  GLY 68  68  68  GLY GLY A . n 
A 1 69  ARG 69  69  69  ARG ARG A . n 
A 1 70  THR 70  70  70  THR THR A . n 
A 1 71  LEU 71  71  71  LEU LEU A . n 
A 1 72  GLY 72  72  72  GLY GLY A . n 
A 1 73  GLU 73  73  73  GLU GLU A . n 
A 1 74  GLU 74  74  74  GLU GLU A . n 
A 1 75  LEU 75  75  75  LEU LEU A . n 
A 1 76  ILE 76  76  76  ILE ILE A . n 
A 1 77  ARG 77  77  77  ARG ARG A . n 
A 1 78  LEU 78  78  78  LEU LEU A . n 
A 1 79  LEU 79  79  79  LEU LEU A . n 
A 1 80  LYS 80  80  80  LYS LYS A . n 
A 1 81  ALA 81  81  81  ALA ALA A . n 
A 1 82  ALA 82  82  82  ALA ALA A . n 
A 1 83  SER 83  83  83  SER SER A . n 
A 1 84  ASN 84  84  84  ASN ASN A . n 
A 1 85  PRO 85  85  85  PRO PRO A . n 
A 1 86  SER 86  86  86  SER SER A . n 
A 1 87  VAL 87  87  87  VAL VAL A . n 
A 1 88  LEU 88  88  88  LEU LEU A . n 
A 1 89  GLU 89  89  89  GLU GLU A . n 
A 1 90  GLU 90  90  90  GLU GLU A . n 
A 1 91  ARG 91  91  91  ARG ARG A . n 
A 1 92  ILE 92  92  92  ILE ILE A . n 
A 1 93  VAL 93  93  93  VAL VAL A . n 
A 1 94  GLN 94  94  94  GLN GLN A . n 
A 1 95  GLY 95  95  95  GLY GLY A . n 
A 1 96  ALA 96  96  96  ALA ALA A . n 
A 1 97  LYS 97  97  97  LYS LYS A . n 
A 1 98  ASP 98  98  98  ASP ASP A . n 
A 1 99  HIS 99  99  99  HIS HIS A . n 
A 1 100 LYS 100 100 100 LYS LYS A . n 
A 1 101 ALA 101 101 101 ALA ALA A . n 
A 1 102 ARG 102 102 102 ARG ARG A . n 
A 1 103 PRO 103 103 103 PRO PRO A . n 
A 1 104 VAL 104 104 104 VAL VAL A . n 
A 1 105 THR 105 105 105 THR THR A . n 
A 1 106 LYS 106 106 106 LYS LYS A . n 
A 1 107 ASP 107 107 107 ASP ASP A . n 
A 1 108 GLN 108 108 108 GLN GLN A . n 
A 1 109 PHE 109 109 109 PHE PHE A . n 
A 1 110 THR 110 110 110 THR THR A . n 
A 1 111 GLY 111 111 111 GLY GLY A . n 
A 1 112 ALA 112 112 112 ALA ALA A . n 
A 1 113 ALA 113 113 113 ALA ALA A . n 
A 1 114 PRO 114 114 114 PRO PRO A . n 
A 1 115 ILE 115 115 115 ILE ILE A . n 
A 1 116 PHE 116 116 116 PHE PHE A . n 
A 1 117 ILE 117 117 117 ILE ILE A . n 
A 1 118 LYS 118 118 118 LYS LYS A . n 
A 1 119 PHE 119 119 119 PHE PHE A . n 
A 1 120 PHE 120 120 120 PHE PHE A . n 
A 1 121 GLN 121 121 121 GLN GLN A . n 
A 1 122 GLY 122 122 122 GLY GLY A . n 
A 1 123 LEU 123 123 123 LEU LEU A . n 
A 1 124 LEU 124 124 124 LEU LEU A . n 
A 1 125 LYS 125 125 125 LYS LYS A . n 
A 1 126 LYS 126 126 126 LYS LYS A . n 
A 1 127 GLN 127 127 127 GLN GLN A . n 
A 1 128 GLU 128 128 128 GLU GLU A . n 
A 1 129 ASP 129 129 129 ASP ASP A . n 
A 1 130 LYS 130 130 130 LYS LYS A . n 
A 1 131 ASP 131 131 131 ASP ASP A . n 
A 1 132 ALA 132 132 132 ALA ALA A . n 
A 1 133 ILE 133 133 133 ILE ILE A . n 
A 1 134 GLU 134 134 134 GLU GLU A . n 
A 1 135 LYS 135 135 135 LYS LYS A . n 
A 1 136 PHE 136 136 136 PHE PHE A . n 
A 1 137 LEU 137 137 137 LEU LEU A . n 
A 1 138 LEU 138 138 138 LEU LEU A . n 
A 1 139 HIS 139 139 139 HIS HIS A . n 
A 1 140 VAL 140 140 140 VAL VAL A . n 
A 1 141 MET 141 141 141 MET MET A . n 
A 1 142 GLN 142 142 142 GLN GLN A . n 
A 1 143 ALA 143 143 143 ALA ALA A . n 
A 1 144 ILE 144 144 144 ILE ILE A . n 
A 1 145 ALA 145 145 145 ALA ALA A . n 
A 1 146 ALA 146 146 146 ALA ALA A . n 
A 1 147 LYS 147 147 147 LYS LYS A . n 
A 1 148 MET 148 148 148 MET MET A . n 
# 
loop_
_pdbx_nonpoly_scheme.asym_id 
_pdbx_nonpoly_scheme.entity_id 
_pdbx_nonpoly_scheme.mon_id 
_pdbx_nonpoly_scheme.ndb_seq_num 
_pdbx_nonpoly_scheme.pdb_seq_num 
_pdbx_nonpoly_scheme.auth_seq_num 
_pdbx_nonpoly_scheme.pdb_mon_id 
_pdbx_nonpoly_scheme.auth_mon_id 
_pdbx_nonpoly_scheme.pdb_strand_id 
_pdbx_nonpoly_scheme.pdb_ins_code 
B 2 HEM 1   149  149  HEM HEM A . 
C 3 OXY 1   150  150  OXY OXY A . 
D 4 HOH 1   2001 2001 HOH HOH A . 
D 4 HOH 2   2002 2002 HOH HOH A . 
D 4 HOH 3   2003 2003 HOH HOH A . 
D 4 HOH 4   2004 2004 HOH HOH A . 
D 4 HOH 5   2005 2005 HOH HOH A . 
D 4 HOH 6   2006 2006 HOH HOH A . 
D 4 HOH 7   2007 2007 HOH HOH A . 
D 4 HOH 8   2008 2008 HOH HOH A . 
D 4 HOH 9   2009 2009 HOH HOH A . 
D 4 HOH 10  2010 2010 HOH HOH A . 
D 4 HOH 11  2011 2011 HOH HOH A . 
D 4 HOH 12  2012 2012 HOH HOH A . 
D 4 HOH 13  2013 2013 HOH HOH A . 
D 4 HOH 14  2014 2014 HOH HOH A . 
D 4 HOH 15  2015 2015 HOH HOH A . 
D 4 HOH 16  2016 2016 HOH HOH A . 
D 4 HOH 17  2017 2017 HOH HOH A . 
D 4 HOH 18  2018 2018 HOH HOH A . 
D 4 HOH 19  2019 2019 HOH HOH A . 
D 4 HOH 20  2020 2020 HOH HOH A . 
D 4 HOH 21  2021 2021 HOH HOH A . 
D 4 HOH 22  2022 2022 HOH HOH A . 
D 4 HOH 23  2023 2023 HOH HOH A . 
D 4 HOH 24  2024 2024 HOH HOH A . 
D 4 HOH 25  2025 2025 HOH HOH A . 
D 4 HOH 26  2026 2026 HOH HOH A . 
D 4 HOH 27  2027 2027 HOH HOH A . 
D 4 HOH 28  2028 2028 HOH HOH A . 
D 4 HOH 29  2029 2029 HOH HOH A . 
D 4 HOH 30  2030 2030 HOH HOH A . 
D 4 HOH 31  2031 2031 HOH HOH A . 
D 4 HOH 32  2032 2032 HOH HOH A . 
D 4 HOH 33  2033 2033 HOH HOH A . 
D 4 HOH 34  2034 2034 HOH HOH A . 
D 4 HOH 35  2035 2035 HOH HOH A . 
D 4 HOH 36  2036 2036 HOH HOH A . 
D 4 HOH 37  2037 2037 HOH HOH A . 
D 4 HOH 38  2038 2038 HOH HOH A . 
D 4 HOH 39  2039 2039 HOH HOH A . 
D 4 HOH 40  2040 2040 HOH HOH A . 
D 4 HOH 41  2041 2041 HOH HOH A . 
D 4 HOH 42  2042 2042 HOH HOH A . 
D 4 HOH 43  2043 2043 HOH HOH A . 
D 4 HOH 44  2044 2044 HOH HOH A . 
D 4 HOH 45  2045 2045 HOH HOH A . 
D 4 HOH 46  2046 2046 HOH HOH A . 
D 4 HOH 47  2047 2047 HOH HOH A . 
D 4 HOH 48  2048 2048 HOH HOH A . 
D 4 HOH 49  2049 2049 HOH HOH A . 
D 4 HOH 50  2050 2050 HOH HOH A . 
D 4 HOH 51  2051 2051 HOH HOH A . 
D 4 HOH 52  2052 2052 HOH HOH A . 
D 4 HOH 53  2053 2053 HOH HOH A . 
D 4 HOH 54  2054 2054 HOH HOH A . 
D 4 HOH 55  2055 2055 HOH HOH A . 
D 4 HOH 56  2056 2056 HOH HOH A . 
D 4 HOH 57  2057 2057 HOH HOH A . 
D 4 HOH 58  2058 2058 HOH HOH A . 
D 4 HOH 59  2059 2059 HOH HOH A . 
D 4 HOH 60  2060 2060 HOH HOH A . 
D 4 HOH 61  2061 2061 HOH HOH A . 
D 4 HOH 62  2062 2062 HOH HOH A . 
D 4 HOH 63  2063 2063 HOH HOH A . 
D 4 HOH 64  2064 2064 HOH HOH A . 
D 4 HOH 65  2065 2065 HOH HOH A . 
D 4 HOH 66  2066 2066 HOH HOH A . 
D 4 HOH 67  2067 2067 HOH HOH A . 
D 4 HOH 68  2068 2068 HOH HOH A . 
D 4 HOH 69  2069 2069 HOH HOH A . 
D 4 HOH 70  2070 2070 HOH HOH A . 
D 4 HOH 71  2071 2071 HOH HOH A . 
D 4 HOH 72  2072 2072 HOH HOH A . 
D 4 HOH 73  2073 2073 HOH HOH A . 
D 4 HOH 74  2074 2074 HOH HOH A . 
D 4 HOH 75  2075 2075 HOH HOH A . 
D 4 HOH 76  2076 2076 HOH HOH A . 
D 4 HOH 77  2077 2077 HOH HOH A . 
D 4 HOH 78  2078 2078 HOH HOH A . 
D 4 HOH 79  2079 2079 HOH HOH A . 
D 4 HOH 80  2080 2080 HOH HOH A . 
D 4 HOH 81  2081 2081 HOH HOH A . 
D 4 HOH 82  2082 2082 HOH HOH A . 
D 4 HOH 83  2083 2083 HOH HOH A . 
D 4 HOH 84  2084 2084 HOH HOH A . 
D 4 HOH 85  2085 2085 HOH HOH A . 
D 4 HOH 86  2086 2086 HOH HOH A . 
D 4 HOH 87  2087 2087 HOH HOH A . 
D 4 HOH 88  2088 2088 HOH HOH A . 
D 4 HOH 89  2089 2089 HOH HOH A . 
D 4 HOH 90  2090 2090 HOH HOH A . 
D 4 HOH 91  2091 2091 HOH HOH A . 
D 4 HOH 92  2092 2092 HOH HOH A . 
D 4 HOH 93  2093 2093 HOH HOH A . 
D 4 HOH 94  2094 2094 HOH HOH A . 
D 4 HOH 95  2095 2095 HOH HOH A . 
D 4 HOH 96  2096 2096 HOH HOH A . 
D 4 HOH 97  2097 2097 HOH HOH A . 
D 4 HOH 98  2098 2098 HOH HOH A . 
D 4 HOH 99  2099 2099 HOH HOH A . 
D 4 HOH 100 2100 2100 HOH HOH A . 
D 4 HOH 101 2101 2101 HOH HOH A . 
D 4 HOH 102 2102 2102 HOH HOH A . 
D 4 HOH 103 2103 2103 HOH HOH A . 
D 4 HOH 104 2104 2104 HOH HOH A . 
D 4 HOH 105 2105 2105 HOH HOH A . 
D 4 HOH 106 2106 2106 HOH HOH A . 
D 4 HOH 107 2107 2107 HOH HOH A . 
# 
_pdbx_struct_assembly.id                   1 
_pdbx_struct_assembly.details              author_and_software_defined_assembly 
_pdbx_struct_assembly.method_details       PQS 
_pdbx_struct_assembly.oligomeric_details   monomeric 
_pdbx_struct_assembly.oligomeric_count     1 
# 
_pdbx_struct_assembly_gen.assembly_id       1 
_pdbx_struct_assembly_gen.oper_expression   1 
_pdbx_struct_assembly_gen.asym_id_list      A,B,C,D 
# 
_pdbx_struct_oper_list.id                   1 
_pdbx_struct_oper_list.type                 'identity operation' 
_pdbx_struct_oper_list.name                 1_555 
_pdbx_struct_oper_list.symmetry_operation   x,y,z 
_pdbx_struct_oper_list.matrix[1][1]         1.0000000000 
_pdbx_struct_oper_list.matrix[1][2]         0.0000000000 
_pdbx_struct_oper_list.matrix[1][3]         0.0000000000 
_pdbx_struct_oper_list.vector[1]            0.0000000000 
_pdbx_struct_oper_list.matrix[2][1]         0.0000000000 
_pdbx_struct_oper_list.matrix[2][2]         1.0000000000 
_pdbx_struct_oper_list.matrix[2][3]         0.0000000000 
_pdbx_struct_oper_list.vector[2]            0.0000000000 
_pdbx_struct_oper_list.matrix[3][1]         0.0000000000 
_pdbx_struct_oper_list.matrix[3][2]         0.0000000000 
_pdbx_struct_oper_list.matrix[3][3]         1.0000000000 
_pdbx_struct_oper_list.vector[3]            0.0000000000 
# 
loop_
_pdbx_struct_conn_angle.id 
_pdbx_struct_conn_angle.ptnr1_label_atom_id 
_pdbx_struct_conn_angle.ptnr1_label_alt_id 
_pdbx_struct_conn_angle.ptnr1_label_asym_id 
_pdbx_struct_conn_angle.ptnr1_label_comp_id 
_pdbx_struct_conn_angle.ptnr1_label_seq_id 
_pdbx_struct_conn_angle.ptnr1_auth_atom_id 
_pdbx_struct_conn_angle.ptnr1_auth_asym_id 
_pdbx_struct_conn_angle.ptnr1_auth_comp_id 
_pdbx_struct_conn_angle.ptnr1_auth_seq_id 
_pdbx_struct_conn_angle.ptnr1_PDB_ins_code 
_pdbx_struct_conn_angle.ptnr1_symmetry 
_pdbx_struct_conn_angle.ptnr2_label_atom_id 
_pdbx_struct_conn_angle.ptnr2_label_alt_id 
_pdbx_struct_conn_angle.ptnr2_label_asym_id 
_pdbx_struct_conn_angle.ptnr2_label_comp_id 
_pdbx_struct_conn_angle.ptnr2_label_seq_id 
_pdbx_struct_conn_angle.ptnr2_auth_atom_id 
_pdbx_struct_conn_angle.ptnr2_auth_asym_id 
_pdbx_struct_conn_angle.ptnr2_auth_comp_id 
_pdbx_struct_conn_angle.ptnr2_auth_seq_id 
_pdbx_struct_conn_angle.ptnr2_PDB_ins_code 
_pdbx_struct_conn_angle.ptnr2_symmetry 
_pdbx_struct_conn_angle.ptnr3_label_atom_id 
_pdbx_struct_conn_angle.ptnr3_label_alt_id 
_pdbx_struct_conn_angle.ptnr3_label_asym_id 
_pdbx_struct_conn_angle.ptnr3_label_comp_id 
_pdbx_struct_conn_angle.ptnr3_label_seq_id 
_pdbx_struct_conn_angle.ptnr3_auth_atom_id 
_pdbx_struct_conn_angle.ptnr3_auth_asym_id 
_pdbx_struct_conn_angle.ptnr3_auth_comp_id 
_pdbx_struct_conn_angle.ptnr3_auth_seq_id 
_pdbx_struct_conn_angle.ptnr3_PDB_ins_code 
_pdbx_struct_conn_angle.ptnr3_symmetry 
_pdbx_struct_conn_angle.value 
_pdbx_struct_conn_angle.value_esd 
1  NE2 ? A HIS 99 ? A HIS 99  ? 1_555 FE ? B HEM . ? A HEM 149 ? 1_555 NA ? B HEM . ? A HEM 149 ? 1_555 87.9  ? 
2  NE2 ? A HIS 99 ? A HIS 99  ? 1_555 FE ? B HEM . ? A HEM 149 ? 1_555 NB ? B HEM . ? A HEM 149 ? 1_555 87.3  ? 
3  NA  ? B HEM .  ? A HEM 149 ? 1_555 FE ? B HEM . ? A HEM 149 ? 1_555 NB ? B HEM . ? A HEM 149 ? 1_555 92.1  ? 
4  NE2 ? A HIS 99 ? A HIS 99  ? 1_555 FE ? B HEM . ? A HEM 149 ? 1_555 NC ? B HEM . ? A HEM 149 ? 1_555 89.6  ? 
5  NA  ? B HEM .  ? A HEM 149 ? 1_555 FE ? B HEM . ? A HEM 149 ? 1_555 NC ? B HEM . ? A HEM 149 ? 1_555 177.3 ? 
6  NB  ? B HEM .  ? A HEM 149 ? 1_555 FE ? B HEM . ? A HEM 149 ? 1_555 NC ? B HEM . ? A HEM 149 ? 1_555 87.1  ? 
7  NE2 ? A HIS 99 ? A HIS 99  ? 1_555 FE ? B HEM . ? A HEM 149 ? 1_555 ND ? B HEM . ? A HEM 149 ? 1_555 91.8  ? 
8  NA  ? B HEM .  ? A HEM 149 ? 1_555 FE ? B HEM . ? A HEM 149 ? 1_555 ND ? B HEM . ? A HEM 149 ? 1_555 88.7  ? 
9  NB  ? B HEM .  ? A HEM 149 ? 1_555 FE ? B HEM . ? A HEM 149 ? 1_555 ND ? B HEM . ? A HEM 149 ? 1_555 178.8 ? 
10 NC  ? B HEM .  ? A HEM 149 ? 1_555 FE ? B HEM . ? A HEM 149 ? 1_555 ND ? B HEM . ? A HEM 149 ? 1_555 92.1  ? 
11 NE2 ? A HIS 99 ? A HIS 99  ? 1_555 FE ? B HEM . ? A HEM 149 ? 1_555 O1 ? C OXY . ? A OXY 150 ? 1_555 159.7 ? 
12 NA  ? B HEM .  ? A HEM 149 ? 1_555 FE ? B HEM . ? A HEM 149 ? 1_555 O1 ? C OXY . ? A OXY 150 ? 1_555 111.9 ? 
13 NB  ? B HEM .  ? A HEM 149 ? 1_555 FE ? B HEM . ? A HEM 149 ? 1_555 O1 ? C OXY . ? A OXY 150 ? 1_555 96.6  ? 
14 NC  ? B HEM .  ? A HEM 149 ? 1_555 FE ? B HEM . ? A HEM 149 ? 1_555 O1 ? C OXY . ? A OXY 150 ? 1_555 70.8  ? 
15 ND  ? B HEM .  ? A HEM 149 ? 1_555 FE ? B HEM . ? A HEM 149 ? 1_555 O1 ? C OXY . ? A OXY 150 ? 1_555 84.1  ? 
16 NE2 ? A HIS 99 ? A HIS 99  ? 1_555 FE ? B HEM . ? A HEM 149 ? 1_555 O2 ? C OXY . ? A OXY 150 ? 1_555 178.3 ? 
17 NA  ? B HEM .  ? A HEM 149 ? 1_555 FE ? B HEM . ? A HEM 149 ? 1_555 O2 ? C OXY . ? A OXY 150 ? 1_555 90.7  ? 
18 NB  ? B HEM .  ? A HEM 149 ? 1_555 FE ? B HEM . ? A HEM 149 ? 1_555 O2 ? C OXY . ? A OXY 150 ? 1_555 91.9  ? 
19 NC  ? B HEM .  ? A HEM 149 ? 1_555 FE ? B HEM . ? A HEM 149 ? 1_555 O2 ? C OXY . ? A OXY 150 ? 1_555 91.8  ? 
20 ND  ? B HEM .  ? A HEM 149 ? 1_555 FE ? B HEM . ? A HEM 149 ? 1_555 O2 ? C OXY . ? A OXY 150 ? 1_555 89.0  ? 
21 O1  ? C OXY .  ? A OXY 150 ? 1_555 FE ? B HEM . ? A HEM 149 ? 1_555 O2 ? C OXY . ? A OXY 150 ? 1_555 21.9  ? 
# 
loop_
_pdbx_audit_revision_history.ordinal 
_pdbx_audit_revision_history.data_content_type 
_pdbx_audit_revision_history.major_revision 
_pdbx_audit_revision_history.minor_revision 
_pdbx_audit_revision_history.revision_date 
1 'Structure model' 1 0 2008-08-12 
2 'Structure model' 1 1 2011-05-07 
3 'Structure model' 1 2 2011-07-13 
4 'Structure model' 1 3 2019-03-06 
5 'Structure model' 1 4 2023-12-13 
# 
_pdbx_audit_revision_details.ordinal             1 
_pdbx_audit_revision_details.revision_ordinal    1 
_pdbx_audit_revision_details.data_content_type   'Structure model' 
_pdbx_audit_revision_details.provider            repository 
_pdbx_audit_revision_details.type                'Initial release' 
_pdbx_audit_revision_details.description         ? 
_pdbx_audit_revision_details.details             ? 
# 
loop_
_pdbx_audit_revision_group.ordinal 
_pdbx_audit_revision_group.revision_ordinal 
_pdbx_audit_revision_group.data_content_type 
_pdbx_audit_revision_group.group 
1  2 'Structure model' 'Version format compliance' 
2  3 'Structure model' 'Version format compliance' 
3  4 'Structure model' Advisory                    
4  4 'Structure model' 'Data collection'           
5  4 'Structure model' 'Experimental preparation'  
6  4 'Structure model' Other                       
7  5 'Structure model' Advisory                    
8  5 'Structure model' 'Data collection'           
9  5 'Structure model' 'Database references'       
10 5 'Structure model' 'Derived calculations'      
11 5 'Structure model' Other                       
12 5 'Structure model' 'Refinement description'    
# 
loop_
_pdbx_audit_revision_category.ordinal 
_pdbx_audit_revision_category.revision_ordinal 
_pdbx_audit_revision_category.data_content_type 
_pdbx_audit_revision_category.category 
1  4 'Structure model' exptl_crystal_grow            
2  4 'Structure model' pdbx_database_proc            
3  4 'Structure model' pdbx_database_status          
4  4 'Structure model' pdbx_unobs_or_zero_occ_atoms  
5  5 'Structure model' chem_comp_atom                
6  5 'Structure model' chem_comp_bond                
7  5 'Structure model' database_2                    
8  5 'Structure model' pdbx_database_status          
9  5 'Structure model' pdbx_initial_refinement_model 
10 5 'Structure model' pdbx_struct_conn_angle        
11 5 'Structure model' pdbx_unobs_or_zero_occ_atoms  
12 5 'Structure model' struct_conn                   
13 5 'Structure model' struct_site                   
# 
loop_
_pdbx_audit_revision_item.ordinal 
_pdbx_audit_revision_item.revision_ordinal 
_pdbx_audit_revision_item.data_content_type 
_pdbx_audit_revision_item.item 
1  4 'Structure model' '_exptl_crystal_grow.temp'                    
2  4 'Structure model' '_pdbx_database_status.recvd_author_approval' 
3  5 'Structure model' '_database_2.pdbx_DOI'                        
4  5 'Structure model' '_database_2.pdbx_database_accession'         
5  5 'Structure model' '_pdbx_database_status.status_code_sf'        
6  5 'Structure model' '_pdbx_struct_conn_angle.ptnr1_auth_comp_id'  
7  5 'Structure model' '_pdbx_struct_conn_angle.ptnr1_auth_seq_id'   
8  5 'Structure model' '_pdbx_struct_conn_angle.ptnr1_label_asym_id' 
9  5 'Structure model' '_pdbx_struct_conn_angle.ptnr1_label_atom_id' 
10 5 'Structure model' '_pdbx_struct_conn_angle.ptnr1_label_comp_id' 
11 5 'Structure model' '_pdbx_struct_conn_angle.ptnr1_label_seq_id'  
12 5 'Structure model' '_pdbx_struct_conn_angle.ptnr3_auth_comp_id'  
13 5 'Structure model' '_pdbx_struct_conn_angle.ptnr3_auth_seq_id'   
14 5 'Structure model' '_pdbx_struct_conn_angle.ptnr3_label_asym_id' 
15 5 'Structure model' '_pdbx_struct_conn_angle.ptnr3_label_atom_id' 
16 5 'Structure model' '_pdbx_struct_conn_angle.ptnr3_label_comp_id' 
17 5 'Structure model' '_pdbx_struct_conn_angle.ptnr3_label_seq_id'  
18 5 'Structure model' '_pdbx_struct_conn_angle.value'               
19 5 'Structure model' '_struct_conn.pdbx_dist_value'                
20 5 'Structure model' '_struct_conn.ptnr1_auth_comp_id'             
21 5 'Structure model' '_struct_conn.ptnr1_auth_seq_id'              
22 5 'Structure model' '_struct_conn.ptnr1_label_asym_id'            
23 5 'Structure model' '_struct_conn.ptnr1_label_atom_id'            
24 5 'Structure model' '_struct_conn.ptnr1_label_comp_id'            
25 5 'Structure model' '_struct_conn.ptnr1_label_seq_id'             
26 5 'Structure model' '_struct_conn.ptnr2_auth_comp_id'             
27 5 'Structure model' '_struct_conn.ptnr2_auth_seq_id'              
28 5 'Structure model' '_struct_conn.ptnr2_label_asym_id'            
29 5 'Structure model' '_struct_conn.ptnr2_label_atom_id'            
30 5 'Structure model' '_struct_conn.ptnr2_label_comp_id'            
31 5 'Structure model' '_struct_conn.ptnr2_label_seq_id'             
32 5 'Structure model' '_struct_site.pdbx_auth_asym_id'              
33 5 'Structure model' '_struct_site.pdbx_auth_comp_id'              
34 5 'Structure model' '_struct_site.pdbx_auth_seq_id'               
# 
loop_
_software.name 
_software.classification 
_software.version 
_software.citation_id 
_software.pdbx_ordinal 
REFMAC refinement       5.2.0005 ? 1 
MOSFLM 'data reduction' .        ? 2 
SCALA  'data scaling'   .        ? 3 
MOLREP phasing          .        ? 4 
# 
_pdbx_entry_details.entry_id                 2VYW 
_pdbx_entry_details.compound_details         ? 
_pdbx_entry_details.source_details           ? 
_pdbx_entry_details.nonpolymer_details       ? 
_pdbx_entry_details.sequence_details         
;NUCLEOTIDE SEQUENCE THE AMINO ACID SEQUENCE IS NOT YET
AVAILABLE
;
_pdbx_entry_details.has_ligand_of_interest   ? 
# 
_pdbx_validate_rmsd_angle.id                         1 
_pdbx_validate_rmsd_angle.PDB_model_num              1 
_pdbx_validate_rmsd_angle.auth_atom_id_1             CA 
_pdbx_validate_rmsd_angle.auth_asym_id_1             A 
_pdbx_validate_rmsd_angle.auth_comp_id_1             ALA 
_pdbx_validate_rmsd_angle.auth_seq_id_1              1 
_pdbx_validate_rmsd_angle.PDB_ins_code_1             ? 
_pdbx_validate_rmsd_angle.label_alt_id_1             ? 
_pdbx_validate_rmsd_angle.auth_atom_id_2             C 
_pdbx_validate_rmsd_angle.auth_asym_id_2             A 
_pdbx_validate_rmsd_angle.auth_comp_id_2             ALA 
_pdbx_validate_rmsd_angle.auth_seq_id_2              1 
_pdbx_validate_rmsd_angle.PDB_ins_code_2             ? 
_pdbx_validate_rmsd_angle.label_alt_id_2             ? 
_pdbx_validate_rmsd_angle.auth_atom_id_3             N 
_pdbx_validate_rmsd_angle.auth_asym_id_3             A 
_pdbx_validate_rmsd_angle.auth_comp_id_3             VAL 
_pdbx_validate_rmsd_angle.auth_seq_id_3              2 
_pdbx_validate_rmsd_angle.PDB_ins_code_3             ? 
_pdbx_validate_rmsd_angle.label_alt_id_3             ? 
_pdbx_validate_rmsd_angle.angle_value                99.85 
_pdbx_validate_rmsd_angle.angle_target_value         117.20 
_pdbx_validate_rmsd_angle.angle_deviation            -17.35 
_pdbx_validate_rmsd_angle.angle_standard_deviation   2.20 
_pdbx_validate_rmsd_angle.linker_flag                Y 
# 
_pdbx_validate_main_chain_plane.id                       1 
_pdbx_validate_main_chain_plane.PDB_model_num            1 
_pdbx_validate_main_chain_plane.auth_comp_id             ALA 
_pdbx_validate_main_chain_plane.auth_asym_id             A 
_pdbx_validate_main_chain_plane.auth_seq_id              1 
_pdbx_validate_main_chain_plane.PDB_ins_code             ? 
_pdbx_validate_main_chain_plane.label_alt_id             ? 
_pdbx_validate_main_chain_plane.improper_torsion_angle   13.61 
# 
loop_
_pdbx_unobs_or_zero_occ_atoms.id 
_pdbx_unobs_or_zero_occ_atoms.PDB_model_num 
_pdbx_unobs_or_zero_occ_atoms.polymer_flag 
_pdbx_unobs_or_zero_occ_atoms.occupancy_flag 
_pdbx_unobs_or_zero_occ_atoms.auth_asym_id 
_pdbx_unobs_or_zero_occ_atoms.auth_comp_id 
_pdbx_unobs_or_zero_occ_atoms.auth_seq_id 
_pdbx_unobs_or_zero_occ_atoms.PDB_ins_code 
_pdbx_unobs_or_zero_occ_atoms.auth_atom_id 
_pdbx_unobs_or_zero_occ_atoms.label_alt_id 
_pdbx_unobs_or_zero_occ_atoms.label_asym_id 
_pdbx_unobs_or_zero_occ_atoms.label_comp_id 
_pdbx_unobs_or_zero_occ_atoms.label_seq_id 
_pdbx_unobs_or_zero_occ_atoms.label_atom_id 
1  1 Y 0 A ALA 1   ? N   ? A ALA 1   N   
2  1 Y 0 A ALA 1   ? CA  ? A ALA 1   CA  
3  1 Y 0 A ALA 1   ? CB  ? A ALA 1   CB  
4  1 Y 0 A LYS 126 ? CD  ? A LYS 126 CD  
5  1 Y 0 A LYS 126 ? CE  ? A LYS 126 CE  
6  1 Y 0 A LYS 126 ? NZ  ? A LYS 126 NZ  
7  1 Y 0 A GLU 128 ? CG  ? A GLU 128 CG  
8  1 Y 0 A GLU 128 ? CD  ? A GLU 128 CD  
9  1 Y 0 A GLU 128 ? OE1 ? A GLU 128 OE1 
10 1 Y 0 A GLU 128 ? OE2 ? A GLU 128 OE2 
# 
loop_
_chem_comp_atom.comp_id 
_chem_comp_atom.atom_id 
_chem_comp_atom.type_symbol 
_chem_comp_atom.pdbx_aromatic_flag 
_chem_comp_atom.pdbx_stereo_config 
_chem_comp_atom.pdbx_ordinal 
ALA N    N  N N 1   
ALA CA   C  N S 2   
ALA C    C  N N 3   
ALA O    O  N N 4   
ALA CB   C  N N 5   
ALA OXT  O  N N 6   
ALA H    H  N N 7   
ALA H2   H  N N 8   
ALA HA   H  N N 9   
ALA HB1  H  N N 10  
ALA HB2  H  N N 11  
ALA HB3  H  N N 12  
ALA HXT  H  N N 13  
ARG N    N  N N 14  
ARG CA   C  N S 15  
ARG C    C  N N 16  
ARG O    O  N N 17  
ARG CB   C  N N 18  
ARG CG   C  N N 19  
ARG CD   C  N N 20  
ARG NE   N  N N 21  
ARG CZ   C  N N 22  
ARG NH1  N  N N 23  
ARG NH2  N  N N 24  
ARG OXT  O  N N 25  
ARG H    H  N N 26  
ARG H2   H  N N 27  
ARG HA   H  N N 28  
ARG HB2  H  N N 29  
ARG HB3  H  N N 30  
ARG HG2  H  N N 31  
ARG HG3  H  N N 32  
ARG HD2  H  N N 33  
ARG HD3  H  N N 34  
ARG HE   H  N N 35  
ARG HH11 H  N N 36  
ARG HH12 H  N N 37  
ARG HH21 H  N N 38  
ARG HH22 H  N N 39  
ARG HXT  H  N N 40  
ASN N    N  N N 41  
ASN CA   C  N S 42  
ASN C    C  N N 43  
ASN O    O  N N 44  
ASN CB   C  N N 45  
ASN CG   C  N N 46  
ASN OD1  O  N N 47  
ASN ND2  N  N N 48  
ASN OXT  O  N N 49  
ASN H    H  N N 50  
ASN H2   H  N N 51  
ASN HA   H  N N 52  
ASN HB2  H  N N 53  
ASN HB3  H  N N 54  
ASN HD21 H  N N 55  
ASN HD22 H  N N 56  
ASN HXT  H  N N 57  
ASP N    N  N N 58  
ASP CA   C  N S 59  
ASP C    C  N N 60  
ASP O    O  N N 61  
ASP CB   C  N N 62  
ASP CG   C  N N 63  
ASP OD1  O  N N 64  
ASP OD2  O  N N 65  
ASP OXT  O  N N 66  
ASP H    H  N N 67  
ASP H2   H  N N 68  
ASP HA   H  N N 69  
ASP HB2  H  N N 70  
ASP HB3  H  N N 71  
ASP HD2  H  N N 72  
ASP HXT  H  N N 73  
GLN N    N  N N 74  
GLN CA   C  N S 75  
GLN C    C  N N 76  
GLN O    O  N N 77  
GLN CB   C  N N 78  
GLN CG   C  N N 79  
GLN CD   C  N N 80  
GLN OE1  O  N N 81  
GLN NE2  N  N N 82  
GLN OXT  O  N N 83  
GLN H    H  N N 84  
GLN H2   H  N N 85  
GLN HA   H  N N 86  
GLN HB2  H  N N 87  
GLN HB3  H  N N 88  
GLN HG2  H  N N 89  
GLN HG3  H  N N 90  
GLN HE21 H  N N 91  
GLN HE22 H  N N 92  
GLN HXT  H  N N 93  
GLU N    N  N N 94  
GLU CA   C  N S 95  
GLU C    C  N N 96  
GLU O    O  N N 97  
GLU CB   C  N N 98  
GLU CG   C  N N 99  
GLU CD   C  N N 100 
GLU OE1  O  N N 101 
GLU OE2  O  N N 102 
GLU OXT  O  N N 103 
GLU H    H  N N 104 
GLU H2   H  N N 105 
GLU HA   H  N N 106 
GLU HB2  H  N N 107 
GLU HB3  H  N N 108 
GLU HG2  H  N N 109 
GLU HG3  H  N N 110 
GLU HE2  H  N N 111 
GLU HXT  H  N N 112 
GLY N    N  N N 113 
GLY CA   C  N N 114 
GLY C    C  N N 115 
GLY O    O  N N 116 
GLY OXT  O  N N 117 
GLY H    H  N N 118 
GLY H2   H  N N 119 
GLY HA2  H  N N 120 
GLY HA3  H  N N 121 
GLY HXT  H  N N 122 
HEM CHA  C  N N 123 
HEM CHB  C  N N 124 
HEM CHC  C  N N 125 
HEM CHD  C  N N 126 
HEM C1A  C  Y N 127 
HEM C2A  C  Y N 128 
HEM C3A  C  Y N 129 
HEM C4A  C  Y N 130 
HEM CMA  C  N N 131 
HEM CAA  C  N N 132 
HEM CBA  C  N N 133 
HEM CGA  C  N N 134 
HEM O1A  O  N N 135 
HEM O2A  O  N N 136 
HEM C1B  C  N N 137 
HEM C2B  C  N N 138 
HEM C3B  C  N N 139 
HEM C4B  C  N N 140 
HEM CMB  C  N N 141 
HEM CAB  C  N N 142 
HEM CBB  C  N N 143 
HEM C1C  C  Y N 144 
HEM C2C  C  Y N 145 
HEM C3C  C  Y N 146 
HEM C4C  C  Y N 147 
HEM CMC  C  N N 148 
HEM CAC  C  N N 149 
HEM CBC  C  N N 150 
HEM C1D  C  N N 151 
HEM C2D  C  N N 152 
HEM C3D  C  N N 153 
HEM C4D  C  N N 154 
HEM CMD  C  N N 155 
HEM CAD  C  N N 156 
HEM CBD  C  N N 157 
HEM CGD  C  N N 158 
HEM O1D  O  N N 159 
HEM O2D  O  N N 160 
HEM NA   N  Y N 161 
HEM NB   N  N N 162 
HEM NC   N  Y N 163 
HEM ND   N  N N 164 
HEM FE   FE N N 165 
HEM HHB  H  N N 166 
HEM HHC  H  N N 167 
HEM HHD  H  N N 168 
HEM HMA  H  N N 169 
HEM HMAA H  N N 170 
HEM HMAB H  N N 171 
HEM HAA  H  N N 172 
HEM HAAA H  N N 173 
HEM HBA  H  N N 174 
HEM HBAA H  N N 175 
HEM HMB  H  N N 176 
HEM HMBA H  N N 177 
HEM HMBB H  N N 178 
HEM HAB  H  N N 179 
HEM HBB  H  N N 180 
HEM HBBA H  N N 181 
HEM HMC  H  N N 182 
HEM HMCA H  N N 183 
HEM HMCB H  N N 184 
HEM HAC  H  N N 185 
HEM HBC  H  N N 186 
HEM HBCA H  N N 187 
HEM HMD  H  N N 188 
HEM HMDA H  N N 189 
HEM HMDB H  N N 190 
HEM HAD  H  N N 191 
HEM HADA H  N N 192 
HEM HBD  H  N N 193 
HEM HBDA H  N N 194 
HEM H2A  H  N N 195 
HEM H2D  H  N N 196 
HEM HHA  H  N N 197 
HIS N    N  N N 198 
HIS CA   C  N S 199 
HIS C    C  N N 200 
HIS O    O  N N 201 
HIS CB   C  N N 202 
HIS CG   C  Y N 203 
HIS ND1  N  Y N 204 
HIS CD2  C  Y N 205 
HIS CE1  C  Y N 206 
HIS NE2  N  Y N 207 
HIS OXT  O  N N 208 
HIS H    H  N N 209 
HIS H2   H  N N 210 
HIS HA   H  N N 211 
HIS HB2  H  N N 212 
HIS HB3  H  N N 213 
HIS HD1  H  N N 214 
HIS HD2  H  N N 215 
HIS HE1  H  N N 216 
HIS HE2  H  N N 217 
HIS HXT  H  N N 218 
HOH O    O  N N 219 
HOH H1   H  N N 220 
HOH H2   H  N N 221 
ILE N    N  N N 222 
ILE CA   C  N S 223 
ILE C    C  N N 224 
ILE O    O  N N 225 
ILE CB   C  N S 226 
ILE CG1  C  N N 227 
ILE CG2  C  N N 228 
ILE CD1  C  N N 229 
ILE OXT  O  N N 230 
ILE H    H  N N 231 
ILE H2   H  N N 232 
ILE HA   H  N N 233 
ILE HB   H  N N 234 
ILE HG12 H  N N 235 
ILE HG13 H  N N 236 
ILE HG21 H  N N 237 
ILE HG22 H  N N 238 
ILE HG23 H  N N 239 
ILE HD11 H  N N 240 
ILE HD12 H  N N 241 
ILE HD13 H  N N 242 
ILE HXT  H  N N 243 
LEU N    N  N N 244 
LEU CA   C  N S 245 
LEU C    C  N N 246 
LEU O    O  N N 247 
LEU CB   C  N N 248 
LEU CG   C  N N 249 
LEU CD1  C  N N 250 
LEU CD2  C  N N 251 
LEU OXT  O  N N 252 
LEU H    H  N N 253 
LEU H2   H  N N 254 
LEU HA   H  N N 255 
LEU HB2  H  N N 256 
LEU HB3  H  N N 257 
LEU HG   H  N N 258 
LEU HD11 H  N N 259 
LEU HD12 H  N N 260 
LEU HD13 H  N N 261 
LEU HD21 H  N N 262 
LEU HD22 H  N N 263 
LEU HD23 H  N N 264 
LEU HXT  H  N N 265 
LYS N    N  N N 266 
LYS CA   C  N S 267 
LYS C    C  N N 268 
LYS O    O  N N 269 
LYS CB   C  N N 270 
LYS CG   C  N N 271 
LYS CD   C  N N 272 
LYS CE   C  N N 273 
LYS NZ   N  N N 274 
LYS OXT  O  N N 275 
LYS H    H  N N 276 
LYS H2   H  N N 277 
LYS HA   H  N N 278 
LYS HB2  H  N N 279 
LYS HB3  H  N N 280 
LYS HG2  H  N N 281 
LYS HG3  H  N N 282 
LYS HD2  H  N N 283 
LYS HD3  H  N N 284 
LYS HE2  H  N N 285 
LYS HE3  H  N N 286 
LYS HZ1  H  N N 287 
LYS HZ2  H  N N 288 
LYS HZ3  H  N N 289 
LYS HXT  H  N N 290 
MET N    N  N N 291 
MET CA   C  N S 292 
MET C    C  N N 293 
MET O    O  N N 294 
MET CB   C  N N 295 
MET CG   C  N N 296 
MET SD   S  N N 297 
MET CE   C  N N 298 
MET OXT  O  N N 299 
MET H    H  N N 300 
MET H2   H  N N 301 
MET HA   H  N N 302 
MET HB2  H  N N 303 
MET HB3  H  N N 304 
MET HG2  H  N N 305 
MET HG3  H  N N 306 
MET HE1  H  N N 307 
MET HE2  H  N N 308 
MET HE3  H  N N 309 
MET HXT  H  N N 310 
OXY O1   O  N N 311 
OXY O2   O  N N 312 
PHE N    N  N N 313 
PHE CA   C  N S 314 
PHE C    C  N N 315 
PHE O    O  N N 316 
PHE CB   C  N N 317 
PHE CG   C  Y N 318 
PHE CD1  C  Y N 319 
PHE CD2  C  Y N 320 
PHE CE1  C  Y N 321 
PHE CE2  C  Y N 322 
PHE CZ   C  Y N 323 
PHE OXT  O  N N 324 
PHE H    H  N N 325 
PHE H2   H  N N 326 
PHE HA   H  N N 327 
PHE HB2  H  N N 328 
PHE HB3  H  N N 329 
PHE HD1  H  N N 330 
PHE HD2  H  N N 331 
PHE HE1  H  N N 332 
PHE HE2  H  N N 333 
PHE HZ   H  N N 334 
PHE HXT  H  N N 335 
PRO N    N  N N 336 
PRO CA   C  N S 337 
PRO C    C  N N 338 
PRO O    O  N N 339 
PRO CB   C  N N 340 
PRO CG   C  N N 341 
PRO CD   C  N N 342 
PRO OXT  O  N N 343 
PRO H    H  N N 344 
PRO HA   H  N N 345 
PRO HB2  H  N N 346 
PRO HB3  H  N N 347 
PRO HG2  H  N N 348 
PRO HG3  H  N N 349 
PRO HD2  H  N N 350 
PRO HD3  H  N N 351 
PRO HXT  H  N N 352 
SER N    N  N N 353 
SER CA   C  N S 354 
SER C    C  N N 355 
SER O    O  N N 356 
SER CB   C  N N 357 
SER OG   O  N N 358 
SER OXT  O  N N 359 
SER H    H  N N 360 
SER H2   H  N N 361 
SER HA   H  N N 362 
SER HB2  H  N N 363 
SER HB3  H  N N 364 
SER HG   H  N N 365 
SER HXT  H  N N 366 
THR N    N  N N 367 
THR CA   C  N S 368 
THR C    C  N N 369 
THR O    O  N N 370 
THR CB   C  N R 371 
THR OG1  O  N N 372 
THR CG2  C  N N 373 
THR OXT  O  N N 374 
THR H    H  N N 375 
THR H2   H  N N 376 
THR HA   H  N N 377 
THR HB   H  N N 378 
THR HG1  H  N N 379 
THR HG21 H  N N 380 
THR HG22 H  N N 381 
THR HG23 H  N N 382 
THR HXT  H  N N 383 
TYR N    N  N N 384 
TYR CA   C  N S 385 
TYR C    C  N N 386 
TYR O    O  N N 387 
TYR CB   C  N N 388 
TYR CG   C  Y N 389 
TYR CD1  C  Y N 390 
TYR CD2  C  Y N 391 
TYR CE1  C  Y N 392 
TYR CE2  C  Y N 393 
TYR CZ   C  Y N 394 
TYR OH   O  N N 395 
TYR OXT  O  N N 396 
TYR H    H  N N 397 
TYR H2   H  N N 398 
TYR HA   H  N N 399 
TYR HB2  H  N N 400 
TYR HB3  H  N N 401 
TYR HD1  H  N N 402 
TYR HD2  H  N N 403 
TYR HE1  H  N N 404 
TYR HE2  H  N N 405 
TYR HH   H  N N 406 
TYR HXT  H  N N 407 
VAL N    N  N N 408 
VAL CA   C  N S 409 
VAL C    C  N N 410 
VAL O    O  N N 411 
VAL CB   C  N N 412 
VAL CG1  C  N N 413 
VAL CG2  C  N N 414 
VAL OXT  O  N N 415 
VAL H    H  N N 416 
VAL H2   H  N N 417 
VAL HA   H  N N 418 
VAL HB   H  N N 419 
VAL HG11 H  N N 420 
VAL HG12 H  N N 421 
VAL HG13 H  N N 422 
VAL HG21 H  N N 423 
VAL HG22 H  N N 424 
VAL HG23 H  N N 425 
VAL HXT  H  N N 426 
# 
loop_
_chem_comp_bond.comp_id 
_chem_comp_bond.atom_id_1 
_chem_comp_bond.atom_id_2 
_chem_comp_bond.value_order 
_chem_comp_bond.pdbx_aromatic_flag 
_chem_comp_bond.pdbx_stereo_config 
_chem_comp_bond.pdbx_ordinal 
ALA N   CA   sing N N 1   
ALA N   H    sing N N 2   
ALA N   H2   sing N N 3   
ALA CA  C    sing N N 4   
ALA CA  CB   sing N N 5   
ALA CA  HA   sing N N 6   
ALA C   O    doub N N 7   
ALA C   OXT  sing N N 8   
ALA CB  HB1  sing N N 9   
ALA CB  HB2  sing N N 10  
ALA CB  HB3  sing N N 11  
ALA OXT HXT  sing N N 12  
ARG N   CA   sing N N 13  
ARG N   H    sing N N 14  
ARG N   H2   sing N N 15  
ARG CA  C    sing N N 16  
ARG CA  CB   sing N N 17  
ARG CA  HA   sing N N 18  
ARG C   O    doub N N 19  
ARG C   OXT  sing N N 20  
ARG CB  CG   sing N N 21  
ARG CB  HB2  sing N N 22  
ARG CB  HB3  sing N N 23  
ARG CG  CD   sing N N 24  
ARG CG  HG2  sing N N 25  
ARG CG  HG3  sing N N 26  
ARG CD  NE   sing N N 27  
ARG CD  HD2  sing N N 28  
ARG CD  HD3  sing N N 29  
ARG NE  CZ   sing N N 30  
ARG NE  HE   sing N N 31  
ARG CZ  NH1  sing N N 32  
ARG CZ  NH2  doub N N 33  
ARG NH1 HH11 sing N N 34  
ARG NH1 HH12 sing N N 35  
ARG NH2 HH21 sing N N 36  
ARG NH2 HH22 sing N N 37  
ARG OXT HXT  sing N N 38  
ASN N   CA   sing N N 39  
ASN N   H    sing N N 40  
ASN N   H2   sing N N 41  
ASN CA  C    sing N N 42  
ASN CA  CB   sing N N 43  
ASN CA  HA   sing N N 44  
ASN C   O    doub N N 45  
ASN C   OXT  sing N N 46  
ASN CB  CG   sing N N 47  
ASN CB  HB2  sing N N 48  
ASN CB  HB3  sing N N 49  
ASN CG  OD1  doub N N 50  
ASN CG  ND2  sing N N 51  
ASN ND2 HD21 sing N N 52  
ASN ND2 HD22 sing N N 53  
ASN OXT HXT  sing N N 54  
ASP N   CA   sing N N 55  
ASP N   H    sing N N 56  
ASP N   H2   sing N N 57  
ASP CA  C    sing N N 58  
ASP CA  CB   sing N N 59  
ASP CA  HA   sing N N 60  
ASP C   O    doub N N 61  
ASP C   OXT  sing N N 62  
ASP CB  CG   sing N N 63  
ASP CB  HB2  sing N N 64  
ASP CB  HB3  sing N N 65  
ASP CG  OD1  doub N N 66  
ASP CG  OD2  sing N N 67  
ASP OD2 HD2  sing N N 68  
ASP OXT HXT  sing N N 69  
GLN N   CA   sing N N 70  
GLN N   H    sing N N 71  
GLN N   H2   sing N N 72  
GLN CA  C    sing N N 73  
GLN CA  CB   sing N N 74  
GLN CA  HA   sing N N 75  
GLN C   O    doub N N 76  
GLN C   OXT  sing N N 77  
GLN CB  CG   sing N N 78  
GLN CB  HB2  sing N N 79  
GLN CB  HB3  sing N N 80  
GLN CG  CD   sing N N 81  
GLN CG  HG2  sing N N 82  
GLN CG  HG3  sing N N 83  
GLN CD  OE1  doub N N 84  
GLN CD  NE2  sing N N 85  
GLN NE2 HE21 sing N N 86  
GLN NE2 HE22 sing N N 87  
GLN OXT HXT  sing N N 88  
GLU N   CA   sing N N 89  
GLU N   H    sing N N 90  
GLU N   H2   sing N N 91  
GLU CA  C    sing N N 92  
GLU CA  CB   sing N N 93  
GLU CA  HA   sing N N 94  
GLU C   O    doub N N 95  
GLU C   OXT  sing N N 96  
GLU CB  CG   sing N N 97  
GLU CB  HB2  sing N N 98  
GLU CB  HB3  sing N N 99  
GLU CG  CD   sing N N 100 
GLU CG  HG2  sing N N 101 
GLU CG  HG3  sing N N 102 
GLU CD  OE1  doub N N 103 
GLU CD  OE2  sing N N 104 
GLU OE2 HE2  sing N N 105 
GLU OXT HXT  sing N N 106 
GLY N   CA   sing N N 107 
GLY N   H    sing N N 108 
GLY N   H2   sing N N 109 
GLY CA  C    sing N N 110 
GLY CA  HA2  sing N N 111 
GLY CA  HA3  sing N N 112 
GLY C   O    doub N N 113 
GLY C   OXT  sing N N 114 
GLY OXT HXT  sing N N 115 
HEM CHA C1A  sing N N 116 
HEM CHA C4D  doub N N 117 
HEM CHA HHA  sing N N 118 
HEM CHB C4A  sing N N 119 
HEM CHB C1B  doub N N 120 
HEM CHB HHB  sing N N 121 
HEM CHC C4B  sing N N 122 
HEM CHC C1C  doub N N 123 
HEM CHC HHC  sing N N 124 
HEM CHD C4C  doub N N 125 
HEM CHD C1D  sing N N 126 
HEM CHD HHD  sing N N 127 
HEM C1A C2A  doub Y N 128 
HEM C1A NA   sing Y N 129 
HEM C2A C3A  sing Y N 130 
HEM C2A CAA  sing N N 131 
HEM C3A C4A  doub Y N 132 
HEM C3A CMA  sing N N 133 
HEM C4A NA   sing Y N 134 
HEM CMA HMA  sing N N 135 
HEM CMA HMAA sing N N 136 
HEM CMA HMAB sing N N 137 
HEM CAA CBA  sing N N 138 
HEM CAA HAA  sing N N 139 
HEM CAA HAAA sing N N 140 
HEM CBA CGA  sing N N 141 
HEM CBA HBA  sing N N 142 
HEM CBA HBAA sing N N 143 
HEM CGA O1A  doub N N 144 
HEM CGA O2A  sing N N 145 
HEM C1B C2B  sing N N 146 
HEM C1B NB   sing N N 147 
HEM C2B C3B  doub N N 148 
HEM C2B CMB  sing N N 149 
HEM C3B C4B  sing N N 150 
HEM C3B CAB  sing N N 151 
HEM C4B NB   doub N N 152 
HEM CMB HMB  sing N N 153 
HEM CMB HMBA sing N N 154 
HEM CMB HMBB sing N N 155 
HEM CAB CBB  doub N N 156 
HEM CAB HAB  sing N N 157 
HEM CBB HBB  sing N N 158 
HEM CBB HBBA sing N N 159 
HEM C1C C2C  sing Y N 160 
HEM C1C NC   sing Y N 161 
HEM C2C C3C  doub Y N 162 
HEM C2C CMC  sing N N 163 
HEM C3C C4C  sing Y N 164 
HEM C3C CAC  sing N N 165 
HEM C4C NC   sing Y N 166 
HEM CMC HMC  sing N N 167 
HEM CMC HMCA sing N N 168 
HEM CMC HMCB sing N N 169 
HEM CAC CBC  doub N N 170 
HEM CAC HAC  sing N N 171 
HEM CBC HBC  sing N N 172 
HEM CBC HBCA sing N N 173 
HEM C1D C2D  sing N N 174 
HEM C1D ND   doub N N 175 
HEM C2D C3D  doub N N 176 
HEM C2D CMD  sing N N 177 
HEM C3D C4D  sing N N 178 
HEM C3D CAD  sing N N 179 
HEM C4D ND   sing N N 180 
HEM CMD HMD  sing N N 181 
HEM CMD HMDA sing N N 182 
HEM CMD HMDB sing N N 183 
HEM CAD CBD  sing N N 184 
HEM CAD HAD  sing N N 185 
HEM CAD HADA sing N N 186 
HEM CBD CGD  sing N N 187 
HEM CBD HBD  sing N N 188 
HEM CBD HBDA sing N N 189 
HEM CGD O1D  doub N N 190 
HEM CGD O2D  sing N N 191 
HEM O2A H2A  sing N N 192 
HEM O2D H2D  sing N N 193 
HEM FE  NA   sing N N 194 
HEM FE  NB   sing N N 195 
HEM FE  NC   sing N N 196 
HEM FE  ND   sing N N 197 
HIS N   CA   sing N N 198 
HIS N   H    sing N N 199 
HIS N   H2   sing N N 200 
HIS CA  C    sing N N 201 
HIS CA  CB   sing N N 202 
HIS CA  HA   sing N N 203 
HIS C   O    doub N N 204 
HIS C   OXT  sing N N 205 
HIS CB  CG   sing N N 206 
HIS CB  HB2  sing N N 207 
HIS CB  HB3  sing N N 208 
HIS CG  ND1  sing Y N 209 
HIS CG  CD2  doub Y N 210 
HIS ND1 CE1  doub Y N 211 
HIS ND1 HD1  sing N N 212 
HIS CD2 NE2  sing Y N 213 
HIS CD2 HD2  sing N N 214 
HIS CE1 NE2  sing Y N 215 
HIS CE1 HE1  sing N N 216 
HIS NE2 HE2  sing N N 217 
HIS OXT HXT  sing N N 218 
HOH O   H1   sing N N 219 
HOH O   H2   sing N N 220 
ILE N   CA   sing N N 221 
ILE N   H    sing N N 222 
ILE N   H2   sing N N 223 
ILE CA  C    sing N N 224 
ILE CA  CB   sing N N 225 
ILE CA  HA   sing N N 226 
ILE C   O    doub N N 227 
ILE C   OXT  sing N N 228 
ILE CB  CG1  sing N N 229 
ILE CB  CG2  sing N N 230 
ILE CB  HB   sing N N 231 
ILE CG1 CD1  sing N N 232 
ILE CG1 HG12 sing N N 233 
ILE CG1 HG13 sing N N 234 
ILE CG2 HG21 sing N N 235 
ILE CG2 HG22 sing N N 236 
ILE CG2 HG23 sing N N 237 
ILE CD1 HD11 sing N N 238 
ILE CD1 HD12 sing N N 239 
ILE CD1 HD13 sing N N 240 
ILE OXT HXT  sing N N 241 
LEU N   CA   sing N N 242 
LEU N   H    sing N N 243 
LEU N   H2   sing N N 244 
LEU CA  C    sing N N 245 
LEU CA  CB   sing N N 246 
LEU CA  HA   sing N N 247 
LEU C   O    doub N N 248 
LEU C   OXT  sing N N 249 
LEU CB  CG   sing N N 250 
LEU CB  HB2  sing N N 251 
LEU CB  HB3  sing N N 252 
LEU CG  CD1  sing N N 253 
LEU CG  CD2  sing N N 254 
LEU CG  HG   sing N N 255 
LEU CD1 HD11 sing N N 256 
LEU CD1 HD12 sing N N 257 
LEU CD1 HD13 sing N N 258 
LEU CD2 HD21 sing N N 259 
LEU CD2 HD22 sing N N 260 
LEU CD2 HD23 sing N N 261 
LEU OXT HXT  sing N N 262 
LYS N   CA   sing N N 263 
LYS N   H    sing N N 264 
LYS N   H2   sing N N 265 
LYS CA  C    sing N N 266 
LYS CA  CB   sing N N 267 
LYS CA  HA   sing N N 268 
LYS C   O    doub N N 269 
LYS C   OXT  sing N N 270 
LYS CB  CG   sing N N 271 
LYS CB  HB2  sing N N 272 
LYS CB  HB3  sing N N 273 
LYS CG  CD   sing N N 274 
LYS CG  HG2  sing N N 275 
LYS CG  HG3  sing N N 276 
LYS CD  CE   sing N N 277 
LYS CD  HD2  sing N N 278 
LYS CD  HD3  sing N N 279 
LYS CE  NZ   sing N N 280 
LYS CE  HE2  sing N N 281 
LYS CE  HE3  sing N N 282 
LYS NZ  HZ1  sing N N 283 
LYS NZ  HZ2  sing N N 284 
LYS NZ  HZ3  sing N N 285 
LYS OXT HXT  sing N N 286 
MET N   CA   sing N N 287 
MET N   H    sing N N 288 
MET N   H2   sing N N 289 
MET CA  C    sing N N 290 
MET CA  CB   sing N N 291 
MET CA  HA   sing N N 292 
MET C   O    doub N N 293 
MET C   OXT  sing N N 294 
MET CB  CG   sing N N 295 
MET CB  HB2  sing N N 296 
MET CB  HB3  sing N N 297 
MET CG  SD   sing N N 298 
MET CG  HG2  sing N N 299 
MET CG  HG3  sing N N 300 
MET SD  CE   sing N N 301 
MET CE  HE1  sing N N 302 
MET CE  HE2  sing N N 303 
MET CE  HE3  sing N N 304 
MET OXT HXT  sing N N 305 
OXY O1  O2   doub N N 306 
PHE N   CA   sing N N 307 
PHE N   H    sing N N 308 
PHE N   H2   sing N N 309 
PHE CA  C    sing N N 310 
PHE CA  CB   sing N N 311 
PHE CA  HA   sing N N 312 
PHE C   O    doub N N 313 
PHE C   OXT  sing N N 314 
PHE CB  CG   sing N N 315 
PHE CB  HB2  sing N N 316 
PHE CB  HB3  sing N N 317 
PHE CG  CD1  doub Y N 318 
PHE CG  CD2  sing Y N 319 
PHE CD1 CE1  sing Y N 320 
PHE CD1 HD1  sing N N 321 
PHE CD2 CE2  doub Y N 322 
PHE CD2 HD2  sing N N 323 
PHE CE1 CZ   doub Y N 324 
PHE CE1 HE1  sing N N 325 
PHE CE2 CZ   sing Y N 326 
PHE CE2 HE2  sing N N 327 
PHE CZ  HZ   sing N N 328 
PHE OXT HXT  sing N N 329 
PRO N   CA   sing N N 330 
PRO N   CD   sing N N 331 
PRO N   H    sing N N 332 
PRO CA  C    sing N N 333 
PRO CA  CB   sing N N 334 
PRO CA  HA   sing N N 335 
PRO C   O    doub N N 336 
PRO C   OXT  sing N N 337 
PRO CB  CG   sing N N 338 
PRO CB  HB2  sing N N 339 
PRO CB  HB3  sing N N 340 
PRO CG  CD   sing N N 341 
PRO CG  HG2  sing N N 342 
PRO CG  HG3  sing N N 343 
PRO CD  HD2  sing N N 344 
PRO CD  HD3  sing N N 345 
PRO OXT HXT  sing N N 346 
SER N   CA   sing N N 347 
SER N   H    sing N N 348 
SER N   H2   sing N N 349 
SER CA  C    sing N N 350 
SER CA  CB   sing N N 351 
SER CA  HA   sing N N 352 
SER C   O    doub N N 353 
SER C   OXT  sing N N 354 
SER CB  OG   sing N N 355 
SER CB  HB2  sing N N 356 
SER CB  HB3  sing N N 357 
SER OG  HG   sing N N 358 
SER OXT HXT  sing N N 359 
THR N   CA   sing N N 360 
THR N   H    sing N N 361 
THR N   H2   sing N N 362 
THR CA  C    sing N N 363 
THR CA  CB   sing N N 364 
THR CA  HA   sing N N 365 
THR C   O    doub N N 366 
THR C   OXT  sing N N 367 
THR CB  OG1  sing N N 368 
THR CB  CG2  sing N N 369 
THR CB  HB   sing N N 370 
THR OG1 HG1  sing N N 371 
THR CG2 HG21 sing N N 372 
THR CG2 HG22 sing N N 373 
THR CG2 HG23 sing N N 374 
THR OXT HXT  sing N N 375 
TYR N   CA   sing N N 376 
TYR N   H    sing N N 377 
TYR N   H2   sing N N 378 
TYR CA  C    sing N N 379 
TYR CA  CB   sing N N 380 
TYR CA  HA   sing N N 381 
TYR C   O    doub N N 382 
TYR C   OXT  sing N N 383 
TYR CB  CG   sing N N 384 
TYR CB  HB2  sing N N 385 
TYR CB  HB3  sing N N 386 
TYR CG  CD1  doub Y N 387 
TYR CG  CD2  sing Y N 388 
TYR CD1 CE1  sing Y N 389 
TYR CD1 HD1  sing N N 390 
TYR CD2 CE2  doub Y N 391 
TYR CD2 HD2  sing N N 392 
TYR CE1 CZ   doub Y N 393 
TYR CE1 HE1  sing N N 394 
TYR CE2 CZ   sing Y N 395 
TYR CE2 HE2  sing N N 396 
TYR CZ  OH   sing N N 397 
TYR OH  HH   sing N N 398 
TYR OXT HXT  sing N N 399 
VAL N   CA   sing N N 400 
VAL N   H    sing N N 401 
VAL N   H2   sing N N 402 
VAL CA  C    sing N N 403 
VAL CA  CB   sing N N 404 
VAL CA  HA   sing N N 405 
VAL C   O    doub N N 406 
VAL C   OXT  sing N N 407 
VAL CB  CG1  sing N N 408 
VAL CB  CG2  sing N N 409 
VAL CB  HB   sing N N 410 
VAL CG1 HG11 sing N N 411 
VAL CG1 HG12 sing N N 412 
VAL CG1 HG13 sing N N 413 
VAL CG2 HG21 sing N N 414 
VAL CG2 HG22 sing N N 415 
VAL CG2 HG23 sing N N 416 
VAL OXT HXT  sing N N 417 
# 
loop_
_pdbx_entity_nonpoly.entity_id 
_pdbx_entity_nonpoly.name 
_pdbx_entity_nonpoly.comp_id 
2 'PROTOPORPHYRIN IX CONTAINING FE' HEM 
3 'OXYGEN MOLECULE'                 OXY 
4 water                             HOH 
# 
_pdbx_initial_refinement_model.id               1 
_pdbx_initial_refinement_model.entity_id_list   ? 
_pdbx_initial_refinement_model.type             'experimental model' 
_pdbx_initial_refinement_model.source_name      PDB 
_pdbx_initial_refinement_model.accession_code   1H97 
_pdbx_initial_refinement_model.details          'PDB ENTRY 1H97' 
# 
